data_3W7S
#
_entry.id   3W7S
#
_cell.length_a   61.640
_cell.length_b   138.680
_cell.length_c   87.060
_cell.angle_alpha   90.00
_cell.angle_beta   96.82
_cell.angle_gamma   90.00
#
_symmetry.space_group_name_H-M   'P 1 21 1'
#
loop_
_entity.id
_entity.type
_entity.pdbx_description
1 polymer 'Uncharacterized protein YgjK'
2 non-polymer 'CALCIUM ION'
3 non-polymer alpha-D-glucopyranose
4 water water
#
_entity_poly.entity_id   1
_entity_poly.type   'polypeptide(L)'
_entity_poly.pdbx_seq_one_letter_code
;NADNYKNVINRTGAPQYMKDYDYDDHQRFNPFFDLGAWHGHLLPDGPNTMGGFPGVALLTEEYINFMASNFDRLTVWQDG
KKVDFTLEAYSIPGALVQKLTAKDVQVEMTLRFATPRTSLLETKITSNKPLDLVWDGELLEKLEAKEGKPLSDKTIAGEY
PDYQRKISATRDGLKVTFGKVRATWDLLTSGESEYQVHKSLPVQTEINGNRFTSKAHINGSTTLYTTYSHLLTAQEVSKE
QMQIRDILARPAFYLTASQQRWEEYLKKGLTNPDATPEQTRVAVKAIETLNGNWRSPGGAVKFNTVTPSVTGRWFSGNQT
WPWDTWKQAFAMAHFNPDIAKENIRAVFSWQIQPGDSVRPQDVGFVPDLIAWNLSPERGGDGGNWNERNTKPSLAAWSVM
EVYNVTQDKTWVAEMYPKLVAYHDWWLRNRDHNGNGVPEYGATRDKAHNTESGEMLFTVKKGDKEETQSGLNNYARVVEK
GQYDSLEIPAQVAASWESGRDDAAVFGFIDKEQLDKYVANGGKRSDWTVKFAENRSQDGTLLGYSLLQESVDQASYMYSD
NHYLAEMATILGKPEEAKRYRQLAQQLADYINTCMFDPTTQFYYDVRIEDKPLANGCAGKPIVERGKGPEGWSPLFNGAA
TQANADAVVKVMLDPKEFNTFVPLGTAALTNPAFGADIYWRGRVWVDQFWFGLKGMERYGYRDDALKLADTFFRHAKGLT
ADGPIQENYNPLTGAQQGAPNFSWSAAHLYMLYNDFFRKQ
;
_entity_poly.pdbx_strand_id   A,B
#
# COMPACT_ATOMS: atom_id res chain seq x y z
N ASN A 1 51.61 18.46 3.37
N ASN A 1 50.05 20.04 1.58
CA ASN A 1 50.41 19.23 2.91
CA ASN A 1 50.35 19.08 2.68
C ASN A 1 49.14 18.80 3.67
C ASN A 1 49.14 18.79 3.57
N ALA A 2 48.94 17.50 3.85
CA ALA A 2 47.74 16.99 4.52
C ALA A 2 47.52 17.58 5.92
N ASP A 3 48.61 17.88 6.62
CA ASP A 3 48.52 18.48 7.97
C ASP A 3 47.92 19.88 7.99
N ASN A 4 47.85 20.54 6.85
CA ASN A 4 47.15 21.83 6.79
C ASN A 4 45.64 21.71 6.85
N TYR A 5 45.13 20.48 6.84
CA TYR A 5 43.68 20.27 6.74
C TYR A 5 43.21 19.33 7.82
N LYS A 6 43.24 19.79 9.08
CA LYS A 6 42.79 19.00 10.22
C LYS A 6 41.27 19.12 10.42
N ASN A 7 40.61 17.99 10.64
CA ASN A 7 39.19 17.95 10.96
C ASN A 7 38.30 18.69 9.98
N VAL A 8 38.56 18.49 8.70
CA VAL A 8 37.74 19.09 7.65
C VAL A 8 36.27 18.62 7.80
N ILE A 9 36.10 17.35 8.16
CA ILE A 9 34.81 16.81 8.52
C ILE A 9 34.95 16.28 9.94
N ASN A 10 33.96 16.54 10.78
CA ASN A 10 33.88 15.98 12.11
C ASN A 10 33.76 14.46 12.05
N ARG A 11 34.86 13.78 12.42
CA ARG A 11 34.93 12.33 12.44
C ARG A 11 34.95 11.76 13.86
N THR A 12 34.48 12.52 14.84
CA THR A 12 34.41 12.03 16.21
C THR A 12 33.09 11.31 16.41
N GLY A 13 33.06 10.37 17.34
CA GLY A 13 31.78 9.78 17.72
C GLY A 13 31.95 8.54 18.53
N ALA A 14 30.89 8.17 19.25
CA ALA A 14 30.87 6.94 20.01
C ALA A 14 29.51 6.28 19.83
N PRO A 15 29.31 5.59 18.70
CA PRO A 15 27.99 5.04 18.46
C PRO A 15 27.56 4.04 19.52
N GLN A 16 26.26 4.03 19.80
CA GLN A 16 25.69 3.12 20.78
C GLN A 16 24.70 2.12 20.20
N TYR A 17 24.48 2.17 18.88
CA TYR A 17 23.51 1.33 18.22
C TYR A 17 24.13 0.85 16.92
N MET A 18 23.75 -0.34 16.44
CA MET A 18 24.20 -0.80 15.12
C MET A 18 23.74 0.15 14.03
N LYS A 19 22.49 0.60 14.15
CA LYS A 19 21.88 1.63 13.31
C LYS A 19 21.77 2.88 14.15
N ASP A 20 22.81 3.71 14.14
CA ASP A 20 22.83 4.91 14.97
C ASP A 20 22.53 6.04 14.02
N TYR A 21 21.26 6.21 13.75
CA TYR A 21 20.83 6.97 12.59
C TYR A 21 20.51 8.44 12.87
N ASP A 22 20.64 9.25 11.82
CA ASP A 22 20.09 10.60 11.80
C ASP A 22 18.57 10.55 11.46
N TYR A 23 17.93 11.70 11.31
CA TYR A 23 16.47 11.74 11.11
C TYR A 23 15.99 11.09 9.80
N ASP A 24 16.91 10.93 8.84
CA ASP A 24 16.63 10.26 7.58
C ASP A 24 17.27 8.86 7.44
N ASP A 25 17.62 8.21 8.55
CA ASP A 25 18.09 6.81 8.58
C ASP A 25 19.53 6.60 8.08
N HIS A 26 20.33 7.66 8.02
CA HIS A 26 21.73 7.55 7.60
C HIS A 26 22.55 7.48 8.87
N GLN A 27 23.68 6.77 8.84
CA GLN A 27 24.56 6.75 10.02
C GLN A 27 24.99 8.18 10.35
N ARG A 28 24.87 8.58 11.62
CA ARG A 28 25.03 9.99 12.03
C ARG A 28 26.44 10.37 12.45
N PHE A 29 27.40 9.51 12.14
CA PHE A 29 28.81 9.79 12.32
C PHE A 29 29.51 9.56 10.99
N ASN A 30 30.73 10.06 10.87
CA ASN A 30 31.46 10.07 9.60
C ASN A 30 32.78 9.32 9.68
N PRO A 31 32.74 7.96 9.63
CA PRO A 31 33.97 7.24 9.80
C PRO A 31 34.92 7.42 8.62
N PHE A 32 36.19 7.22 8.91
CA PHE A 32 37.26 7.26 7.93
C PHE A 32 37.41 5.89 7.27
N PHE A 33 37.25 5.86 5.94
CA PHE A 33 37.50 4.70 5.09
C PHE A 33 38.56 5.11 4.07
N ASP A 34 39.43 4.19 3.66
CA ASP A 34 40.40 4.48 2.59
C ASP A 34 40.76 3.20 1.84
N LEU A 35 41.38 3.39 0.66
CA LEU A 35 41.87 2.29 -0.17
C LEU A 35 40.77 1.35 -0.67
N GLY A 36 39.51 1.80 -0.62
CA GLY A 36 38.39 0.97 -1.01
C GLY A 36 38.03 -0.09 0.01
N ALA A 37 38.48 0.08 1.24
CA ALA A 37 38.26 -0.91 2.29
C ALA A 37 36.80 -0.97 2.71
N TRP A 38 36.47 -2.03 3.45
CA TRP A 38 35.11 -2.37 3.82
C TRP A 38 34.86 -2.26 5.33
N HIS A 39 35.68 -1.43 5.99
CA HIS A 39 35.48 -1.03 7.36
C HIS A 39 36.05 0.37 7.55
N GLY A 40 35.56 1.05 8.57
CA GLY A 40 35.96 2.43 8.84
C GLY A 40 36.01 2.72 10.33
N HIS A 41 36.64 3.83 10.67
CA HIS A 41 36.95 4.19 12.06
C HIS A 41 36.58 5.62 12.40
N LEU A 42 36.27 5.86 13.67
CA LEU A 42 36.00 7.20 14.15
C LEU A 42 37.08 7.65 15.12
N LEU A 43 37.14 8.95 15.36
CA LEU A 43 38.00 9.55 16.38
C LEU A 43 37.35 9.51 17.75
N PRO A 44 38.16 9.41 18.79
CA PRO A 44 37.59 9.49 20.13
C PRO A 44 36.96 10.86 20.38
N ASP A 45 35.91 10.86 21.20
CA ASP A 45 35.13 12.08 21.49
C ASP A 45 35.42 12.68 22.86
N GLY A 46 36.45 12.18 23.55
CA GLY A 46 36.74 12.57 24.94
C GLY A 46 37.10 11.36 25.80
N PRO A 47 37.15 11.55 27.13
CA PRO A 47 37.61 10.54 28.10
C PRO A 47 37.04 9.13 27.97
N ASN A 48 35.76 9.00 27.63
CA ASN A 48 35.11 7.69 27.49
C ASN A 48 35.71 6.82 26.37
N THR A 49 36.28 7.45 25.35
CA THR A 49 36.78 6.72 24.19
C THR A 49 38.26 6.94 23.89
N MET A 50 38.87 7.91 24.59
CA MET A 50 40.28 8.18 24.49
C MET A 50 41.09 6.88 24.61
N GLY A 51 42.09 6.70 23.75
CA GLY A 51 42.93 5.53 23.78
C GLY A 51 42.57 4.52 22.70
N GLY A 52 41.51 4.81 21.96
CA GLY A 52 41.07 3.93 20.87
C GLY A 52 40.39 4.78 19.84
N PHE A 53 40.15 4.18 18.68
CA PHE A 53 39.39 4.83 17.62
C PHE A 53 38.05 4.14 17.59
N PRO A 54 37.02 4.77 18.18
CA PRO A 54 35.81 4.00 18.40
C PRO A 54 34.95 3.84 17.15
N GLY A 55 33.86 3.10 17.28
CA GLY A 55 32.87 3.01 16.20
C GLY A 55 33.41 2.29 14.98
N VAL A 56 33.79 1.04 15.17
CA VAL A 56 34.12 0.19 14.05
C VAL A 56 32.88 0.07 13.14
N ALA A 57 32.98 0.60 11.93
CA ALA A 57 31.89 0.55 10.96
C ALA A 57 32.17 -0.56 9.97
N LEU A 58 31.26 -1.53 9.88
CA LEU A 58 31.39 -2.62 8.94
C LEU A 58 30.48 -2.41 7.75
N LEU A 59 31.06 -2.51 6.56
CA LEU A 59 30.27 -2.51 5.34
C LEU A 59 29.88 -3.95 5.04
N THR A 60 28.69 -4.33 5.49
CA THR A 60 28.20 -5.69 5.31
C THR A 60 27.53 -5.84 3.93
N GLU A 61 28.38 -5.95 2.91
CA GLU A 61 28.02 -6.17 1.49
C GLU A 61 27.31 -4.97 0.83
N GLU A 62 26.20 -4.53 1.43
CA GLU A 62 25.38 -3.48 0.83
C GLU A 62 24.91 -2.41 1.83
N TYR A 63 25.31 -2.53 3.10
CA TYR A 63 24.87 -1.63 4.19
C TYR A 63 26.01 -1.31 5.13
N ILE A 64 25.90 -0.17 5.83
CA ILE A 64 26.85 0.19 6.88
C ILE A 64 26.20 -0.06 8.24
N ASN A 65 26.91 -0.82 9.08
CA ASN A 65 26.45 -1.20 10.40
C ASN A 65 27.62 -1.11 11.37
N PHE A 66 27.40 -0.44 12.50
CA PHE A 66 28.41 -0.36 13.53
C PHE A 66 28.54 -1.67 14.29
N MET A 67 29.77 -2.01 14.66
CA MET A 67 30.05 -3.27 15.38
C MET A 67 30.23 -3.06 16.87
N ALA A 68 30.85 -1.93 17.21
CA ALA A 68 31.32 -1.66 18.57
C ALA A 68 31.49 -0.16 18.75
N SER A 69 31.38 0.32 19.98
CA SER A 69 31.86 1.68 20.31
C SER A 69 33.35 1.59 20.65
N ASN A 70 33.73 1.22 21.87
CA ASN A 70 35.14 0.94 22.18
C ASN A 70 35.50 -0.43 21.68
N PHE A 71 36.61 -0.52 20.93
CA PHE A 71 37.12 -1.81 20.49
C PHE A 71 38.62 -1.70 20.25
N ASP A 72 39.39 -2.37 21.11
CA ASP A 72 40.84 -2.31 21.15
C ASP A 72 41.34 -0.97 21.68
N ARG A 73 40.63 -0.46 22.69
CA ARG A 73 40.98 0.78 23.35
C ARG A 73 42.04 0.55 24.42
N LEU A 74 43.10 1.37 24.36
CA LEU A 74 44.24 1.27 25.25
C LEU A 74 44.08 2.12 26.50
N THR A 75 44.29 1.50 27.65
CA THR A 75 44.61 2.24 28.87
C THR A 75 45.96 1.76 29.37
N VAL A 76 46.64 2.66 30.07
CA VAL A 76 48.00 2.42 30.53
C VAL A 76 48.00 2.50 32.04
N TRP A 77 48.71 1.55 32.67
CA TRP A 77 48.73 1.37 34.11
C TRP A 77 50.17 1.36 34.59
N GLN A 78 50.36 1.95 35.76
CA GLN A 78 51.65 2.12 36.41
C GLN A 78 51.44 1.73 37.89
N ASP A 79 52.00 0.58 38.28
CA ASP A 79 51.89 0.09 39.65
C ASP A 79 50.44 0.03 40.15
N GLY A 80 49.54 -0.39 39.26
CA GLY A 80 48.14 -0.56 39.60
C GLY A 80 47.26 0.68 39.48
N LYS A 81 47.87 1.82 39.17
CA LYS A 81 47.12 3.08 39.06
C LYS A 81 47.06 3.45 37.58
N LYS A 82 45.87 3.80 37.10
CA LYS A 82 45.68 4.18 35.72
C LYS A 82 46.39 5.50 35.45
N VAL A 83 47.11 5.58 34.34
CA VAL A 83 47.79 6.81 33.95
C VAL A 83 46.72 7.77 33.41
N ASP A 84 46.76 9.02 33.86
CA ASP A 84 45.74 10.02 33.52
C ASP A 84 46.26 10.86 32.38
N PHE A 85 45.67 10.71 31.20
CA PHE A 85 46.11 11.43 29.99
C PHE A 85 45.17 12.56 29.61
N THR A 86 45.72 13.59 28.97
CA THR A 86 44.91 14.55 28.24
C THR A 86 44.93 14.12 26.76
N LEU A 87 43.92 14.56 26.01
CA LEU A 87 43.69 14.05 24.66
C LEU A 87 43.82 15.13 23.61
N GLU A 88 44.52 14.80 22.54
CA GLU A 88 44.48 15.57 21.30
C GLU A 88 44.12 14.56 20.22
N ALA A 89 43.11 14.84 19.41
CA ALA A 89 42.73 13.92 18.34
C ALA A 89 42.24 14.68 17.14
N TYR A 90 42.67 14.27 15.95
CA TYR A 90 42.25 14.94 14.73
C TYR A 90 42.34 14.03 13.53
N SER A 91 41.55 14.37 12.51
CA SER A 91 41.64 13.76 11.20
C SER A 91 42.51 14.63 10.32
N ILE A 92 43.20 13.99 9.36
CA ILE A 92 43.74 14.69 8.21
C ILE A 92 43.32 13.89 6.97
N PRO A 93 43.50 14.45 5.77
CA PRO A 93 43.20 13.66 4.59
C PRO A 93 44.08 12.41 4.61
N GLY A 94 43.45 11.22 4.70
CA GLY A 94 44.19 9.97 4.71
C GLY A 94 44.60 9.38 6.05
N ALA A 95 44.30 10.04 7.17
CA ALA A 95 44.70 9.49 8.48
C ALA A 95 43.89 10.02 9.66
N LEU A 96 43.84 9.20 10.71
CA LEU A 96 43.37 9.64 12.02
C LEU A 96 44.55 9.60 12.99
N VAL A 97 44.62 10.61 13.86
CA VAL A 97 45.70 10.75 14.81
C VAL A 97 45.14 11.03 16.19
N GLN A 98 45.71 10.39 17.21
CA GLN A 98 45.43 10.82 18.57
C GLN A 98 46.68 10.74 19.41
N LYS A 99 46.83 11.72 20.30
CA LYS A 99 48.00 11.80 21.15
C LYS A 99 47.49 11.90 22.59
N LEU A 100 48.02 11.04 23.45
CA LEU A 100 47.70 11.06 24.86
C LEU A 100 48.94 11.54 25.61
N THR A 101 48.77 12.53 26.49
CA THR A 101 49.90 13.13 27.17
C THR A 101 49.74 13.07 28.69
N ALA A 102 50.75 12.49 29.34
CA ALA A 102 50.96 12.66 30.76
C ALA A 102 52.43 13.07 30.97
N LYS A 103 52.76 13.45 32.21
CA LYS A 103 54.09 13.94 32.52
C LYS A 103 55.19 12.98 32.11
N ASP A 104 55.07 11.72 32.52
CA ASP A 104 56.14 10.75 32.33
C ASP A 104 55.81 9.68 31.31
N VAL A 105 54.59 9.70 30.76
CA VAL A 105 54.19 8.78 29.69
C VAL A 105 53.46 9.54 28.59
N GLN A 106 53.81 9.27 27.33
CA GLN A 106 53.07 9.81 26.17
C GLN A 106 52.77 8.71 25.16
N VAL A 107 51.62 8.79 24.49
CA VAL A 107 51.27 7.82 23.46
C VAL A 107 50.87 8.61 22.22
N GLU A 108 51.43 8.24 21.08
CA GLU A 108 51.02 8.82 19.80
C GLU A 108 50.53 7.69 18.92
N MET A 109 49.30 7.84 18.42
CA MET A 109 48.65 6.84 17.61
C MET A 109 48.35 7.42 16.23
N THR A 110 48.72 6.68 15.19
CA THR A 110 48.40 7.04 13.82
C THR A 110 47.71 5.86 13.15
N LEU A 111 46.55 6.12 12.56
CA LEU A 111 45.79 5.08 11.87
C LEU A 111 45.66 5.45 10.39
N ARG A 112 46.19 4.60 9.52
CA ARG A 112 46.05 4.74 8.06
C ARG A 112 45.61 3.40 7.47
N PHE A 113 45.12 3.41 6.22
CA PHE A 113 44.80 2.16 5.57
C PHE A 113 46.01 1.57 4.86
N ALA A 114 46.08 0.23 4.88
CA ALA A 114 47.22 -0.51 4.33
C ALA A 114 46.87 -1.33 3.07
N THR A 115 45.68 -1.94 3.05
CA THR A 115 45.20 -2.71 1.92
C THR A 115 43.71 -2.45 1.74
N PRO A 116 43.09 -3.00 0.68
CA PRO A 116 41.64 -2.87 0.55
C PRO A 116 40.82 -3.61 1.58
N ARG A 117 41.45 -4.30 2.53
CA ARG A 117 40.71 -4.91 3.63
C ARG A 117 41.24 -4.61 5.03
N THR A 118 42.30 -3.81 5.14
CA THR A 118 43.09 -3.72 6.37
C THR A 118 43.58 -2.30 6.65
N SER A 119 43.33 -1.84 7.87
CA SER A 119 43.94 -0.64 8.40
C SER A 119 45.05 -0.97 9.40
N LEU A 120 45.97 -0.03 9.53
CA LEU A 120 47.17 -0.16 10.34
C LEU A 120 47.27 0.95 11.34
N LEU A 121 47.49 0.56 12.59
CA LEU A 121 47.61 1.47 13.72
C LEU A 121 49.01 1.35 14.27
N GLU A 122 49.68 2.49 14.32
CA GLU A 122 50.95 2.66 15.01
C GLU A 122 50.68 3.22 16.39
N THR A 123 51.12 2.51 17.42
CA THR A 123 50.99 2.95 18.81
C THR A 123 52.40 3.15 19.37
N LYS A 124 52.83 4.41 19.45
CA LYS A 124 54.15 4.78 19.96
C LYS A 124 54.05 5.20 21.41
N ILE A 125 54.64 4.41 22.31
CA ILE A 125 54.58 4.70 23.73
C ILE A 125 55.95 5.15 24.22
N THR A 126 56.00 6.33 24.84
CA THR A 126 57.21 6.89 25.38
C THR A 126 57.05 6.87 26.90
N SER A 127 57.99 6.25 27.60
CA SER A 127 57.90 6.10 29.05
C SER A 127 59.28 5.87 29.68
N ASN A 128 59.49 6.51 30.81
CA ASN A 128 60.71 6.35 31.60
C ASN A 128 60.72 5.08 32.46
N LYS A 129 59.57 4.41 32.59
CA LYS A 129 59.45 3.24 33.44
C LYS A 129 58.58 2.16 32.79
N PRO A 130 58.66 0.92 33.31
CA PRO A 130 57.78 -0.13 32.80
C PRO A 130 56.32 0.24 32.97
N LEU A 131 55.47 -0.39 32.18
CA LEU A 131 54.04 -0.13 32.21
C LEU A 131 53.29 -1.40 31.92
N ASP A 132 52.06 -1.44 32.40
CA ASP A 132 51.12 -2.48 32.04
C ASP A 132 50.08 -1.90 31.10
N LEU A 133 49.95 -2.53 29.95
CA LEU A 133 49.02 -2.12 28.89
C LEU A 133 47.78 -3.02 28.94
N VAL A 134 46.62 -2.41 28.77
CA VAL A 134 45.36 -3.13 28.74
C VAL A 134 44.55 -2.61 27.55
N TRP A 135 44.13 -3.51 26.67
CA TRP A 135 43.21 -3.15 25.59
C TRP A 135 41.87 -3.82 25.84
N ASP A 136 40.80 -3.04 25.71
CA ASP A 136 39.47 -3.55 25.94
C ASP A 136 38.53 -3.25 24.75
N GLY A 137 37.44 -3.98 24.71
CA GLY A 137 36.38 -3.70 23.76
C GLY A 137 35.10 -4.48 24.04
N GLU A 138 34.04 -4.07 23.37
CA GLU A 138 32.73 -4.61 23.62
C GLU A 138 31.88 -4.43 22.37
N LEU A 139 31.21 -5.49 21.95
CA LEU A 139 30.31 -5.40 20.82
C LEU A 139 29.06 -4.61 21.27
N LEU A 140 28.45 -3.87 20.35
CA LEU A 140 27.18 -3.21 20.63
C LEU A 140 26.07 -4.23 20.93
N GLU A 141 25.09 -3.78 21.68
CA GLU A 141 23.90 -4.60 22.01
C GLU A 141 22.62 -4.06 21.38
N LYS A 142 22.47 -2.74 21.38
CA LYS A 142 21.22 -2.11 20.96
C LYS A 142 21.14 -1.93 19.43
N LEU A 143 19.94 -2.14 18.89
CA LEU A 143 19.74 -2.21 17.44
C LEU A 143 19.74 -0.85 16.75
N GLU A 144 18.83 0.03 17.15
CA GLU A 144 18.49 1.19 16.32
C GLU A 144 18.02 2.40 17.12
N ALA A 145 18.49 3.58 16.71
CA ALA A 145 18.07 4.85 17.27
C ALA A 145 18.02 5.88 16.16
N LYS A 146 17.23 6.92 16.42
CA LYS A 146 17.12 8.09 15.55
C LYS A 146 17.49 9.33 16.37
N GLU A 147 18.59 9.96 15.99
CA GLU A 147 19.19 11.08 16.72
C GLU A 147 19.21 10.84 18.23
N GLY A 148 19.72 9.67 18.61
CA GLY A 148 19.93 9.33 20.01
C GLY A 148 18.71 8.76 20.73
N LYS A 149 17.56 8.76 20.08
CA LYS A 149 16.34 8.23 20.69
C LYS A 149 16.05 6.83 20.12
N PRO A 150 16.11 5.79 20.98
CA PRO A 150 15.89 4.42 20.53
C PRO A 150 14.58 4.29 19.78
N LEU A 151 14.61 3.62 18.63
CA LEU A 151 13.39 3.39 17.84
C LEU A 151 12.60 2.20 18.41
N SER A 152 13.27 1.38 19.22
CA SER A 152 12.63 0.31 19.99
C SER A 152 13.63 -0.17 21.03
N ASP A 153 13.23 -1.15 21.84
CA ASP A 153 14.17 -1.82 22.75
C ASP A 153 14.79 -3.08 22.14
N LYS A 154 14.69 -3.23 20.82
CA LYS A 154 15.25 -4.40 20.15
C LYS A 154 16.75 -4.45 20.30
N THR A 155 17.28 -5.67 20.44
CA THR A 155 18.72 -5.88 20.44
C THR A 155 19.16 -6.44 19.09
N ILE A 156 20.45 -6.29 18.81
CA ILE A 156 21.03 -6.83 17.60
C ILE A 156 20.83 -8.35 17.55
N ALA A 157 21.15 -9.02 18.64
CA ALA A 157 21.03 -10.48 18.71
C ALA A 157 19.55 -10.94 18.59
N GLY A 158 18.64 -10.18 19.20
CA GLY A 158 17.21 -10.47 19.12
C GLY A 158 16.66 -10.35 17.70
N GLU A 159 17.02 -9.26 17.03
CA GLU A 159 16.62 -8.98 15.66
C GLU A 159 17.23 -9.93 14.63
N TYR A 160 18.50 -10.31 14.83
CA TYR A 160 19.21 -11.26 13.94
C TYR A 160 19.78 -12.44 14.73
N PRO A 161 18.94 -13.44 15.06
CA PRO A 161 19.36 -14.66 15.77
C PRO A 161 20.51 -15.43 15.13
N ASP A 162 20.67 -15.33 13.82
CA ASP A 162 21.77 -16.02 13.15
C ASP A 162 23.07 -15.24 13.05
N TYR A 163 23.06 -13.99 13.47
CA TYR A 163 24.27 -13.17 13.39
C TYR A 163 25.37 -13.76 14.29
N GLN A 164 24.99 -14.22 15.48
CA GLN A 164 25.86 -15.07 16.31
C GLN A 164 27.29 -14.54 16.42
N ARG A 165 27.42 -13.27 16.79
CA ARG A 165 28.72 -12.65 16.90
C ARG A 165 29.56 -13.34 17.98
N LYS A 166 30.80 -13.67 17.66
CA LYS A 166 31.64 -14.38 18.62
C LYS A 166 33.06 -13.82 18.59
N ILE A 167 33.56 -13.40 19.75
CA ILE A 167 34.97 -12.98 19.87
C ILE A 167 35.81 -14.16 20.33
N SER A 168 36.94 -14.39 19.68
CA SER A 168 37.86 -15.43 20.10
C SER A 168 39.27 -14.87 20.16
N ALA A 169 40.05 -15.34 21.13
CA ALA A 169 41.46 -15.05 21.18
C ALA A 169 42.20 -15.74 20.05
N THR A 170 43.25 -15.10 19.54
CA THR A 170 44.16 -15.74 18.61
C THR A 170 45.59 -15.55 19.12
N ARG A 171 46.54 -16.21 18.47
CA ARG A 171 47.93 -16.15 18.89
C ARG A 171 48.45 -14.71 18.93
N ASP A 172 48.06 -13.87 17.97
CA ASP A 172 48.60 -12.50 17.89
C ASP A 172 47.54 -11.40 18.02
N GLY A 173 46.43 -11.70 18.68
CA GLY A 173 45.36 -10.75 18.92
C GLY A 173 44.02 -11.44 19.16
N LEU A 174 43.03 -11.11 18.33
CA LEU A 174 41.70 -11.68 18.47
C LEU A 174 40.97 -11.57 17.13
N LYS A 175 39.81 -12.20 17.06
CA LYS A 175 38.93 -12.05 15.94
C LYS A 175 37.48 -12.08 16.37
N VAL A 176 36.63 -11.47 15.55
CA VAL A 176 35.19 -11.55 15.71
C VAL A 176 34.66 -12.27 14.47
N THR A 177 33.89 -13.34 14.67
CA THR A 177 33.25 -14.03 13.58
C THR A 177 31.73 -13.80 13.60
N PHE A 178 31.12 -13.95 12.43
CA PHE A 178 29.74 -13.59 12.20
C PHE A 178 29.05 -14.71 11.44
N GLY A 179 27.89 -15.12 11.91
CA GLY A 179 27.05 -16.08 11.16
C GLY A 179 26.44 -15.45 9.92
N LYS A 180 25.76 -16.27 9.12
CA LYS A 180 25.17 -15.87 7.86
C LYS A 180 23.80 -15.26 8.08
N VAL A 181 23.65 -14.02 7.63
CA VAL A 181 22.42 -13.28 7.78
C VAL A 181 22.13 -12.73 6.39
N ARG A 182 20.95 -13.03 5.86
CA ARG A 182 20.59 -12.56 4.53
C ARG A 182 19.41 -11.61 4.68
N ALA A 183 19.60 -10.57 5.48
CA ALA A 183 18.55 -9.59 5.71
C ALA A 183 18.70 -8.53 4.60
N THR A 184 17.95 -8.78 3.52
CA THR A 184 18.07 -8.08 2.24
C THR A 184 18.22 -6.55 2.32
N TRP A 185 17.52 -5.97 3.29
CA TRP A 185 17.42 -4.52 3.42
C TRP A 185 18.21 -3.94 4.59
N ASP A 186 18.97 -4.78 5.29
CA ASP A 186 19.58 -4.37 6.56
C ASP A 186 21.00 -4.86 6.82
N LEU A 187 21.24 -6.14 6.61
CA LEU A 187 22.46 -6.79 7.11
C LEU A 187 22.71 -8.05 6.29
N LEU A 188 23.86 -8.08 5.62
CA LEU A 188 24.19 -9.13 4.68
C LEU A 188 25.56 -9.67 4.96
N THR A 189 25.64 -10.95 5.37
CA THR A 189 26.89 -11.62 5.69
C THR A 189 26.91 -13.03 5.06
N SER A 190 28.12 -13.50 4.75
CA SER A 190 28.31 -14.77 4.06
C SER A 190 28.27 -15.96 5.02
N GLY A 191 28.45 -15.71 6.31
CA GLY A 191 28.73 -16.76 7.28
C GLY A 191 30.20 -17.07 7.44
N GLU A 192 31.04 -16.46 6.61
CA GLU A 192 32.49 -16.59 6.67
C GLU A 192 33.19 -15.27 6.99
N SER A 193 32.45 -14.19 7.26
CA SER A 193 33.08 -12.89 7.48
C SER A 193 33.66 -12.78 8.88
N GLU A 194 34.69 -11.96 9.01
CA GLU A 194 35.44 -11.82 10.24
C GLU A 194 35.98 -10.41 10.40
N TYR A 195 36.21 -10.02 11.63
CA TYR A 195 36.97 -8.82 11.93
C TYR A 195 38.14 -9.24 12.78
N GLN A 196 39.34 -9.04 12.24
CA GLN A 196 40.58 -9.51 12.84
C GLN A 196 41.45 -8.37 13.34
N VAL A 197 42.02 -8.60 14.50
CA VAL A 197 43.00 -7.74 15.11
C VAL A 197 44.28 -8.56 15.24
N HIS A 198 45.35 -8.14 14.55
CA HIS A 198 46.68 -8.73 14.70
C HIS A 198 47.69 -7.70 15.26
N LYS A 199 48.57 -8.11 16.17
CA LYS A 199 49.51 -7.16 16.77
C LYS A 199 50.95 -7.65 16.69
N SER A 200 51.87 -6.70 16.71
CA SER A 200 53.30 -7.01 16.65
C SER A 200 53.86 -7.51 17.99
N LEU A 201 53.10 -7.46 19.06
CA LEU A 201 53.58 -7.95 20.36
C LEU A 201 52.57 -8.93 20.96
N PRO A 202 53.07 -9.96 21.67
CA PRO A 202 52.22 -10.91 22.40
C PRO A 202 51.26 -10.22 23.36
N VAL A 203 49.99 -10.60 23.34
CA VAL A 203 49.03 -10.17 24.34
C VAL A 203 48.24 -11.37 24.87
N GLN A 204 47.87 -11.32 26.14
CA GLN A 204 47.02 -12.33 26.78
C GLN A 204 45.60 -11.80 26.75
N THR A 205 44.72 -12.50 26.05
CA THR A 205 43.37 -12.02 25.81
C THR A 205 42.33 -12.87 26.55
N GLU A 206 41.43 -12.20 27.25
CA GLU A 206 40.35 -12.85 27.99
C GLU A 206 39.03 -12.35 27.45
N ILE A 207 38.15 -13.29 27.07
CA ILE A 207 36.83 -12.99 26.55
C ILE A 207 35.77 -13.27 27.61
N ASN A 208 34.89 -12.30 27.83
CA ASN A 208 33.73 -12.47 28.69
C ASN A 208 32.51 -12.02 27.94
N GLY A 209 31.80 -12.96 27.33
CA GLY A 209 30.62 -12.65 26.53
C GLY A 209 30.99 -11.80 25.34
N ASN A 210 30.35 -10.64 25.21
CA ASN A 210 30.65 -9.78 24.06
CA ASN A 210 30.53 -9.67 24.12
C ASN A 210 31.66 -8.68 24.36
N ARG A 211 32.47 -8.91 25.39
CA ARG A 211 33.57 -8.01 25.67
C ARG A 211 34.89 -8.75 25.82
N PHE A 212 35.98 -8.01 25.72
CA PHE A 212 37.30 -8.59 25.82
C PHE A 212 38.26 -7.64 26.53
N THR A 213 39.31 -8.24 27.09
CA THR A 213 40.42 -7.54 27.69
C THR A 213 41.72 -8.24 27.23
N SER A 214 42.68 -7.46 26.73
CA SER A 214 43.99 -7.98 26.34
C SER A 214 45.05 -7.27 27.14
N LYS A 215 46.09 -8.00 27.54
CA LYS A 215 47.09 -7.46 28.45
C LYS A 215 48.51 -7.75 27.97
N ALA A 216 49.40 -6.78 28.21
CA ALA A 216 50.83 -6.89 27.95
C ALA A 216 51.60 -6.01 28.92
N HIS A 217 52.82 -6.43 29.25
CA HIS A 217 53.74 -5.65 30.04
C HIS A 217 54.89 -5.21 29.15
N ILE A 218 55.30 -3.96 29.32
CA ILE A 218 56.47 -3.42 28.63
C ILE A 218 57.42 -2.85 29.66
N ASN A 219 58.71 -2.85 29.33
CA ASN A 219 59.74 -2.44 30.26
C ASN A 219 60.04 -0.96 30.13
N GLY A 220 59.46 -0.32 29.11
CA GLY A 220 59.74 1.08 28.84
C GLY A 220 59.20 1.44 27.47
N SER A 221 59.71 2.52 26.90
CA SER A 221 59.28 3.01 25.60
C SER A 221 59.26 1.90 24.58
N THR A 222 58.13 1.77 23.87
CA THR A 222 57.94 0.74 22.87
C THR A 222 56.97 1.28 21.82
N THR A 223 57.17 0.88 20.57
CA THR A 223 56.24 1.17 19.49
C THR A 223 55.70 -0.16 18.98
N LEU A 224 54.39 -0.30 18.97
CA LEU A 224 53.78 -1.51 18.45
C LEU A 224 52.91 -1.18 17.26
N TYR A 225 52.57 -2.23 16.53
CA TYR A 225 51.74 -2.11 15.34
C TYR A 225 50.57 -3.07 15.45
N THR A 226 49.41 -2.59 15.00
CA THR A 226 48.17 -3.35 15.03
C THR A 226 47.47 -3.23 13.68
N THR A 227 47.01 -4.36 13.15
CA THR A 227 46.16 -4.34 11.96
C THR A 227 44.71 -4.68 12.35
N TYR A 228 43.80 -3.99 11.68
CA TYR A 228 42.39 -4.28 11.78
C TYR A 228 41.88 -4.61 10.38
N SER A 229 41.19 -5.75 10.25
CA SER A 229 40.71 -6.19 8.93
C SER A 229 39.28 -6.70 8.99
N HIS A 230 38.43 -6.17 8.11
CA HIS A 230 37.11 -6.75 7.88
C HIS A 230 37.17 -7.54 6.58
N LEU A 231 36.94 -8.84 6.69
CA LEU A 231 37.10 -9.78 5.62
C LEU A 231 35.76 -10.44 5.41
N LEU A 232 35.22 -10.36 4.19
CA LEU A 232 33.81 -10.72 3.98
C LEU A 232 33.56 -12.17 3.52
N THR A 233 34.61 -12.89 3.13
CA THR A 233 34.45 -14.29 2.73
C THR A 233 35.66 -15.09 3.24
N ALA A 234 35.56 -16.42 3.14
CA ALA A 234 36.64 -17.32 3.56
C ALA A 234 37.87 -17.07 2.73
N GLN A 235 37.66 -16.84 1.43
CA GLN A 235 38.76 -16.60 0.51
C GLN A 235 39.51 -15.29 0.86
N GLU A 236 38.75 -14.25 1.20
CA GLU A 236 39.36 -12.98 1.65
C GLU A 236 40.15 -13.20 2.94
N VAL A 237 39.60 -13.98 3.88
CA VAL A 237 40.31 -14.29 5.13
C VAL A 237 41.65 -14.94 4.83
N SER A 238 41.65 -15.93 3.96
CA SER A 238 42.86 -16.67 3.62
C SER A 238 43.91 -15.77 2.97
N LYS A 239 43.51 -15.00 1.96
CA LYS A 239 44.41 -14.13 1.21
C LYS A 239 45.03 -13.02 2.05
N GLU A 240 44.30 -12.54 3.06
CA GLU A 240 44.79 -11.38 3.79
C GLU A 240 45.94 -11.71 4.73
N GLN A 241 46.05 -12.97 5.15
CA GLN A 241 47.02 -13.33 6.16
C GLN A 241 48.44 -12.99 5.75
N MET A 242 48.79 -13.25 4.49
CA MET A 242 50.13 -12.95 4.01
CA MET A 242 50.13 -12.94 3.98
C MET A 242 50.35 -11.43 3.96
N GLN A 243 49.29 -10.69 3.66
CA GLN A 243 49.38 -9.22 3.61
C GLN A 243 49.59 -8.64 5.00
N ILE A 244 48.87 -9.20 5.97
CA ILE A 244 49.04 -8.78 7.38
C ILE A 244 50.47 -9.03 7.85
N ARG A 245 51.04 -10.18 7.48
CA ARG A 245 52.43 -10.47 7.85
C ARG A 245 53.38 -9.46 7.20
N ASP A 246 53.16 -9.13 5.94
CA ASP A 246 54.02 -8.16 5.26
CA ASP A 246 53.98 -8.15 5.25
C ASP A 246 53.92 -6.77 5.89
N ILE A 247 52.70 -6.36 6.25
CA ILE A 247 52.47 -5.06 6.90
C ILE A 247 53.22 -4.97 8.23
N LEU A 248 53.09 -5.99 9.05
CA LEU A 248 53.78 -6.00 10.35
C LEU A 248 55.31 -6.12 10.25
N ALA A 249 55.82 -6.63 9.13
CA ALA A 249 57.26 -6.66 8.90
C ALA A 249 57.80 -5.32 8.36
N ARG A 250 56.92 -4.49 7.81
CA ARG A 250 57.32 -3.24 7.14
C ARG A 250 56.31 -2.11 7.39
N PRO A 251 55.93 -1.92 8.66
CA PRO A 251 54.82 -0.98 8.90
C PRO A 251 55.10 0.44 8.42
N ALA A 252 56.34 0.93 8.60
CA ALA A 252 56.69 2.29 8.18
C ALA A 252 56.55 2.49 6.67
N PHE A 253 56.75 1.42 5.89
CA PHE A 253 56.58 1.53 4.43
C PHE A 253 55.10 1.74 4.08
N TYR A 254 54.21 1.08 4.81
CA TYR A 254 52.76 1.22 4.57
C TYR A 254 52.28 2.61 4.99
N LEU A 255 52.74 3.11 6.13
CA LEU A 255 52.40 4.47 6.57
C LEU A 255 52.88 5.48 5.51
N THR A 256 54.13 5.35 5.08
CA THR A 256 54.68 6.26 4.06
C THR A 256 53.87 6.19 2.74
N ALA A 257 53.49 4.98 2.32
CA ALA A 257 52.76 4.79 1.07
C ALA A 257 51.43 5.57 1.10
N SER A 258 50.73 5.47 2.22
CA SER A 258 49.50 6.23 2.42
C SER A 258 49.73 7.75 2.42
N GLN A 259 50.72 8.20 3.20
CA GLN A 259 51.12 9.61 3.22
C GLN A 259 51.34 10.13 1.82
N GLN A 260 52.15 9.42 1.04
CA GLN A 260 52.51 9.86 -0.32
C GLN A 260 51.30 9.86 -1.25
N ARG A 261 50.46 8.84 -1.12
CA ARG A 261 49.28 8.74 -1.99
C ARG A 261 48.36 9.95 -1.73
N TRP A 262 48.22 10.33 -0.46
CA TRP A 262 47.41 11.49 -0.10
C TRP A 262 48.03 12.87 -0.46
N GLU A 263 49.35 12.98 -0.40
CA GLU A 263 50.00 14.20 -0.88
C GLU A 263 49.73 14.35 -2.38
N GLU A 264 49.72 13.24 -3.09
CA GLU A 264 49.49 13.29 -4.52
C GLU A 264 48.04 13.70 -4.85
N TYR A 265 47.07 13.17 -4.12
CA TYR A 265 45.67 13.58 -4.32
C TYR A 265 45.56 15.09 -4.15
N LEU A 266 46.19 15.63 -3.10
CA LEU A 266 46.10 17.06 -2.82
C LEU A 266 46.87 17.89 -3.86
N LYS A 267 48.03 17.41 -4.29
CA LYS A 267 48.81 18.09 -5.36
C LYS A 267 48.08 18.14 -6.68
N LYS A 268 47.54 16.99 -7.09
CA LYS A 268 46.76 16.91 -8.32
C LYS A 268 45.44 17.69 -8.25
N GLY A 269 44.81 17.70 -7.06
CA GLY A 269 43.44 18.20 -6.93
C GLY A 269 43.32 19.70 -6.69
N LEU A 270 44.24 20.25 -5.89
CA LEU A 270 44.13 21.63 -5.44
C LEU A 270 44.91 22.57 -6.35
N THR A 271 44.36 22.80 -7.53
CA THR A 271 45.05 23.55 -8.55
C THR A 271 44.46 24.94 -8.83
N ASN A 272 43.57 25.43 -7.97
CA ASN A 272 42.99 26.75 -8.17
C ASN A 272 43.75 27.76 -7.32
N PRO A 273 44.74 28.45 -7.90
CA PRO A 273 45.54 29.35 -7.10
C PRO A 273 44.80 30.63 -6.66
N ASP A 274 43.58 30.85 -7.16
CA ASP A 274 42.80 32.03 -6.81
C ASP A 274 41.75 31.73 -5.74
N ALA A 275 41.70 30.48 -5.28
CA ALA A 275 40.73 30.08 -4.29
C ALA A 275 41.15 30.62 -2.95
N THR A 276 40.18 30.95 -2.12
CA THR A 276 40.45 31.32 -0.75
C THR A 276 40.74 30.05 0.04
N PRO A 277 41.31 30.19 1.26
CA PRO A 277 41.55 29.02 2.07
C PRO A 277 40.26 28.27 2.39
N GLU A 278 39.17 28.99 2.57
CA GLU A 278 37.88 28.39 2.86
CA GLU A 278 37.83 28.43 2.83
C GLU A 278 37.38 27.57 1.65
N GLN A 279 37.57 28.11 0.46
CA GLN A 279 37.18 27.44 -0.79
C GLN A 279 38.03 26.19 -0.99
N THR A 280 39.31 26.30 -0.68
CA THR A 280 40.25 25.17 -0.79
C THR A 280 39.85 24.03 0.16
N ARG A 281 39.45 24.42 1.36
CA ARG A 281 39.05 23.47 2.37
C ARG A 281 37.78 22.71 1.95
N VAL A 282 36.87 23.38 1.25
CA VAL A 282 35.72 22.68 0.65
C VAL A 282 36.16 21.61 -0.38
N ALA A 283 37.14 21.96 -1.20
CA ALA A 283 37.70 21.01 -2.16
C ALA A 283 38.31 19.82 -1.43
N VAL A 284 38.98 20.06 -0.32
CA VAL A 284 39.57 18.97 0.46
C VAL A 284 38.48 18.09 1.06
N LYS A 285 37.40 18.70 1.58
CA LYS A 285 36.25 17.94 2.06
C LYS A 285 35.73 17.02 0.97
N ALA A 286 35.59 17.56 -0.24
CA ALA A 286 35.08 16.80 -1.37
C ALA A 286 35.99 15.61 -1.73
N ILE A 287 37.31 15.85 -1.71
CA ILE A 287 38.30 14.79 -1.94
C ILE A 287 38.23 13.68 -0.87
N GLU A 288 38.21 14.08 0.41
CA GLU A 288 38.03 13.10 1.50
C GLU A 288 36.72 12.31 1.31
N THR A 289 35.65 13.01 0.91
CA THR A 289 34.33 12.39 0.76
C THR A 289 34.30 11.36 -0.37
N LEU A 290 34.77 11.77 -1.54
CA LEU A 290 34.78 10.87 -2.69
C LEU A 290 35.68 9.66 -2.43
N ASN A 291 36.86 9.89 -1.88
CA ASN A 291 37.76 8.78 -1.58
C ASN A 291 37.22 7.82 -0.52
N GLY A 292 36.45 8.32 0.44
CA GLY A 292 35.84 7.45 1.46
C GLY A 292 34.70 6.63 0.92
N ASN A 293 34.10 7.11 -0.18
CA ASN A 293 32.98 6.39 -0.80
C ASN A 293 33.45 5.39 -1.86
N TRP A 294 34.74 5.36 -2.10
CA TRP A 294 35.39 4.38 -2.97
C TRP A 294 35.45 3.00 -2.30
N ARG A 295 35.01 1.98 -3.02
CA ARG A 295 35.05 0.58 -2.56
C ARG A 295 35.86 -0.23 -3.56
N SER A 296 36.71 -1.10 -3.04
CA SER A 296 37.42 -2.08 -3.83
C SER A 296 36.44 -3.14 -4.36
N PRO A 297 36.87 -3.95 -5.33
CA PRO A 297 35.97 -5.00 -5.79
C PRO A 297 35.38 -5.83 -4.66
N GLY A 298 34.13 -6.23 -4.80
CA GLY A 298 33.50 -7.13 -3.85
C GLY A 298 32.28 -7.79 -4.45
N GLY A 299 32.10 -9.09 -4.19
CA GLY A 299 30.98 -9.83 -4.76
C GLY A 299 30.95 -9.79 -6.28
N ALA A 300 29.80 -9.46 -6.83
CA ALA A 300 29.57 -9.42 -8.27
C ALA A 300 30.24 -8.24 -8.98
N VAL A 301 30.68 -7.23 -8.23
CA VAL A 301 31.31 -6.08 -8.82
C VAL A 301 32.81 -6.32 -8.81
N LYS A 302 33.37 -6.57 -9.99
CA LYS A 302 34.76 -6.97 -10.14
C LYS A 302 35.74 -5.79 -10.28
N PHE A 303 35.24 -4.58 -10.11
CA PHE A 303 36.06 -3.38 -10.22
C PHE A 303 35.94 -2.51 -9.00
N ASN A 304 36.92 -1.62 -8.81
CA ASN A 304 36.77 -0.59 -7.81
C ASN A 304 35.59 0.26 -8.27
N THR A 305 34.84 0.80 -7.30
CA THR A 305 33.69 1.63 -7.61
C THR A 305 33.56 2.75 -6.57
N VAL A 306 32.62 3.67 -6.79
CA VAL A 306 32.33 4.72 -5.84
C VAL A 306 30.83 4.78 -5.67
N THR A 307 30.36 4.77 -4.42
CA THR A 307 28.93 4.80 -4.14
C THR A 307 28.47 6.22 -3.77
N PRO A 308 27.15 6.43 -3.72
CA PRO A 308 26.74 7.79 -3.40
C PRO A 308 27.01 8.21 -1.95
N SER A 309 27.15 7.26 -1.03
CA SER A 309 27.51 7.58 0.36
C SER A 309 27.73 6.32 1.19
N VAL A 310 28.94 6.20 1.72
CA VAL A 310 29.30 5.07 2.58
C VAL A 310 28.44 5.01 3.85
N THR A 311 27.92 6.17 4.28
CA THR A 311 27.06 6.26 5.48
C THR A 311 25.57 6.26 5.16
N GLY A 312 25.22 6.16 3.89
CA GLY A 312 23.83 6.27 3.47
C GLY A 312 23.02 5.01 3.75
N ARG A 313 21.75 5.21 4.10
CA ARG A 313 20.85 4.11 4.36
C ARG A 313 20.75 3.14 3.21
N TRP A 314 20.66 3.68 1.99
CA TRP A 314 20.49 2.87 0.80
C TRP A 314 21.60 3.09 -0.22
N PHE A 315 22.71 3.69 0.19
CA PHE A 315 23.78 4.10 -0.72
C PHE A 315 25.12 3.45 -0.41
N SER A 316 25.14 2.55 0.57
CA SER A 316 26.39 2.01 1.08
C SER A 316 26.79 0.64 0.45
N GLY A 317 27.67 -0.09 1.14
CA GLY A 317 28.35 -1.22 0.53
C GLY A 317 29.01 -0.75 -0.76
N ASN A 318 28.86 -1.51 -1.84
CA ASN A 318 29.34 -1.07 -3.16
C ASN A 318 28.21 -0.80 -4.16
N GLN A 319 27.04 -0.44 -3.66
CA GLN A 319 25.92 -0.10 -4.53
C GLN A 319 26.29 1.09 -5.45
N THR A 320 26.18 0.87 -6.75
CA THR A 320 26.64 1.81 -7.73
C THR A 320 25.56 2.11 -8.77
N TRP A 321 25.41 3.39 -9.10
CA TRP A 321 24.47 3.85 -10.11
C TRP A 321 25.22 4.57 -11.23
N PRO A 322 24.66 4.58 -12.45
CA PRO A 322 25.39 5.23 -13.56
C PRO A 322 25.46 6.73 -13.47
N TRP A 323 24.31 7.34 -13.18
CA TRP A 323 24.15 8.79 -13.07
C TRP A 323 25.17 9.38 -12.09
N ASP A 324 25.21 8.81 -10.90
CA ASP A 324 26.14 9.24 -9.89
C ASP A 324 27.56 9.00 -10.41
N THR A 325 27.81 7.86 -11.04
CA THR A 325 29.14 7.53 -11.54
C THR A 325 29.67 8.55 -12.57
N TRP A 326 28.85 9.01 -13.49
CA TRP A 326 29.38 9.95 -14.50
C TRP A 326 29.91 11.20 -13.80
N LYS A 327 29.15 11.72 -12.84
CA LYS A 327 29.54 12.92 -12.07
C LYS A 327 30.76 12.67 -11.19
N GLN A 328 30.74 11.54 -10.48
CA GLN A 328 31.85 11.13 -9.63
C GLN A 328 33.17 11.05 -10.38
N ALA A 329 33.13 10.42 -11.55
CA ALA A 329 34.34 10.15 -12.29
C ALA A 329 34.89 11.42 -12.96
N PHE A 330 33.99 12.32 -13.35
CA PHE A 330 34.36 13.63 -13.88
C PHE A 330 35.24 14.37 -12.88
N ALA A 331 34.79 14.42 -11.62
CA ALA A 331 35.56 15.06 -10.56
C ALA A 331 36.82 14.29 -10.21
N MET A 332 36.68 12.99 -9.96
CA MET A 332 37.80 12.19 -9.52
C MET A 332 38.90 12.08 -10.58
N ALA A 333 38.56 12.35 -11.84
CA ALA A 333 39.57 12.44 -12.90
C ALA A 333 40.69 13.38 -12.51
N HIS A 334 40.32 14.44 -11.80
CA HIS A 334 41.24 15.53 -11.42
C HIS A 334 42.09 15.30 -10.16
N PHE A 335 41.91 14.17 -9.50
CA PHE A 335 42.77 13.86 -8.36
C PHE A 335 42.99 12.37 -8.10
N ASN A 336 42.02 11.52 -8.45
CA ASN A 336 42.16 10.08 -8.29
C ASN A 336 41.71 9.38 -9.58
N PRO A 337 42.44 9.61 -10.68
CA PRO A 337 41.97 9.14 -11.98
C PRO A 337 41.90 7.62 -12.09
N ASP A 338 42.76 6.88 -11.37
CA ASP A 338 42.76 5.43 -11.42
C ASP A 338 41.38 4.90 -11.00
N ILE A 339 40.80 5.50 -9.97
CA ILE A 339 39.50 5.07 -9.43
C ILE A 339 38.34 5.65 -10.21
N ALA A 340 38.50 6.85 -10.76
CA ALA A 340 37.53 7.36 -11.76
C ALA A 340 37.34 6.36 -12.91
N LYS A 341 38.44 5.89 -13.49
CA LYS A 341 38.40 4.87 -14.55
C LYS A 341 37.70 3.61 -14.08
N GLU A 342 38.09 3.11 -12.90
CA GLU A 342 37.46 1.90 -12.35
C GLU A 342 35.95 2.06 -12.14
N ASN A 343 35.53 3.20 -11.60
CA ASN A 343 34.12 3.43 -11.32
C ASN A 343 33.29 3.32 -12.62
N ILE A 344 33.82 3.86 -13.72
CA ILE A 344 33.17 3.78 -15.01
C ILE A 344 33.15 2.34 -15.51
N ARG A 345 34.30 1.65 -15.39
CA ARG A 345 34.36 0.21 -15.74
C ARG A 345 33.31 -0.56 -14.96
N ALA A 346 33.16 -0.26 -13.67
CA ALA A 346 32.21 -1.02 -12.83
C ALA A 346 30.79 -0.98 -13.44
N VAL A 347 30.37 0.22 -13.86
CA VAL A 347 29.03 0.43 -14.40
C VAL A 347 28.85 -0.36 -15.70
N PHE A 348 29.84 -0.31 -16.58
CA PHE A 348 29.76 -1.01 -17.85
C PHE A 348 30.05 -2.50 -17.76
N SER A 349 30.54 -2.97 -16.60
CA SER A 349 30.92 -4.37 -16.46
C SER A 349 29.70 -5.30 -16.43
N TRP A 350 28.49 -4.74 -16.27
CA TRP A 350 27.24 -5.49 -16.34
C TRP A 350 26.35 -5.00 -17.47
N GLN A 351 26.96 -4.34 -18.44
CA GLN A 351 26.27 -3.90 -19.64
C GLN A 351 25.79 -5.15 -20.38
N ILE A 352 24.55 -5.10 -20.86
CA ILE A 352 23.94 -6.25 -21.52
C ILE A 352 24.64 -6.56 -22.85
N GLN A 353 25.03 -7.83 -23.00
CA GLN A 353 25.67 -8.32 -24.22
C GLN A 353 24.74 -9.29 -24.97
N PRO A 354 24.95 -9.44 -26.27
CA PRO A 354 24.08 -10.33 -27.04
C PRO A 354 23.94 -11.71 -26.41
N GLY A 355 22.71 -12.24 -26.42
CA GLY A 355 22.45 -13.56 -25.90
C GLY A 355 22.24 -13.59 -24.38
N ASP A 356 22.17 -12.41 -23.76
CA ASP A 356 21.97 -12.33 -22.31
C ASP A 356 20.81 -13.23 -21.87
N SER A 357 20.97 -13.89 -20.73
CA SER A 357 19.95 -14.82 -20.26
C SER A 357 18.68 -14.13 -19.75
N VAL A 358 18.77 -12.89 -19.28
CA VAL A 358 17.61 -12.23 -18.69
C VAL A 358 16.92 -11.33 -19.71
N ARG A 359 17.70 -10.53 -20.41
CA ARG A 359 17.14 -9.50 -21.28
C ARG A 359 17.92 -9.39 -22.60
N PRO A 360 17.82 -10.43 -23.45
CA PRO A 360 18.51 -10.36 -24.73
C PRO A 360 18.05 -9.20 -25.63
N GLN A 361 16.86 -8.67 -25.35
CA GLN A 361 16.30 -7.54 -26.08
C GLN A 361 16.88 -6.19 -25.67
N ASP A 362 17.79 -6.19 -24.69
CA ASP A 362 18.37 -4.96 -24.15
C ASP A 362 19.88 -4.80 -24.37
N VAL A 363 20.41 -5.27 -25.50
CA VAL A 363 21.85 -5.20 -25.70
C VAL A 363 22.28 -3.74 -25.65
N GLY A 364 23.32 -3.49 -24.88
CA GLY A 364 23.87 -2.16 -24.73
C GLY A 364 23.37 -1.44 -23.49
N PHE A 365 22.28 -1.95 -22.90
CA PHE A 365 21.69 -1.42 -21.66
C PHE A 365 22.69 -1.48 -20.50
N VAL A 366 22.70 -0.40 -19.70
CA VAL A 366 23.51 -0.30 -18.48
C VAL A 366 22.59 -0.32 -17.26
N PRO A 367 22.72 -1.33 -16.39
CA PRO A 367 21.82 -1.42 -15.23
C PRO A 367 21.83 -0.18 -14.32
N ASP A 368 20.67 0.12 -13.75
CA ASP A 368 20.50 1.26 -12.86
C ASP A 368 21.30 1.12 -11.56
N LEU A 369 21.40 -0.11 -11.08
CA LEU A 369 21.96 -0.39 -9.77
C LEU A 369 22.62 -1.76 -9.76
N ILE A 370 23.94 -1.76 -9.57
CA ILE A 370 24.72 -2.96 -9.35
C ILE A 370 25.28 -2.93 -7.94
N ALA A 371 25.57 -4.12 -7.40
CA ALA A 371 25.98 -4.25 -6.01
C ALA A 371 26.55 -5.66 -5.78
N TRP A 372 27.09 -5.87 -4.59
CA TRP A 372 27.68 -7.14 -4.18
C TRP A 372 26.85 -8.34 -4.65
N ASN A 373 25.54 -8.29 -4.38
CA ASN A 373 24.63 -9.41 -4.65
C ASN A 373 23.76 -9.21 -5.88
N LEU A 374 23.87 -10.16 -6.80
CA LEU A 374 23.05 -10.18 -8.01
C LEU A 374 21.61 -10.42 -7.65
N SER A 375 20.72 -9.95 -8.54
CA SER A 375 19.30 -10.21 -8.41
C SER A 375 19.04 -11.71 -8.45
N PRO A 376 17.86 -12.14 -7.96
CA PRO A 376 17.49 -13.56 -8.10
C PRO A 376 17.47 -14.04 -9.54
N GLU A 377 17.05 -13.19 -10.48
N GLU A 377 17.03 -13.16 -10.46
CA GLU A 377 17.07 -13.55 -11.90
CA GLU A 377 17.05 -13.43 -11.91
C GLU A 377 18.45 -13.84 -12.45
C GLU A 377 18.44 -13.82 -12.43
N ARG A 378 19.49 -13.37 -11.75
CA ARG A 378 20.87 -13.68 -12.12
C ARG A 378 21.59 -14.56 -11.09
N GLY A 379 20.80 -15.21 -10.24
CA GLY A 379 21.30 -16.28 -9.38
C GLY A 379 21.69 -15.85 -7.98
N GLY A 380 21.47 -14.59 -7.63
CA GLY A 380 21.84 -14.09 -6.31
C GLY A 380 20.63 -13.87 -5.43
N ASP A 381 20.84 -13.28 -4.26
CA ASP A 381 19.73 -12.96 -3.38
C ASP A 381 19.64 -11.48 -3.05
N GLY A 382 20.24 -10.64 -3.91
CA GLY A 382 20.22 -9.21 -3.69
C GLY A 382 18.90 -8.56 -4.04
N GLY A 383 18.43 -7.68 -3.18
CA GLY A 383 17.20 -6.94 -3.42
C GLY A 383 17.41 -5.59 -4.08
N ASN A 384 18.64 -5.12 -4.14
CA ASN A 384 18.93 -3.77 -4.64
C ASN A 384 19.21 -3.75 -6.16
N TRP A 385 19.99 -4.73 -6.64
CA TRP A 385 20.30 -4.91 -8.07
C TRP A 385 19.08 -4.60 -8.92
N ASN A 386 19.20 -3.61 -9.82
CA ASN A 386 18.05 -3.11 -10.57
C ASN A 386 18.28 -3.00 -12.08
N GLU A 387 17.43 -3.68 -12.85
CA GLU A 387 17.44 -3.58 -14.32
C GLU A 387 16.06 -3.22 -14.89
N ARG A 388 15.23 -2.59 -14.07
CA ARG A 388 13.94 -2.04 -14.50
C ARG A 388 14.09 -0.77 -15.34
N ASN A 389 15.27 -0.17 -15.33
CA ASN A 389 15.51 1.11 -15.97
C ASN A 389 17.01 1.41 -15.88
N THR A 390 17.45 2.47 -16.56
CA THR A 390 18.84 2.93 -16.43
C THR A 390 18.76 4.35 -15.83
N LYS A 391 19.66 5.23 -16.23
CA LYS A 391 19.67 6.61 -15.76
C LYS A 391 20.05 7.51 -16.92
N PRO A 392 19.89 8.83 -16.77
CA PRO A 392 20.28 9.65 -17.91
C PRO A 392 21.77 9.49 -18.26
N SER A 393 22.08 9.58 -19.54
CA SER A 393 23.44 9.28 -20.02
C SER A 393 24.32 10.53 -20.20
N LEU A 394 25.25 10.71 -19.24
CA LEU A 394 26.41 11.57 -19.41
C LEU A 394 27.66 10.71 -19.46
N ALA A 395 27.52 9.47 -19.95
CA ALA A 395 28.65 8.54 -19.96
C ALA A 395 29.81 9.02 -20.81
N ALA A 396 29.53 9.52 -22.02
CA ALA A 396 30.59 9.98 -22.92
C ALA A 396 31.32 11.20 -22.35
N TRP A 397 30.54 12.11 -21.78
CA TRP A 397 31.08 13.29 -21.10
C TRP A 397 32.03 12.88 -20.00
N SER A 398 31.66 11.86 -19.24
CA SER A 398 32.49 11.39 -18.13
C SER A 398 33.79 10.72 -18.63
N VAL A 399 33.64 9.78 -19.56
CA VAL A 399 34.79 9.14 -20.21
C VAL A 399 35.75 10.17 -20.81
N MET A 400 35.21 11.17 -21.51
CA MET A 400 36.03 12.27 -22.05
C MET A 400 36.84 13.02 -21.00
N GLU A 401 36.25 13.30 -19.84
CA GLU A 401 36.95 14.08 -18.83
C GLU A 401 38.17 13.35 -18.31
N VAL A 402 38.05 12.03 -18.16
CA VAL A 402 39.19 11.22 -17.76
C VAL A 402 40.30 11.31 -18.80
N TYR A 403 39.93 11.23 -20.08
CA TYR A 403 40.86 11.48 -21.19
C TYR A 403 41.45 12.89 -21.19
N ASN A 404 40.62 13.90 -20.93
CA ASN A 404 41.10 15.28 -20.86
C ASN A 404 42.22 15.44 -19.84
N VAL A 405 42.15 14.71 -18.74
CA VAL A 405 43.19 14.78 -17.70
C VAL A 405 44.36 13.85 -18.02
N THR A 406 44.07 12.61 -18.40
CA THR A 406 45.14 11.64 -18.55
C THR A 406 45.80 11.63 -19.93
N GLN A 407 45.12 12.15 -20.94
CA GLN A 407 45.57 12.07 -22.33
C GLN A 407 45.86 10.62 -22.82
N ASP A 408 45.19 9.65 -22.19
CA ASP A 408 45.41 8.24 -22.47
C ASP A 408 44.44 7.76 -23.56
N LYS A 409 44.94 7.68 -24.79
CA LYS A 409 44.13 7.19 -25.91
C LYS A 409 43.67 5.75 -25.77
N THR A 410 44.39 4.93 -25.03
CA THR A 410 43.95 3.54 -24.79
C THR A 410 42.70 3.48 -23.93
N TRP A 411 42.52 4.47 -23.06
CA TRP A 411 41.29 4.59 -22.26
C TRP A 411 40.09 4.86 -23.16
N VAL A 412 40.27 5.79 -24.09
CA VAL A 412 39.20 6.07 -25.07
C VAL A 412 38.89 4.81 -25.88
N ALA A 413 39.93 4.13 -26.35
CA ALA A 413 39.77 2.92 -27.16
C ALA A 413 39.02 1.84 -26.36
N GLU A 414 39.34 1.71 -25.06
CA GLU A 414 38.67 0.76 -24.19
C GLU A 414 37.16 1.02 -24.08
N MET A 415 36.79 2.29 -23.90
CA MET A 415 35.42 2.65 -23.57
C MET A 415 34.53 2.90 -24.80
N TYR A 416 35.15 3.31 -25.90
CA TYR A 416 34.40 3.68 -27.10
C TYR A 416 33.34 2.64 -27.51
N PRO A 417 33.70 1.35 -27.64
CA PRO A 417 32.65 0.39 -28.06
C PRO A 417 31.48 0.24 -27.07
N LYS A 418 31.75 0.45 -25.79
CA LYS A 418 30.74 0.32 -24.75
C LYS A 418 29.80 1.52 -24.83
N LEU A 419 30.39 2.70 -25.03
CA LEU A 419 29.60 3.90 -25.21
C LEU A 419 28.71 3.81 -26.46
N VAL A 420 29.27 3.28 -27.55
CA VAL A 420 28.50 3.08 -28.77
C VAL A 420 27.32 2.14 -28.56
N ALA A 421 27.53 1.03 -27.88
CA ALA A 421 26.46 0.06 -27.65
C ALA A 421 25.31 0.64 -26.81
N TYR A 422 25.65 1.49 -25.85
CA TYR A 422 24.67 2.17 -25.00
C TYR A 422 23.90 3.17 -25.84
N HIS A 423 24.63 3.94 -26.63
CA HIS A 423 24.03 4.91 -27.54
C HIS A 423 23.02 4.22 -28.42
N ASP A 424 23.44 3.09 -28.99
CA ASP A 424 22.53 2.35 -29.89
C ASP A 424 21.30 1.85 -29.15
N TRP A 425 21.47 1.45 -27.90
CA TRP A 425 20.35 0.92 -27.12
C TRP A 425 19.24 1.98 -26.96
N TRP A 426 19.60 3.23 -26.67
CA TRP A 426 18.63 4.30 -26.50
C TRP A 426 17.76 4.38 -27.76
N LEU A 427 18.40 4.38 -28.92
CA LEU A 427 17.65 4.52 -30.18
C LEU A 427 16.76 3.33 -30.51
N ARG A 428 17.10 2.11 -30.08
CA ARG A 428 16.25 0.94 -30.32
C ARG A 428 15.13 0.85 -29.31
N ASN A 429 15.42 1.13 -28.04
CA ASN A 429 14.53 0.79 -26.92
C ASN A 429 13.85 1.96 -26.23
N ARG A 430 14.27 3.18 -26.58
CA ARG A 430 13.70 4.40 -25.99
C ARG A 430 13.37 5.45 -27.02
N ASP A 431 12.75 5.03 -28.12
CA ASP A 431 12.31 5.97 -29.14
C ASP A 431 11.03 5.47 -29.77
N HIS A 432 9.94 5.63 -29.01
CA HIS A 432 8.65 5.01 -29.33
C HIS A 432 8.12 5.37 -30.71
N ASN A 433 8.28 6.64 -31.07
CA ASN A 433 7.82 7.16 -32.37
C ASN A 433 8.88 7.21 -33.45
N GLY A 434 10.04 6.62 -33.20
CA GLY A 434 11.09 6.49 -34.21
C GLY A 434 11.60 7.75 -34.86
N ASN A 435 11.64 8.88 -34.13
CA ASN A 435 12.07 10.14 -34.73
C ASN A 435 13.49 10.54 -34.40
N GLY A 436 14.24 9.62 -33.79
CA GLY A 436 15.62 9.91 -33.40
C GLY A 436 15.78 10.69 -32.10
N VAL A 437 14.70 10.92 -31.39
CA VAL A 437 14.70 11.75 -30.21
C VAL A 437 14.17 10.90 -29.04
N PRO A 438 15.01 10.58 -28.05
CA PRO A 438 14.64 9.60 -27.02
C PRO A 438 13.62 10.08 -26.01
N GLU A 439 13.05 9.11 -25.30
CA GLU A 439 12.23 9.34 -24.15
C GLU A 439 12.87 8.60 -22.99
N TYR A 440 12.60 9.06 -21.77
CA TYR A 440 12.78 8.21 -20.59
C TYR A 440 11.73 7.10 -20.59
N GLY A 441 12.08 5.95 -20.04
CA GLY A 441 11.19 4.82 -20.09
C GLY A 441 11.61 3.72 -19.15
N ALA A 442 11.25 2.49 -19.49
CA ALA A 442 11.52 1.36 -18.61
C ALA A 442 11.71 0.11 -19.45
N THR A 443 12.27 -0.92 -18.82
CA THR A 443 12.58 -2.17 -19.51
C THR A 443 11.40 -3.13 -19.38
N ARG A 444 11.44 -4.23 -20.12
CA ARG A 444 10.60 -5.37 -19.81
C ARG A 444 11.17 -6.02 -18.55
N ASP A 445 10.32 -6.33 -17.58
CA ASP A 445 10.78 -6.81 -16.29
C ASP A 445 9.64 -7.51 -15.56
N LYS A 446 9.99 -8.41 -14.65
CA LYS A 446 8.99 -9.13 -13.86
C LYS A 446 8.13 -8.20 -13.01
N ALA A 447 8.68 -7.06 -12.61
CA ALA A 447 7.91 -6.06 -11.87
C ALA A 447 6.92 -5.28 -12.75
N HIS A 448 7.11 -5.32 -14.07
CA HIS A 448 6.37 -4.43 -14.99
C HIS A 448 5.26 -5.10 -15.78
N ASN A 449 5.40 -6.40 -16.00
CA ASN A 449 4.48 -7.11 -16.87
C ASN A 449 4.29 -8.54 -16.41
N THR A 450 3.21 -9.16 -16.87
CA THR A 450 2.89 -10.54 -16.55
C THR A 450 3.85 -11.47 -17.30
N GLU A 451 3.79 -12.76 -16.94
CA GLU A 451 4.60 -13.77 -17.64
C GLU A 451 4.48 -13.62 -19.17
N SER A 452 3.26 -13.38 -19.65
CA SER A 452 2.98 -13.24 -21.09
C SER A 452 3.26 -11.85 -21.68
N GLY A 453 3.78 -10.93 -20.86
CA GLY A 453 4.20 -9.62 -21.33
C GLY A 453 3.13 -8.54 -21.26
N GLU A 454 2.02 -8.80 -20.58
CA GLU A 454 0.96 -7.80 -20.44
C GLU A 454 1.40 -6.79 -19.38
N MET A 455 1.30 -5.50 -19.69
CA MET A 455 1.74 -4.44 -18.75
C MET A 455 0.85 -4.41 -17.49
N LEU A 456 1.48 -4.43 -16.33
CA LEU A 456 0.76 -4.37 -15.07
C LEU A 456 0.40 -2.95 -14.68
N PHE A 457 -0.80 -2.76 -14.12
CA PHE A 457 -1.17 -1.52 -13.48
C PHE A 457 -2.26 -1.72 -12.42
N THR A 458 -2.35 -0.77 -11.50
CA THR A 458 -3.35 -0.82 -10.43
C THR A 458 -4.16 0.46 -10.43
N VAL A 459 -5.48 0.32 -10.48
CA VAL A 459 -6.38 1.46 -10.53
C VAL A 459 -6.93 1.63 -9.14
N LYS A 460 -6.77 2.83 -8.60
CA LYS A 460 -7.17 3.14 -7.23
C LYS A 460 -8.30 4.15 -7.24
N LYS A 461 -9.35 3.89 -6.48
CA LYS A 461 -10.47 4.83 -6.34
C LYS A 461 -10.98 4.66 -4.91
N GLY A 462 -10.89 5.72 -4.13
CA GLY A 462 -11.24 5.67 -2.71
C GLY A 462 -10.30 4.68 -2.05
N ASP A 463 -10.86 3.69 -1.36
CA ASP A 463 -10.06 2.62 -0.75
C ASP A 463 -10.05 1.34 -1.58
N LYS A 464 -10.65 1.39 -2.77
CA LYS A 464 -10.71 0.22 -3.67
C LYS A 464 -9.53 0.23 -4.64
N GLU A 465 -8.95 -0.95 -4.82
CA GLU A 465 -7.86 -1.15 -5.77
C GLU A 465 -8.32 -2.14 -6.83
N GLU A 466 -7.64 -2.12 -7.96
CA GLU A 466 -7.96 -3.01 -9.05
C GLU A 466 -6.66 -3.24 -9.81
N THR A 467 -6.12 -4.45 -9.67
CA THR A 467 -4.90 -4.83 -10.37
C THR A 467 -5.30 -5.44 -11.71
N GLN A 468 -4.93 -4.76 -12.78
CA GLN A 468 -5.26 -5.17 -14.13
C GLN A 468 -3.99 -5.27 -14.94
N SER A 469 -4.13 -5.67 -16.19
CA SER A 469 -2.99 -5.73 -17.07
C SER A 469 -3.39 -5.46 -18.51
N GLY A 470 -2.40 -5.12 -19.33
CA GLY A 470 -2.61 -4.89 -20.75
C GLY A 470 -2.67 -3.42 -21.08
N LEU A 471 -1.97 -3.02 -22.13
CA LEU A 471 -1.86 -1.61 -22.50
C LEU A 471 -3.20 -1.02 -22.95
N ASN A 472 -3.95 -1.78 -23.75
CA ASN A 472 -5.26 -1.32 -24.23
C ASN A 472 -6.26 -1.10 -23.08
N ASN A 473 -6.24 -1.97 -22.07
CA ASN A 473 -7.03 -1.74 -20.85
C ASN A 473 -6.64 -0.48 -20.11
N TYR A 474 -5.33 -0.30 -19.94
CA TYR A 474 -4.77 0.93 -19.38
C TYR A 474 -5.30 2.12 -20.17
N ALA A 475 -5.19 2.06 -21.49
CA ALA A 475 -5.61 3.18 -22.35
C ALA A 475 -7.07 3.57 -22.16
N ARG A 476 -7.95 2.57 -22.05
CA ARG A 476 -9.36 2.80 -21.75
C ARG A 476 -9.53 3.51 -20.41
N VAL A 477 -8.82 3.00 -19.40
CA VAL A 477 -8.93 3.52 -18.04
C VAL A 477 -8.51 4.99 -18.00
N VAL A 478 -7.45 5.35 -18.71
CA VAL A 478 -7.01 6.75 -18.75
C VAL A 478 -8.07 7.59 -19.45
N GLU A 479 -8.66 7.06 -20.52
CA GLU A 479 -9.67 7.80 -21.27
C GLU A 479 -10.90 8.08 -20.40
N LYS A 480 -11.35 7.08 -19.64
CA LYS A 480 -12.55 7.22 -18.81
C LYS A 480 -12.34 8.10 -17.55
N GLY A 481 -11.13 8.08 -16.98
CA GLY A 481 -10.75 8.99 -15.90
C GLY A 481 -11.55 8.92 -14.61
N GLN A 482 -12.09 7.74 -14.28
CA GLN A 482 -12.85 7.54 -13.04
C GLN A 482 -11.98 6.82 -12.01
N TYR A 483 -10.89 7.44 -11.65
CA TYR A 483 -10.01 6.91 -10.63
C TYR A 483 -9.36 8.06 -9.88
N ASP A 484 -8.95 7.82 -8.64
CA ASP A 484 -8.17 8.80 -7.90
C ASP A 484 -6.72 8.76 -8.38
N SER A 485 -6.20 7.55 -8.58
CA SER A 485 -4.83 7.41 -9.06
C SER A 485 -4.62 6.08 -9.75
N LEU A 486 -3.51 6.05 -10.47
CA LEU A 486 -3.11 4.92 -11.30
C LEU A 486 -1.65 4.64 -10.97
N GLU A 487 -1.36 3.39 -10.58
CA GLU A 487 0.02 2.97 -10.29
C GLU A 487 0.47 1.99 -11.37
N ILE A 488 1.47 2.38 -12.16
CA ILE A 488 2.00 1.55 -13.23
C ILE A 488 3.47 1.34 -12.89
N PRO A 489 3.83 0.12 -12.44
CA PRO A 489 5.20 -0.09 -12.06
C PRO A 489 6.24 0.35 -13.12
N ALA A 490 5.94 0.11 -14.39
CA ALA A 490 6.87 0.52 -15.45
C ALA A 490 7.01 2.03 -15.51
N GLN A 491 5.93 2.76 -15.26
CA GLN A 491 6.00 4.21 -15.30
C GLN A 491 6.68 4.77 -14.04
N VAL A 492 6.57 4.08 -12.91
CA VAL A 492 7.38 4.43 -11.73
C VAL A 492 8.88 4.31 -12.09
N ALA A 493 9.22 3.22 -12.78
CA ALA A 493 10.61 2.98 -13.17
C ALA A 493 11.09 4.03 -14.15
N ALA A 494 10.21 4.51 -15.02
CA ALA A 494 10.55 5.63 -15.93
C ALA A 494 10.89 6.91 -15.18
N SER A 495 10.18 7.18 -14.07
CA SER A 495 10.53 8.31 -13.19
C SER A 495 11.93 8.10 -12.60
N TRP A 496 12.25 6.88 -12.21
CA TRP A 496 13.60 6.55 -11.76
C TRP A 496 14.61 6.77 -12.86
N GLU A 497 14.26 6.37 -14.08
CA GLU A 497 15.18 6.55 -15.20
C GLU A 497 15.54 8.03 -15.44
N SER A 498 14.58 8.93 -15.20
CA SER A 498 14.81 10.38 -15.39
C SER A 498 15.81 10.92 -14.38
N GLY A 499 15.96 10.23 -13.25
CA GLY A 499 16.78 10.70 -12.11
C GLY A 499 16.16 11.80 -11.25
N ARG A 500 14.94 12.22 -11.58
CA ARG A 500 14.23 13.26 -10.82
C ARG A 500 12.82 12.78 -10.52
N ASP A 501 12.75 11.95 -9.49
CA ASP A 501 11.59 11.11 -9.18
C ASP A 501 10.27 11.85 -9.09
N ASP A 502 10.28 13.06 -8.57
CA ASP A 502 9.01 13.75 -8.34
C ASP A 502 8.96 15.12 -9.00
N ALA A 503 9.67 15.26 -10.13
CA ALA A 503 9.72 16.51 -10.86
C ALA A 503 8.36 16.87 -11.45
N ALA A 504 8.04 18.16 -11.49
CA ALA A 504 6.79 18.66 -12.06
C ALA A 504 6.56 18.20 -13.51
N VAL A 505 7.63 18.25 -14.29
CA VAL A 505 7.57 17.95 -15.73
C VAL A 505 7.07 16.53 -16.01
N PHE A 506 7.31 15.60 -15.08
CA PHE A 506 6.86 14.22 -15.19
C PHE A 506 5.48 13.98 -14.56
N GLY A 507 4.77 15.07 -14.26
CA GLY A 507 3.38 15.01 -13.83
C GLY A 507 3.19 14.90 -12.34
N PHE A 508 4.25 15.17 -11.58
CA PHE A 508 4.16 15.05 -10.14
C PHE A 508 3.79 16.39 -9.53
N ILE A 509 2.69 16.39 -8.78
CA ILE A 509 2.13 17.61 -8.20
C ILE A 509 1.21 17.15 -7.10
N ASP A 510 1.22 17.79 -5.94
CA ASP A 510 0.37 17.30 -4.85
C ASP A 510 -1.07 17.81 -5.00
N LYS A 511 -1.99 17.19 -4.25
CA LYS A 511 -3.42 17.47 -4.40
C LYS A 511 -3.72 18.96 -4.27
N GLU A 512 -3.11 19.59 -3.27
CA GLU A 512 -3.43 20.98 -2.97
C GLU A 512 -2.97 21.88 -4.11
N GLN A 513 -1.76 21.61 -4.61
CA GLN A 513 -1.23 22.33 -5.76
C GLN A 513 -2.09 22.13 -7.02
N LEU A 514 -2.49 20.89 -7.28
CA LEU A 514 -3.31 20.58 -8.43
C LEU A 514 -4.69 21.24 -8.29
N ASP A 515 -5.28 21.19 -7.10
CA ASP A 515 -6.58 21.87 -6.90
C ASP A 515 -6.46 23.36 -7.24
N LYS A 516 -5.38 24.01 -6.80
CA LYS A 516 -5.12 25.41 -7.18
C LYS A 516 -4.93 25.59 -8.69
N TYR A 517 -4.18 24.68 -9.31
CA TYR A 517 -3.92 24.79 -10.74
C TYR A 517 -5.25 24.76 -11.50
N VAL A 518 -6.09 23.77 -11.16
CA VAL A 518 -7.42 23.61 -11.74
C VAL A 518 -8.33 24.81 -11.44
N ALA A 519 -8.31 25.28 -10.19
CA ALA A 519 -9.11 26.44 -9.80
C ALA A 519 -8.70 27.72 -10.54
N ASN A 520 -7.45 27.80 -11.00
CA ASN A 520 -6.99 28.95 -11.79
C ASN A 520 -7.16 28.78 -13.31
N GLY A 521 -7.94 27.77 -13.72
CA GLY A 521 -8.31 27.60 -15.13
C GLY A 521 -7.59 26.49 -15.87
N GLY A 522 -6.74 25.74 -15.17
CA GLY A 522 -6.09 24.61 -15.78
C GLY A 522 -6.95 23.35 -15.74
N LYS A 523 -6.57 22.38 -16.55
CA LYS A 523 -7.22 21.08 -16.53
C LYS A 523 -6.31 20.08 -15.84
N ARG A 524 -6.88 19.25 -14.97
CA ARG A 524 -6.09 18.25 -14.24
C ARG A 524 -5.38 17.28 -15.19
N SER A 525 -5.98 16.99 -16.34
CA SER A 525 -5.39 16.10 -17.34
C SER A 525 -4.12 16.68 -17.98
N ASP A 526 -3.86 17.98 -17.77
CA ASP A 526 -2.60 18.60 -18.18
C ASP A 526 -1.39 17.97 -17.47
N TRP A 527 -1.65 17.36 -16.32
CA TRP A 527 -0.61 16.74 -15.49
C TRP A 527 -0.51 15.23 -15.68
N THR A 528 -1.31 14.69 -16.59
CA THR A 528 -1.25 13.26 -16.92
C THR A 528 -0.20 12.97 -17.99
N VAL A 529 0.77 12.14 -17.65
CA VAL A 529 1.78 11.71 -18.61
C VAL A 529 1.35 10.36 -19.13
N LYS A 530 1.03 10.27 -20.42
CA LYS A 530 0.63 9.00 -21.03
C LYS A 530 1.86 8.13 -21.27
N PHE A 531 1.60 6.84 -21.40
CA PHE A 531 2.63 5.84 -21.37
C PHE A 531 2.42 4.85 -22.51
N ALA A 532 3.50 4.31 -23.04
CA ALA A 532 3.39 3.43 -24.19
C ALA A 532 4.43 2.32 -24.14
N GLU A 533 4.15 1.26 -24.88
CA GLU A 533 5.12 0.18 -24.97
C GLU A 533 5.92 0.30 -26.28
N ASN A 534 7.15 -0.20 -26.25
CA ASN A 534 8.02 -0.17 -27.41
C ASN A 534 8.22 -1.59 -27.93
N ARG A 535 7.81 -1.84 -29.17
CA ARG A 535 7.90 -3.18 -29.75
C ARG A 535 8.75 -3.21 -31.01
N SER A 536 9.46 -4.30 -31.22
CA SER A 536 10.25 -4.42 -32.44
C SER A 536 9.33 -4.80 -33.61
N GLN A 537 9.93 -4.82 -34.80
CA GLN A 537 9.21 -5.20 -36.03
C GLN A 537 8.42 -6.49 -35.83
N ASP A 538 9.10 -7.51 -35.32
CA ASP A 538 8.49 -8.83 -35.14
C ASP A 538 7.58 -8.99 -33.91
N GLY A 539 7.26 -7.88 -33.24
CA GLY A 539 6.33 -7.89 -32.10
C GLY A 539 6.94 -8.04 -30.72
N THR A 540 8.26 -8.19 -30.63
CA THR A 540 8.93 -8.42 -29.36
C THR A 540 8.80 -7.19 -28.49
N LEU A 541 8.49 -7.38 -27.21
CA LEU A 541 8.45 -6.26 -26.28
C LEU A 541 9.88 -5.82 -25.92
N LEU A 542 10.21 -4.59 -26.27
CA LEU A 542 11.52 -4.05 -25.97
C LEU A 542 11.54 -3.30 -24.63
N GLY A 543 10.39 -2.81 -24.22
CA GLY A 543 10.27 -1.98 -23.04
C GLY A 543 9.15 -0.97 -23.22
N TYR A 544 9.31 0.18 -22.58
CA TYR A 544 8.28 1.21 -22.47
C TYR A 544 8.91 2.59 -22.59
N SER A 545 8.10 3.56 -23.04
CA SER A 545 8.45 4.99 -22.99
C SER A 545 7.30 5.83 -22.43
N LEU A 546 7.64 6.91 -21.73
CA LEU A 546 6.71 8.01 -21.52
C LEU A 546 6.32 8.53 -22.90
N LEU A 547 5.07 8.95 -23.08
CA LEU A 547 4.70 9.62 -24.33
C LEU A 547 5.05 11.10 -24.22
N GLN A 548 6.35 11.32 -24.07
CA GLN A 548 6.90 12.62 -23.79
C GLN A 548 8.40 12.58 -24.08
N GLU A 549 8.89 13.58 -24.80
CA GLU A 549 10.29 13.67 -25.14
C GLU A 549 10.90 14.74 -24.26
N SER A 550 11.83 14.35 -23.41
CA SER A 550 12.39 15.28 -22.43
C SER A 550 13.56 16.10 -22.97
N VAL A 551 13.53 17.40 -22.68
CA VAL A 551 14.56 18.31 -23.20
C VAL A 551 15.94 18.06 -22.58
N ASP A 552 16.00 17.64 -21.33
CA ASP A 552 17.30 17.26 -20.77
C ASP A 552 17.80 15.98 -21.45
N GLN A 553 16.92 15.00 -21.60
CA GLN A 553 17.22 13.73 -22.27
C GLN A 553 17.74 13.97 -23.70
N ALA A 554 17.02 14.79 -24.47
CA ALA A 554 17.47 15.15 -25.81
C ALA A 554 18.82 15.82 -25.77
N SER A 555 19.03 16.72 -24.80
CA SER A 555 20.29 17.45 -24.69
C SER A 555 21.46 16.55 -24.28
N TYR A 556 21.21 15.57 -23.41
CA TYR A 556 22.23 14.52 -23.09
C TYR A 556 22.53 13.60 -24.27
N MET A 557 21.52 13.29 -25.08
CA MET A 557 21.76 12.56 -26.32
C MET A 557 22.60 13.38 -27.29
N TYR A 558 22.32 14.69 -27.38
CA TYR A 558 23.18 15.60 -28.16
C TYR A 558 24.63 15.46 -27.69
N SER A 559 24.81 15.61 -26.38
CA SER A 559 26.10 15.43 -25.73
C SER A 559 26.76 14.10 -26.08
N ASP A 560 26.00 13.01 -25.99
CA ASP A 560 26.50 11.68 -26.26
C ASP A 560 27.08 11.62 -27.69
N ASN A 561 26.28 12.07 -28.65
CA ASN A 561 26.71 12.15 -30.05
C ASN A 561 27.94 13.05 -30.23
N HIS A 562 27.94 14.20 -29.57
CA HIS A 562 29.05 15.15 -29.65
C HIS A 562 30.39 14.55 -29.18
N TYR A 563 30.37 13.92 -28.01
CA TYR A 563 31.57 13.31 -27.46
C TYR A 563 31.98 12.04 -28.20
N LEU A 564 31.02 11.27 -28.67
CA LEU A 564 31.34 10.11 -29.49
C LEU A 564 32.07 10.58 -30.74
N ALA A 565 31.62 11.67 -31.35
CA ALA A 565 32.25 12.18 -32.57
C ALA A 565 33.70 12.57 -32.27
N GLU A 566 33.92 13.24 -31.15
N GLU A 566 33.89 13.25 -31.15
CA GLU A 566 35.28 13.62 -30.74
CA GLU A 566 35.23 13.64 -30.66
C GLU A 566 36.14 12.40 -30.46
C GLU A 566 36.12 12.42 -30.44
N MET A 567 35.56 11.38 -29.81
CA MET A 567 36.35 10.15 -29.55
C MET A 567 36.66 9.39 -30.83
N ALA A 568 35.68 9.32 -31.73
CA ALA A 568 35.87 8.71 -33.05
C ALA A 568 37.04 9.38 -33.76
N THR A 569 37.07 10.71 -33.76
CA THR A 569 38.20 11.47 -34.32
C THR A 569 39.55 11.11 -33.65
N ILE A 570 39.58 11.15 -32.32
CA ILE A 570 40.78 10.73 -31.55
C ILE A 570 41.27 9.34 -31.96
N LEU A 571 40.33 8.43 -32.20
CA LEU A 571 40.65 7.06 -32.56
C LEU A 571 40.84 6.82 -34.07
N GLY A 572 40.80 7.89 -34.87
CA GLY A 572 41.04 7.78 -36.31
C GLY A 572 39.89 7.08 -37.02
N LYS A 573 38.67 7.37 -36.60
CA LYS A 573 37.44 6.83 -37.21
C LYS A 573 36.62 7.99 -37.77
N PRO A 574 37.12 8.65 -38.84
CA PRO A 574 36.50 9.90 -39.28
C PRO A 574 35.08 9.75 -39.85
N GLU A 575 34.77 8.61 -40.47
CA GLU A 575 33.43 8.44 -41.03
C GLU A 575 32.42 8.20 -39.90
N GLU A 576 32.85 7.52 -38.83
CA GLU A 576 32.00 7.39 -37.65
C GLU A 576 31.78 8.75 -36.98
N ALA A 577 32.83 9.56 -36.92
CA ALA A 577 32.74 10.89 -36.35
C ALA A 577 31.75 11.74 -37.11
N LYS A 578 31.76 11.60 -38.44
CA LYS A 578 30.90 12.38 -39.29
C LYS A 578 29.43 12.06 -39.01
N ARG A 579 29.11 10.77 -38.90
CA ARG A 579 27.74 10.35 -38.61
C ARG A 579 27.27 10.87 -37.25
N TYR A 580 28.11 10.78 -36.23
CA TYR A 580 27.75 11.31 -34.91
C TYR A 580 27.51 12.83 -34.92
N ARG A 581 28.36 13.57 -35.62
CA ARG A 581 28.15 15.01 -35.77
C ARG A 581 26.80 15.30 -36.42
N GLN A 582 26.44 14.51 -37.42
CA GLN A 582 25.18 14.71 -38.12
C GLN A 582 24.00 14.41 -37.20
N LEU A 583 24.13 13.37 -36.38
CA LEU A 583 23.06 13.03 -35.44
C LEU A 583 22.93 14.11 -34.36
N ALA A 584 24.07 14.66 -33.90
CA ALA A 584 24.07 15.76 -32.95
C ALA A 584 23.34 16.96 -33.53
N GLN A 585 23.68 17.35 -34.76
CA GLN A 585 23.08 18.50 -35.40
C GLN A 585 21.55 18.34 -35.51
N GLN A 586 21.10 17.14 -35.86
CA GLN A 586 19.66 16.87 -35.96
C GLN A 586 18.98 17.06 -34.63
N LEU A 587 19.60 16.55 -33.58
CA LEU A 587 19.05 16.73 -32.24
C LEU A 587 19.00 18.17 -31.83
N ALA A 588 20.07 18.92 -32.10
CA ALA A 588 20.08 20.35 -31.82
C ALA A 588 18.94 21.05 -32.55
N ASP A 589 18.79 20.74 -33.82
CA ASP A 589 17.71 21.33 -34.59
C ASP A 589 16.33 21.04 -33.98
N TYR A 590 16.11 19.81 -33.51
CA TYR A 590 14.85 19.42 -32.92
C TYR A 590 14.63 20.15 -31.60
N ILE A 591 15.66 20.19 -30.75
CA ILE A 591 15.59 20.90 -29.46
C ILE A 591 15.23 22.37 -29.65
N ASN A 592 15.89 23.04 -30.58
CA ASN A 592 15.66 24.47 -30.79
C ASN A 592 14.31 24.77 -31.43
N THR A 593 13.87 23.92 -32.35
CA THR A 593 12.61 24.13 -33.03
C THR A 593 11.40 23.73 -32.20
N CYS A 594 11.49 22.55 -31.57
CA CYS A 594 10.36 21.94 -30.88
C CYS A 594 10.25 22.29 -29.40
N MET A 595 11.40 22.33 -28.71
CA MET A 595 11.38 22.43 -27.26
C MET A 595 11.56 23.86 -26.71
N PHE A 596 11.95 24.82 -27.55
CA PHE A 596 12.03 26.21 -27.13
C PHE A 596 10.70 26.92 -27.35
N ASP A 597 10.21 27.57 -26.30
CA ASP A 597 9.05 28.45 -26.33
C ASP A 597 9.45 29.94 -26.30
N PRO A 598 9.31 30.64 -27.43
CA PRO A 598 9.65 32.07 -27.47
C PRO A 598 8.89 32.91 -26.45
N THR A 599 7.61 32.58 -26.24
CA THR A 599 6.73 33.38 -25.37
C THR A 599 7.22 33.45 -23.93
N THR A 600 7.64 32.32 -23.37
CA THR A 600 8.21 32.30 -22.02
C THR A 600 9.75 32.27 -21.98
N GLN A 601 10.40 32.35 -23.14
CA GLN A 601 11.87 32.45 -23.23
C GLN A 601 12.58 31.28 -22.54
N PHE A 602 12.05 30.08 -22.72
CA PHE A 602 12.58 28.93 -22.03
C PHE A 602 12.37 27.65 -22.82
N TYR A 603 13.07 26.60 -22.41
CA TYR A 603 12.87 25.29 -23.00
C TYR A 603 12.04 24.37 -22.09
N TYR A 604 11.32 23.45 -22.70
CA TYR A 604 10.44 22.52 -22.00
C TYR A 604 10.41 21.17 -22.69
N ASP A 605 9.97 20.15 -21.97
CA ASP A 605 9.67 18.86 -22.55
C ASP A 605 8.54 19.06 -23.56
N VAL A 606 8.43 18.15 -24.54
CA VAL A 606 7.25 18.07 -25.41
C VAL A 606 6.47 16.75 -25.22
N ARG A 607 5.14 16.79 -25.34
CA ARG A 607 4.40 15.52 -25.39
C ARG A 607 4.61 14.84 -26.72
N ILE A 608 4.51 13.52 -26.75
CA ILE A 608 4.28 12.80 -28.00
C ILE A 608 2.77 12.80 -28.16
N GLU A 609 2.27 13.76 -28.93
CA GLU A 609 0.84 13.90 -29.15
C GLU A 609 0.34 12.81 -30.10
N ASP A 610 -0.96 12.67 -30.21
CA ASP A 610 -1.55 11.61 -31.04
C ASP A 610 -1.05 11.68 -32.48
N LYS A 611 -0.88 12.88 -33.01
CA LYS A 611 -0.18 13.10 -34.27
C LYS A 611 0.86 14.19 -34.07
N PRO A 612 1.94 14.14 -34.85
CA PRO A 612 2.93 15.22 -34.73
C PRO A 612 2.40 16.57 -35.22
N LEU A 613 3.01 17.66 -34.76
CA LEU A 613 2.69 18.96 -35.31
C LEU A 613 3.07 18.99 -36.80
N ALA A 614 2.56 20.00 -37.49
CA ALA A 614 2.87 20.21 -38.88
C ALA A 614 4.36 20.33 -39.16
N ASN A 615 5.09 21.00 -38.27
CA ASN A 615 6.54 21.15 -38.44
C ASN A 615 7.35 19.90 -38.10
N GLY A 616 6.68 18.79 -37.78
CA GLY A 616 7.37 17.53 -37.52
C GLY A 616 7.68 17.30 -36.06
N CYS A 617 7.46 18.30 -35.20
CA CYS A 617 7.65 18.11 -33.77
C CYS A 617 6.59 17.14 -33.22
N ALA A 618 6.99 16.27 -32.31
CA ALA A 618 6.07 15.27 -31.74
C ALA A 618 4.92 15.88 -30.95
N GLY A 619 5.10 17.09 -30.44
CA GLY A 619 4.05 17.80 -29.71
C GLY A 619 4.51 19.20 -29.31
N LYS A 620 3.61 19.94 -28.67
CA LYS A 620 3.88 21.29 -28.18
C LYS A 620 4.72 21.20 -26.92
N PRO A 621 5.50 22.24 -26.64
CA PRO A 621 6.21 22.26 -25.35
C PRO A 621 5.21 22.34 -24.21
N ILE A 622 5.51 21.67 -23.10
CA ILE A 622 4.58 21.53 -22.00
C ILE A 622 4.75 22.72 -21.04
N VAL A 623 4.46 23.91 -21.56
CA VAL A 623 4.70 25.15 -20.83
C VAL A 623 3.88 25.23 -19.54
N GLU A 624 2.72 24.57 -19.53
CA GLU A 624 1.78 24.71 -18.41
C GLU A 624 2.24 24.03 -17.13
N ARG A 625 3.18 23.09 -17.22
CA ARG A 625 3.75 22.46 -16.02
C ARG A 625 4.89 23.31 -15.45
N GLY A 626 5.22 24.43 -16.10
CA GLY A 626 6.19 25.37 -15.53
C GLY A 626 7.63 25.01 -15.86
N LYS A 627 8.53 25.85 -15.38
CA LYS A 627 9.94 25.78 -15.73
C LYS A 627 10.72 24.95 -14.71
N GLY A 628 11.74 24.27 -15.21
CA GLY A 628 12.64 23.49 -14.40
C GLY A 628 14.07 23.57 -14.91
N PRO A 629 14.99 22.92 -14.20
CA PRO A 629 16.40 22.98 -14.58
C PRO A 629 16.67 22.31 -15.94
N GLU A 630 15.74 21.47 -16.41
CA GLU A 630 15.85 20.90 -17.76
C GLU A 630 15.95 22.00 -18.81
N GLY A 631 15.33 23.12 -18.53
CA GLY A 631 15.39 24.29 -19.38
C GLY A 631 16.76 24.82 -19.71
N TRP A 632 17.74 24.63 -18.83
CA TRP A 632 19.12 24.99 -19.18
C TRP A 632 19.99 23.82 -19.65
N SER A 633 19.42 22.61 -19.73
CA SER A 633 20.17 21.48 -20.24
C SER A 633 20.69 21.72 -21.68
N PRO A 634 19.88 22.36 -22.55
CA PRO A 634 20.47 22.64 -23.87
C PRO A 634 21.67 23.57 -23.85
N LEU A 635 21.79 24.42 -22.82
CA LEU A 635 22.95 25.29 -22.69
C LEU A 635 24.12 24.50 -22.15
N PHE A 636 23.89 23.77 -21.06
CA PHE A 636 24.96 22.94 -20.49
C PHE A 636 25.58 22.03 -21.58
N ASN A 637 24.71 21.39 -22.34
CA ASN A 637 25.14 20.39 -23.34
C ASN A 637 25.54 20.99 -24.68
N GLY A 638 25.31 22.29 -24.87
CA GLY A 638 25.79 22.97 -26.07
C GLY A 638 24.90 22.82 -27.31
N ALA A 639 23.64 22.45 -27.11
CA ALA A 639 22.71 22.28 -28.23
C ALA A 639 22.00 23.58 -28.58
N ALA A 640 22.01 24.54 -27.67
CA ALA A 640 21.25 25.76 -27.83
C ALA A 640 21.89 26.69 -28.85
N THR A 641 21.06 27.44 -29.60
CA THR A 641 21.55 28.59 -30.33
C THR A 641 21.88 29.70 -29.33
N GLN A 642 22.74 30.62 -29.72
CA GLN A 642 23.08 31.75 -28.88
C GLN A 642 21.85 32.54 -28.45
N ALA A 643 20.95 32.79 -29.41
CA ALA A 643 19.76 33.59 -29.16
C ALA A 643 18.90 32.94 -28.07
N ASN A 644 18.73 31.63 -28.18
CA ASN A 644 17.89 30.88 -27.24
C ASN A 644 18.56 30.81 -25.88
N ALA A 645 19.88 30.61 -25.89
CA ALA A 645 20.66 30.69 -24.67
C ALA A 645 20.55 32.05 -23.97
N ASP A 646 20.68 33.15 -24.72
CA ASP A 646 20.48 34.49 -24.14
C ASP A 646 19.13 34.62 -23.43
N ALA A 647 18.06 34.12 -24.07
CA ALA A 647 16.73 34.13 -23.47
C ALA A 647 16.65 33.32 -22.17
N VAL A 648 17.23 32.13 -22.18
CA VAL A 648 17.23 31.27 -21.01
C VAL A 648 18.01 31.92 -19.84
N VAL A 649 19.17 32.50 -20.12
CA VAL A 649 19.99 33.10 -19.06
C VAL A 649 19.24 34.22 -18.33
N LYS A 650 18.44 35.02 -19.07
CA LYS A 650 17.66 36.10 -18.44
C LYS A 650 16.68 35.50 -17.45
N VAL A 651 16.06 34.36 -17.81
CA VAL A 651 15.16 33.66 -16.90
C VAL A 651 15.92 33.11 -15.69
N MET A 652 17.10 32.57 -15.92
CA MET A 652 17.89 31.98 -14.83
C MET A 652 18.29 33.03 -13.81
N LEU A 653 18.59 34.24 -14.31
CA LEU A 653 19.05 35.32 -13.46
C LEU A 653 17.92 36.15 -12.82
N ASP A 654 16.67 35.78 -13.12
CA ASP A 654 15.50 36.48 -12.55
C ASP A 654 15.23 35.93 -11.15
N PRO A 655 15.31 36.79 -10.11
CA PRO A 655 14.97 36.34 -8.74
C PRO A 655 13.57 35.81 -8.57
N LYS A 656 12.67 36.13 -9.50
CA LYS A 656 11.30 35.67 -9.45
C LYS A 656 11.11 34.30 -10.10
N GLU A 657 12.15 33.79 -10.76
CA GLU A 657 12.15 32.47 -11.37
C GLU A 657 13.13 31.53 -10.70
N PHE A 658 14.43 31.71 -10.96
CA PHE A 658 15.48 30.81 -10.43
C PHE A 658 16.57 31.50 -9.61
N ASN A 659 16.64 32.83 -9.61
CA ASN A 659 17.78 33.50 -8.97
C ASN A 659 17.47 33.77 -7.51
N THR A 660 17.34 32.66 -6.78
CA THR A 660 16.91 32.61 -5.40
C THR A 660 18.09 32.67 -4.45
N PHE A 661 17.81 32.75 -3.15
CA PHE A 661 18.85 32.88 -2.12
C PHE A 661 19.99 31.87 -2.38
N VAL A 662 19.64 30.61 -2.57
CA VAL A 662 20.55 29.65 -3.23
C VAL A 662 19.96 29.43 -4.62
N PRO A 663 20.65 29.89 -5.67
CA PRO A 663 20.07 29.89 -7.01
C PRO A 663 20.02 28.53 -7.76
N LEU A 664 19.19 28.49 -8.80
CA LEU A 664 19.11 27.44 -9.82
C LEU A 664 18.61 26.10 -9.28
N GLY A 665 17.50 26.16 -8.55
CA GLY A 665 16.82 25.00 -8.05
C GLY A 665 16.01 24.22 -9.07
N THR A 666 15.34 23.19 -8.57
CA THR A 666 14.73 22.18 -9.43
C THR A 666 13.33 22.51 -9.92
N ALA A 667 12.79 23.67 -9.51
CA ALA A 667 11.63 24.27 -10.15
C ALA A 667 11.66 25.76 -9.93
N ALA A 668 11.20 26.51 -10.93
CA ALA A 668 11.14 27.96 -10.79
C ALA A 668 10.14 28.31 -9.71
N LEU A 669 10.30 29.49 -9.11
CA LEU A 669 9.33 29.97 -8.10
C LEU A 669 7.88 30.01 -8.65
N THR A 670 7.75 30.24 -9.95
CA THR A 670 6.48 30.34 -10.67
C THR A 670 5.86 29.00 -11.11
N ASN A 671 6.59 27.91 -10.90
CA ASN A 671 6.10 26.60 -11.25
C ASN A 671 4.89 26.25 -10.39
N PRO A 672 3.77 25.83 -11.01
CA PRO A 672 2.56 25.49 -10.25
C PRO A 672 2.77 24.41 -9.18
N ALA A 673 3.81 23.59 -9.32
CA ALA A 673 4.08 22.52 -8.38
C ALA A 673 5.30 22.78 -7.49
N PHE A 674 5.78 24.03 -7.49
CA PHE A 674 6.93 24.44 -6.67
C PHE A 674 6.69 24.20 -5.18
N GLY A 675 7.72 23.73 -4.49
CA GLY A 675 7.75 23.76 -3.04
C GLY A 675 9.20 23.80 -2.64
N ALA A 676 9.53 24.69 -1.70
CA ALA A 676 10.93 24.90 -1.35
C ALA A 676 11.56 23.71 -0.65
N ASP A 677 10.75 22.80 -0.11
CA ASP A 677 11.25 21.59 0.51
C ASP A 677 11.02 20.31 -0.30
N ILE A 678 10.62 20.45 -1.56
CA ILE A 678 10.39 19.31 -2.45
C ILE A 678 11.67 19.02 -3.21
N TYR A 679 12.16 17.78 -3.09
CA TYR A 679 13.46 17.37 -3.63
C TYR A 679 13.65 17.79 -5.09
N TRP A 680 12.67 17.47 -5.94
CA TRP A 680 12.80 17.75 -7.37
C TRP A 680 11.82 18.81 -7.88
N ARG A 681 11.19 19.56 -6.99
CA ARG A 681 10.34 20.71 -7.37
C ARG A 681 10.66 21.97 -6.60
N GLY A 682 11.95 22.18 -6.30
CA GLY A 682 12.38 23.46 -5.73
C GLY A 682 13.77 23.42 -5.13
N ARG A 683 14.10 22.33 -4.47
CA ARG A 683 15.40 22.22 -3.82
C ARG A 683 16.51 22.32 -4.84
N VAL A 684 17.65 22.87 -4.39
CA VAL A 684 18.85 23.04 -5.20
C VAL A 684 19.82 21.90 -4.99
N TRP A 685 20.15 21.22 -6.08
CA TRP A 685 21.17 20.20 -6.10
C TRP A 685 22.39 20.78 -6.78
N VAL A 686 23.57 20.35 -6.37
CA VAL A 686 24.81 20.98 -6.82
C VAL A 686 25.09 20.63 -8.29
N ASP A 687 24.65 19.46 -8.76
CA ASP A 687 24.84 19.09 -10.15
C ASP A 687 24.07 20.00 -11.10
N GLN A 688 22.77 20.18 -10.85
CA GLN A 688 21.96 21.07 -11.69
C GLN A 688 22.42 22.53 -11.63
N PHE A 689 22.91 22.94 -10.45
CA PHE A 689 23.45 24.26 -10.28
C PHE A 689 24.69 24.42 -11.15
N TRP A 690 25.60 23.44 -11.06
CA TRP A 690 26.83 23.50 -11.83
C TRP A 690 26.55 23.39 -13.34
N PHE A 691 25.62 22.52 -13.74
CA PHE A 691 25.19 22.48 -15.15
C PHE A 691 24.75 23.86 -15.64
N GLY A 692 24.03 24.58 -14.77
CA GLY A 692 23.56 25.94 -15.07
C GLY A 692 24.68 26.90 -15.27
N LEU A 693 25.65 26.90 -14.35
CA LEU A 693 26.79 27.79 -14.44
C LEU A 693 27.61 27.49 -15.70
N LYS A 694 27.85 26.21 -15.97
CA LYS A 694 28.58 25.80 -17.16
C LYS A 694 27.88 26.21 -18.45
N GLY A 695 26.55 26.05 -18.48
CA GLY A 695 25.75 26.48 -19.62
C GLY A 695 25.81 27.98 -19.86
N MET A 696 25.69 28.75 -18.78
CA MET A 696 25.82 30.20 -18.84
C MET A 696 27.19 30.58 -19.40
N GLU A 697 28.25 29.99 -18.85
CA GLU A 697 29.62 30.29 -19.26
C GLU A 697 29.82 29.97 -20.75
N ARG A 698 29.27 28.83 -21.18
CA ARG A 698 29.41 28.38 -22.54
C ARG A 698 28.89 29.40 -23.54
N TYR A 699 27.87 30.17 -23.14
CA TYR A 699 27.22 31.12 -24.04
C TYR A 699 27.55 32.58 -23.75
N GLY A 700 28.68 32.84 -23.10
CA GLY A 700 29.24 34.19 -22.96
C GLY A 700 29.05 34.80 -21.59
N TYR A 701 28.42 34.08 -20.67
CA TYR A 701 28.08 34.66 -19.38
C TYR A 701 28.97 34.17 -18.24
N ARG A 702 30.28 34.08 -18.47
CA ARG A 702 31.18 33.72 -17.38
C ARG A 702 31.04 34.66 -16.18
N ASP A 703 30.92 35.96 -16.43
CA ASP A 703 30.90 36.92 -15.34
C ASP A 703 29.70 36.65 -14.43
N ASP A 704 28.55 36.36 -15.02
CA ASP A 704 27.36 36.06 -14.23
C ASP A 704 27.45 34.72 -13.52
N ALA A 705 28.04 33.72 -14.17
CA ALA A 705 28.28 32.42 -13.51
C ALA A 705 29.16 32.57 -12.24
N LEU A 706 30.22 33.37 -12.38
CA LEU A 706 31.10 33.64 -11.26
C LEU A 706 30.35 34.30 -10.11
N LYS A 707 29.43 35.20 -10.43
CA LYS A 707 28.63 35.88 -9.41
C LYS A 707 27.69 34.87 -8.70
N LEU A 708 27.04 33.99 -9.46
CA LEU A 708 26.16 32.98 -8.85
C LEU A 708 26.96 32.03 -7.96
N ALA A 709 28.18 31.72 -8.37
CA ALA A 709 29.06 30.84 -7.61
C ALA A 709 29.43 31.48 -6.28
N ASP A 710 29.76 32.77 -6.29
CA ASP A 710 29.97 33.54 -5.04
C ASP A 710 28.70 33.54 -4.17
N THR A 711 27.54 33.74 -4.78
CA THR A 711 26.28 33.74 -4.04
C THR A 711 26.07 32.38 -3.32
N PHE A 712 26.25 31.30 -4.08
CA PHE A 712 26.17 29.95 -3.54
C PHE A 712 27.14 29.80 -2.38
N PHE A 713 28.38 30.23 -2.59
CA PHE A 713 29.38 30.07 -1.55
C PHE A 713 28.98 30.80 -0.28
N ARG A 714 28.31 31.94 -0.40
CA ARG A 714 27.92 32.74 0.78
C ARG A 714 26.63 32.27 1.44
N HIS A 715 25.74 31.65 0.67
CA HIS A 715 24.36 31.38 1.13
C HIS A 715 24.06 29.89 1.37
N ALA A 716 24.83 28.99 0.75
CA ALA A 716 24.64 27.55 0.96
C ALA A 716 25.05 27.20 2.39
N LYS A 717 24.11 26.78 3.24
CA LYS A 717 24.42 26.60 4.67
C LYS A 717 25.41 25.47 4.88
N GLY A 718 26.33 25.69 5.81
CA GLY A 718 27.22 24.63 6.26
C GLY A 718 28.47 24.45 5.45
N LEU A 719 28.56 25.16 4.32
CA LEU A 719 29.66 24.99 3.39
C LEU A 719 31.04 25.15 4.02
N THR A 720 31.24 26.17 4.87
CA THR A 720 32.57 26.41 5.46
C THR A 720 32.70 25.79 6.85
N ALA A 721 31.70 25.05 7.30
CA ALA A 721 31.75 24.34 8.58
C ALA A 721 32.22 22.90 8.35
N ASP A 722 32.19 22.10 9.40
CA ASP A 722 32.86 20.81 9.40
C ASP A 722 31.88 19.62 9.34
N GLY A 723 30.66 19.89 8.87
CA GLY A 723 29.69 18.85 8.67
C GLY A 723 29.91 18.08 7.37
N PRO A 724 29.30 16.91 7.28
CA PRO A 724 29.41 16.12 6.06
C PRO A 724 28.60 16.75 4.93
N ILE A 725 29.01 16.48 3.71
CA ILE A 725 28.36 17.03 2.53
C ILE A 725 27.04 16.30 2.29
N GLN A 726 25.95 17.05 2.08
CA GLN A 726 24.62 16.47 1.88
C GLN A 726 24.13 16.62 0.43
N GLU A 727 22.84 16.38 0.18
CA GLU A 727 22.33 16.25 -1.19
C GLU A 727 21.82 17.53 -1.83
N ASN A 728 21.12 18.38 -1.06
CA ASN A 728 20.44 19.53 -1.65
C ASN A 728 20.13 20.64 -0.66
N TYR A 729 19.59 21.74 -1.18
CA TYR A 729 19.33 22.93 -0.41
C TYR A 729 17.97 23.52 -0.65
N ASN A 730 17.36 24.05 0.40
CA ASN A 730 16.21 24.91 0.27
C ASN A 730 16.63 26.20 -0.47
N PRO A 731 15.96 26.50 -1.60
CA PRO A 731 16.40 27.64 -2.39
C PRO A 731 16.14 28.98 -1.69
N LEU A 732 15.17 29.00 -0.79
CA LEU A 732 14.79 30.22 -0.08
C LEU A 732 15.62 30.47 1.19
N THR A 733 16.11 29.39 1.81
CA THR A 733 16.80 29.50 3.12
C THR A 733 18.22 28.99 3.15
N GLY A 734 18.62 28.16 2.17
CA GLY A 734 19.96 27.58 2.13
C GLY A 734 20.12 26.35 3.01
N ALA A 735 19.05 25.95 3.70
CA ALA A 735 19.08 24.80 4.58
C ALA A 735 19.38 23.51 3.81
N GLN A 736 20.27 22.68 4.36
CA GLN A 736 20.63 21.39 3.77
C GLN A 736 19.72 20.24 4.16
N GLN A 737 19.55 19.30 3.23
CA GLN A 737 18.92 18.02 3.51
C GLN A 737 19.65 16.94 2.72
N GLY A 738 19.41 15.69 3.12
CA GLY A 738 19.90 14.54 2.38
C GLY A 738 20.95 13.75 3.11
N ALA A 739 21.38 12.67 2.47
CA ALA A 739 22.36 11.75 3.01
C ALA A 739 23.68 12.48 3.25
N PRO A 740 24.29 12.27 4.42
CA PRO A 740 25.60 12.85 4.68
C PRO A 740 26.69 12.09 3.91
N ASN A 741 27.77 12.79 3.54
CA ASN A 741 28.86 12.22 2.73
C ASN A 741 28.40 11.81 1.32
N PHE A 742 27.64 12.71 0.68
CA PHE A 742 27.02 12.44 -0.62
C PHE A 742 27.97 12.75 -1.76
N SER A 743 28.30 11.71 -2.53
CA SER A 743 29.32 11.80 -3.58
C SER A 743 29.08 12.84 -4.66
N TRP A 744 27.91 12.87 -5.29
CA TRP A 744 27.79 13.80 -6.43
C TRP A 744 27.76 15.25 -5.99
N SER A 745 27.30 15.52 -4.76
CA SER A 745 27.49 16.87 -4.24
C SER A 745 28.97 17.18 -4.12
N ALA A 746 29.73 16.27 -3.53
CA ALA A 746 31.17 16.42 -3.41
C ALA A 746 31.81 16.65 -4.77
N ALA A 747 31.35 15.90 -5.77
CA ALA A 747 31.94 15.97 -7.11
C ALA A 747 31.75 17.35 -7.71
N HIS A 748 30.53 17.87 -7.61
CA HIS A 748 30.23 19.19 -8.17
C HIS A 748 30.73 20.35 -7.32
N LEU A 749 30.83 20.14 -6.00
CA LEU A 749 31.55 21.11 -5.16
C LEU A 749 33.02 21.19 -5.57
N TYR A 750 33.62 20.05 -5.82
CA TYR A 750 35.00 20.02 -6.36
C TYR A 750 35.08 20.79 -7.70
N MET A 751 34.16 20.53 -8.62
CA MET A 751 34.12 21.20 -9.93
CA MET A 751 34.22 21.20 -9.92
C MET A 751 33.98 22.70 -9.77
N LEU A 752 33.15 23.11 -8.80
CA LEU A 752 32.95 24.54 -8.53
C LEU A 752 34.24 25.19 -8.04
N TYR A 753 34.94 24.55 -7.11
CA TYR A 753 36.26 25.01 -6.67
C TYR A 753 37.24 25.16 -7.86
N ASN A 754 37.24 24.17 -8.74
CA ASN A 754 38.09 24.15 -9.93
C ASN A 754 37.72 25.24 -10.95
N ASP A 755 36.42 25.44 -11.17
CA ASP A 755 35.94 26.25 -12.32
C ASP A 755 35.50 27.67 -11.92
N PHE A 756 34.94 27.84 -10.73
CA PHE A 756 34.16 29.06 -10.44
C PHE A 756 34.41 29.78 -9.12
N PHE A 757 34.78 29.06 -8.06
CA PHE A 757 35.08 29.72 -6.80
C PHE A 757 36.40 30.52 -6.90
N ARG A 758 36.39 31.72 -6.33
CA ARG A 758 37.61 32.50 -6.23
C ARG A 758 37.53 33.57 -5.17
N LYS A 759 38.69 34.09 -4.79
CA LYS A 759 38.78 35.20 -3.90
C LYS A 759 38.05 36.37 -4.53
N GLN A 760 37.30 37.08 -3.71
CA GLN A 760 36.50 38.18 -4.21
C GLN A 760 37.33 39.46 -4.15
N ASN B 1 -51.78 -5.79 13.56
CA ASN B 1 -52.15 -4.64 12.70
C ASN B 1 -51.07 -3.56 12.58
N ALA B 2 -50.75 -3.25 11.32
CA ALA B 2 -49.65 -2.37 10.98
C ALA B 2 -49.72 -0.98 11.66
N ASP B 3 -50.93 -0.50 11.93
CA ASP B 3 -51.11 0.83 12.54
C ASP B 3 -50.68 0.98 13.99
N ASN B 4 -50.46 -0.14 14.66
CA ASN B 4 -49.88 -0.15 16.01
C ASN B 4 -48.39 0.10 16.00
N TYR B 5 -47.79 0.15 14.82
CA TYR B 5 -46.34 0.28 14.72
C TYR B 5 -45.93 1.47 13.88
N LYS B 6 -46.24 2.68 14.37
CA LYS B 6 -45.86 3.90 13.66
C LYS B 6 -44.42 4.31 13.94
N ASN B 7 -43.69 4.67 12.88
CA ASN B 7 -42.34 5.21 12.96
C ASN B 7 -41.41 4.34 13.78
N VAL B 8 -41.38 3.04 13.49
CA VAL B 8 -40.47 2.14 14.22
C VAL B 8 -39.02 2.54 13.93
N ILE B 9 -38.75 2.84 12.67
CA ILE B 9 -37.51 3.47 12.25
C ILE B 9 -37.82 4.88 11.78
N ASN B 10 -36.91 5.82 12.07
CA ASN B 10 -37.02 7.18 11.60
C ASN B 10 -36.74 7.20 10.10
N ARG B 11 -37.78 7.39 9.30
CA ARG B 11 -37.65 7.40 7.84
C ARG B 11 -37.80 8.79 7.23
N THR B 12 -37.64 9.82 8.06
CA THR B 12 -37.67 11.23 7.61
C THR B 12 -36.31 11.62 7.01
N GLY B 13 -36.32 12.53 6.06
CA GLY B 13 -35.06 13.01 5.53
C GLY B 13 -35.28 13.85 4.29
N ALA B 14 -34.35 14.74 4.02
CA ALA B 14 -34.40 15.56 2.82
C ALA B 14 -32.98 15.63 2.33
N PRO B 15 -32.55 14.61 1.60
CA PRO B 15 -31.17 14.54 1.16
C PRO B 15 -30.78 15.71 0.25
N GLN B 16 -29.55 16.16 0.36
CA GLN B 16 -29.05 17.23 -0.51
C GLN B 16 -27.85 16.80 -1.38
N TYR B 17 -27.41 15.54 -1.24
CA TYR B 17 -26.30 15.03 -2.03
C TYR B 17 -26.67 13.65 -2.53
N MET B 18 -26.11 13.25 -3.67
CA MET B 18 -26.33 11.90 -4.17
C MET B 18 -25.83 10.88 -3.15
N LYS B 19 -24.67 11.19 -2.60
CA LYS B 19 -24.04 10.41 -1.56
C LYS B 19 -24.17 11.22 -0.28
N ASP B 20 -25.30 11.07 0.39
CA ASP B 20 -25.58 11.85 1.60
C ASP B 20 -25.26 10.91 2.76
N TYR B 21 -23.96 10.80 3.04
CA TYR B 21 -23.42 9.70 3.82
C TYR B 21 -23.29 10.00 5.33
N ASP B 22 -23.33 8.94 6.13
CA ASP B 22 -22.99 9.03 7.55
C ASP B 22 -21.48 8.86 7.68
N TYR B 23 -20.99 8.78 8.92
CA TYR B 23 -19.55 8.74 9.18
C TYR B 23 -18.82 7.59 8.48
N ASP B 24 -19.53 6.48 8.24
CA ASP B 24 -18.94 5.31 7.61
C ASP B 24 -19.43 5.03 6.19
N ASP B 25 -19.85 6.09 5.50
CA ASP B 25 -20.13 6.10 4.05
C ASP B 25 -21.44 5.43 3.63
N HIS B 26 -22.32 5.25 4.59
CA HIS B 26 -23.65 4.70 4.35
C HIS B 26 -24.66 5.84 4.22
N GLN B 27 -25.68 5.65 3.38
CA GLN B 27 -26.68 6.72 3.26
C GLN B 27 -27.31 6.96 4.65
N ARG B 28 -27.37 8.21 5.06
CA ARG B 28 -27.71 8.55 6.46
C ARG B 28 -29.22 8.69 6.73
N PHE B 29 -30.04 8.34 5.74
CA PHE B 29 -31.49 8.29 5.91
C PHE B 29 -31.93 6.86 5.57
N ASN B 30 -33.17 6.52 5.96
CA ASN B 30 -33.67 5.15 5.94
C ASN B 30 -34.91 5.02 5.07
N PRO B 31 -34.72 4.98 3.74
CA PRO B 31 -35.88 4.98 2.87
C PRO B 31 -36.68 3.68 2.96
N PHE B 32 -37.95 3.81 2.62
CA PHE B 32 -38.89 2.70 2.53
C PHE B 32 -38.83 2.03 1.15
N PHE B 33 -38.49 0.75 1.14
CA PHE B 33 -38.45 -0.09 -0.07
C PHE B 33 -39.32 -1.30 0.23
N ASP B 34 -39.99 -1.86 -0.78
CA ASP B 34 -40.85 -3.03 -0.58
C ASP B 34 -41.03 -3.78 -1.89
N LEU B 35 -41.45 -5.04 -1.80
CA LEU B 35 -41.73 -5.89 -2.95
C LEU B 35 -40.48 -6.19 -3.81
N GLY B 36 -39.32 -5.96 -3.24
CA GLY B 36 -38.09 -6.18 -3.96
C GLY B 36 -37.74 -5.08 -4.91
N ALA B 37 -38.40 -3.94 -4.79
CA ALA B 37 -38.21 -2.87 -5.75
C ALA B 37 -36.84 -2.21 -5.69
N TRP B 38 -36.52 -1.45 -6.74
CA TRP B 38 -35.20 -0.86 -6.89
C TRP B 38 -35.21 0.68 -6.72
N HIS B 39 -36.20 1.17 -5.99
CA HIS B 39 -36.23 2.56 -5.56
C HIS B 39 -36.99 2.65 -4.25
N GLY B 40 -36.68 3.69 -3.48
CA GLY B 40 -37.28 3.91 -2.18
C GLY B 40 -37.56 5.37 -1.89
N HIS B 41 -38.26 5.60 -0.78
CA HIS B 41 -38.85 6.87 -0.48
C HIS B 41 -38.68 7.24 1.00
N LEU B 42 -38.61 8.54 1.27
CA LEU B 42 -38.54 9.03 2.64
C LEU B 42 -39.78 9.84 2.99
N LEU B 43 -39.96 10.11 4.28
CA LEU B 43 -41.01 10.99 4.75
C LEU B 43 -40.52 12.41 4.77
N PRO B 44 -41.43 13.38 4.59
CA PRO B 44 -41.08 14.79 4.72
C PRO B 44 -40.72 15.10 6.18
N ASP B 45 -39.81 16.04 6.37
CA ASP B 45 -39.28 16.42 7.70
C ASP B 45 -39.75 17.80 8.20
N GLY B 46 -40.65 18.43 7.47
CA GLY B 46 -41.08 19.80 7.80
C GLY B 46 -41.68 20.51 6.60
N PRO B 47 -41.90 21.83 6.72
CA PRO B 47 -42.63 22.55 5.69
C PRO B 47 -41.96 22.56 4.31
N ASN B 48 -40.65 22.40 4.24
CA ASN B 48 -39.98 22.44 2.94
C ASN B 48 -40.16 21.21 2.10
N THR B 49 -40.54 20.09 2.72
CA THR B 49 -40.80 18.85 1.97
C THR B 49 -42.25 18.35 2.11
N MET B 50 -43.04 19.02 2.94
CA MET B 50 -44.43 18.66 3.11
C MET B 50 -45.17 18.64 1.78
N GLY B 51 -46.00 17.61 1.54
CA GLY B 51 -46.74 17.45 0.30
C GLY B 51 -46.13 16.42 -0.63
N GLY B 52 -44.93 15.97 -0.31
CA GLY B 52 -44.28 14.91 -1.07
C GLY B 52 -43.49 13.99 -0.18
N PHE B 53 -43.00 12.91 -0.79
CA PHE B 53 -42.12 11.95 -0.10
C PHE B 53 -40.73 12.16 -0.67
N PRO B 54 -39.90 12.95 0.03
CA PRO B 54 -38.65 13.37 -0.55
C PRO B 54 -37.62 12.25 -0.64
N GLY B 55 -36.51 12.51 -1.30
CA GLY B 55 -35.38 11.62 -1.24
C GLY B 55 -35.62 10.33 -1.99
N VAL B 56 -35.99 10.44 -3.25
CA VAL B 56 -36.09 9.29 -4.15
C VAL B 56 -34.72 8.62 -4.13
N ALA B 57 -34.68 7.38 -3.63
CA ALA B 57 -33.45 6.60 -3.57
C ALA B 57 -33.42 5.59 -4.70
N LEU B 58 -32.43 5.70 -5.58
CA LEU B 58 -32.32 4.77 -6.71
C LEU B 58 -31.25 3.74 -6.42
N LEU B 59 -31.59 2.46 -6.61
CA LEU B 59 -30.62 1.39 -6.51
C LEU B 59 -30.04 1.15 -7.90
N THR B 60 -28.91 1.80 -8.15
CA THR B 60 -28.26 1.73 -9.46
C THR B 60 -27.38 0.49 -9.58
N GLU B 61 -28.06 -0.64 -9.79
CA GLU B 61 -27.48 -1.97 -9.93
C GLU B 61 -26.83 -2.55 -8.66
N GLU B 62 -25.86 -1.82 -8.10
CA GLU B 62 -25.08 -2.32 -6.96
C GLU B 62 -24.89 -1.29 -5.85
N TYR B 63 -25.45 -0.08 -6.00
CA TYR B 63 -25.30 1.01 -5.05
C TYR B 63 -26.62 1.78 -4.87
N ILE B 64 -26.76 2.41 -3.71
CA ILE B 64 -27.89 3.32 -3.42
C ILE B 64 -27.45 4.76 -3.67
N ASN B 65 -28.16 5.46 -4.54
CA ASN B 65 -27.87 6.86 -4.89
C ASN B 65 -29.14 7.67 -4.87
N PHE B 66 -29.14 8.80 -4.19
CA PHE B 66 -30.32 9.66 -4.12
C PHE B 66 -30.43 10.46 -5.42
N MET B 67 -31.65 10.58 -5.95
CA MET B 67 -31.94 11.25 -7.22
C MET B 67 -32.38 12.71 -7.03
N ALA B 68 -33.13 12.94 -5.96
CA ALA B 68 -33.81 14.21 -5.74
C ALA B 68 -34.11 14.42 -4.25
N SER B 69 -34.27 15.67 -3.82
CA SER B 69 -34.89 15.90 -2.53
C SER B 69 -36.41 15.98 -2.77
N ASN B 70 -36.94 17.13 -3.16
CA ASN B 70 -38.36 17.20 -3.54
C ASN B 70 -38.53 16.62 -4.94
N PHE B 71 -39.50 15.71 -5.10
CA PHE B 71 -39.85 15.22 -6.43
C PHE B 71 -41.31 14.79 -6.44
N ASP B 72 -42.13 15.55 -7.17
CA ASP B 72 -43.56 15.38 -7.22
C ASP B 72 -44.22 15.81 -5.89
N ARG B 73 -43.75 16.92 -5.33
CA ARG B 73 -44.31 17.47 -4.10
C ARG B 73 -45.53 18.34 -4.41
N LEU B 74 -46.64 18.05 -3.74
CA LEU B 74 -47.90 18.73 -3.98
C LEU B 74 -48.06 20.01 -3.17
N THR B 75 -48.45 21.09 -3.84
CA THR B 75 -49.01 22.27 -3.18
C THR B 75 -50.40 22.54 -3.77
N VAL B 76 -51.25 23.17 -2.97
CA VAL B 76 -52.66 23.33 -3.31
C VAL B 76 -53.03 24.81 -3.22
N TRP B 77 -53.80 25.27 -4.19
CA TRP B 77 -54.20 26.66 -4.30
C TRP B 77 -55.72 26.73 -4.46
N GLN B 78 -56.33 27.70 -3.80
CA GLN B 78 -57.78 27.84 -3.82
C GLN B 78 -58.06 29.30 -4.21
N ASP B 79 -58.68 29.50 -5.37
CA ASP B 79 -58.95 30.82 -5.91
C ASP B 79 -57.71 31.73 -5.79
N GLY B 80 -56.59 31.27 -6.33
CA GLY B 80 -55.38 32.08 -6.40
C GLY B 80 -54.53 32.13 -5.14
N LYS B 81 -54.99 31.53 -4.04
CA LYS B 81 -54.31 31.62 -2.75
C LYS B 81 -53.81 30.26 -2.28
N LYS B 82 -52.52 30.18 -1.92
CA LYS B 82 -51.95 28.92 -1.46
C LYS B 82 -52.60 28.48 -0.15
N VAL B 83 -52.97 27.20 -0.09
CA VAL B 83 -53.50 26.63 1.14
C VAL B 83 -52.34 26.36 2.10
N ASP B 84 -52.50 26.72 3.35
CA ASP B 84 -51.45 26.53 4.37
C ASP B 84 -51.77 25.31 5.23
N PHE B 85 -50.99 24.25 5.05
CA PHE B 85 -51.24 23.01 5.74
C PHE B 85 -50.32 22.82 6.94
N THR B 86 -50.79 22.07 7.92
CA THR B 86 -49.91 21.45 8.92
C THR B 86 -49.73 19.97 8.57
N LEU B 87 -48.60 19.41 8.97
CA LEU B 87 -48.15 18.10 8.57
C LEU B 87 -48.19 17.08 9.70
N GLU B 88 -48.72 15.90 9.42
CA GLU B 88 -48.43 14.71 10.21
C GLU B 88 -47.90 13.68 9.22
N ALA B 89 -46.75 13.08 9.51
CA ALA B 89 -46.19 12.07 8.63
C ALA B 89 -45.71 10.90 9.46
N TYR B 90 -45.94 9.69 8.97
CA TYR B 90 -45.46 8.50 9.65
C TYR B 90 -45.30 7.30 8.72
N SER B 91 -44.44 6.38 9.16
CA SER B 91 -44.31 5.10 8.53
C SER B 91 -45.13 4.10 9.30
N ILE B 92 -45.61 3.08 8.60
CA ILE B 92 -46.09 1.86 9.21
C ILE B 92 -45.39 0.73 8.47
N PRO B 93 -45.45 -0.50 9.02
CA PRO B 93 -44.92 -1.61 8.23
C PRO B 93 -45.69 -1.73 6.92
N GLY B 94 -44.97 -1.51 5.82
CA GLY B 94 -45.53 -1.62 4.47
C GLY B 94 -46.02 -0.32 3.83
N ALA B 95 -45.94 0.80 4.53
CA ALA B 95 -46.41 2.06 3.91
C ALA B 95 -45.83 3.32 4.52
N LEU B 96 -45.80 4.38 3.72
CA LEU B 96 -45.60 5.74 4.25
C LEU B 96 -46.91 6.51 4.13
N VAL B 97 -47.19 7.33 5.13
CA VAL B 97 -48.41 8.12 5.19
C VAL B 97 -48.07 9.56 5.51
N GLN B 98 -48.75 10.51 4.87
CA GLN B 98 -48.77 11.89 5.36
C GLN B 98 -50.14 12.50 5.23
N LYS B 99 -50.51 13.27 6.24
CA LYS B 99 -51.79 13.96 6.28
C LYS B 99 -51.53 15.46 6.38
N LEU B 100 -52.16 16.20 5.45
CA LEU B 100 -52.02 17.64 5.37
C LEU B 100 -53.35 18.25 5.78
N THR B 101 -53.34 19.11 6.78
CA THR B 101 -54.57 19.64 7.37
C THR B 101 -54.58 21.16 7.26
N ALA B 102 -55.62 21.67 6.62
CA ALA B 102 -55.93 23.08 6.61
C ALA B 102 -57.44 23.20 6.91
N LYS B 103 -57.94 24.44 6.99
CA LYS B 103 -59.33 24.64 7.35
C LYS B 103 -60.26 24.01 6.35
N ASP B 104 -60.08 24.34 5.08
CA ASP B 104 -61.04 23.98 4.03
C ASP B 104 -60.65 22.75 3.24
N VAL B 105 -59.36 22.44 3.26
CA VAL B 105 -58.81 21.35 2.45
C VAL B 105 -57.97 20.45 3.33
N GLN B 106 -58.11 19.16 3.11
CA GLN B 106 -57.21 18.18 3.70
C GLN B 106 -56.73 17.22 2.63
N VAL B 107 -55.51 16.72 2.81
CA VAL B 107 -54.95 15.72 1.93
C VAL B 107 -54.44 14.56 2.76
N GLU B 108 -54.80 13.34 2.37
CA GLU B 108 -54.23 12.15 2.97
C GLU B 108 -53.51 11.38 1.86
N MET B 109 -52.20 11.24 2.01
CA MET B 109 -51.36 10.56 1.03
C MET B 109 -50.84 9.25 1.59
N THR B 110 -51.01 8.15 0.85
CA THR B 110 -50.50 6.86 1.26
C THR B 110 -49.67 6.26 0.14
N LEU B 111 -48.47 5.83 0.48
CA LEU B 111 -47.52 5.28 -0.49
C LEU B 111 -47.21 3.82 -0.15
N ARG B 112 -47.50 2.93 -1.10
CA ARG B 112 -47.27 1.51 -0.97
C ARG B 112 -46.61 1.03 -2.25
N PHE B 113 -46.02 -0.15 -2.23
CA PHE B 113 -45.45 -0.71 -3.44
C PHE B 113 -46.44 -1.63 -4.10
N ALA B 114 -46.44 -1.58 -5.44
CA ALA B 114 -47.38 -2.31 -6.28
C ALA B 114 -46.72 -3.44 -7.09
N THR B 115 -45.49 -3.23 -7.55
CA THR B 115 -44.77 -4.26 -8.27
C THR B 115 -43.31 -4.18 -7.88
N PRO B 116 -42.48 -5.12 -8.34
CA PRO B 116 -41.04 -5.01 -8.05
C PRO B 116 -40.31 -3.87 -8.75
N ARG B 117 -41.02 -2.99 -9.47
CA ARG B 117 -40.41 -1.79 -10.02
C ARG B 117 -41.22 -0.51 -9.78
N THR B 118 -42.35 -0.62 -9.09
CA THR B 118 -43.32 0.45 -9.05
C THR B 118 -43.98 0.61 -7.69
N SER B 119 -43.97 1.85 -7.23
CA SER B 119 -44.74 2.25 -6.04
C SER B 119 -45.95 3.06 -6.47
N LEU B 120 -46.97 3.01 -5.62
CA LEU B 120 -48.27 3.62 -5.87
C LEU B 120 -48.59 4.63 -4.78
N LEU B 121 -48.89 5.85 -5.18
CA LEU B 121 -49.27 6.90 -4.24
C LEU B 121 -50.73 7.20 -4.43
N GLU B 122 -51.48 7.07 -3.34
CA GLU B 122 -52.85 7.52 -3.28
C GLU B 122 -52.89 8.92 -2.68
N THR B 123 -53.46 9.88 -3.42
CA THR B 123 -53.59 11.24 -2.93
C THR B 123 -55.09 11.53 -2.77
N LYS B 124 -55.59 11.40 -1.54
CA LYS B 124 -56.99 11.63 -1.21
C LYS B 124 -57.18 13.06 -0.78
N ILE B 125 -57.92 13.81 -1.58
CA ILE B 125 -58.15 15.22 -1.34
C ILE B 125 -59.62 15.45 -0.98
N THR B 126 -59.82 16.13 0.14
CA THR B 126 -61.12 16.54 0.62
C THR B 126 -61.19 18.06 0.50
N SER B 127 -62.13 18.52 -0.31
CA SER B 127 -62.33 19.96 -0.53
C SER B 127 -63.78 20.18 -0.91
N ASN B 128 -64.38 21.25 -0.41
CA ASN B 128 -65.76 21.59 -0.74
C ASN B 128 -65.84 22.63 -1.84
N LYS B 129 -64.67 22.99 -2.39
CA LYS B 129 -64.57 23.90 -3.53
C LYS B 129 -63.54 23.35 -4.53
N PRO B 130 -63.59 23.83 -5.78
CA PRO B 130 -62.57 23.45 -6.78
C PRO B 130 -61.20 23.93 -6.35
N LEU B 131 -60.15 23.23 -6.78
CA LEU B 131 -58.79 23.56 -6.39
C LEU B 131 -57.88 23.51 -7.59
N ASP B 132 -56.78 24.23 -7.48
CA ASP B 132 -55.69 24.11 -8.43
C ASP B 132 -54.52 23.41 -7.76
N LEU B 133 -54.04 22.34 -8.38
CA LEU B 133 -52.99 21.52 -7.79
C LEU B 133 -51.70 21.81 -8.53
N VAL B 134 -50.60 21.82 -7.78
CA VAL B 134 -49.28 22.03 -8.36
C VAL B 134 -48.32 21.00 -7.75
N TRP B 135 -47.57 20.33 -8.62
CA TRP B 135 -46.51 19.44 -8.17
C TRP B 135 -45.18 19.98 -8.66
N ASP B 136 -44.16 19.87 -7.84
CA ASP B 136 -42.85 20.30 -8.26
C ASP B 136 -41.79 19.28 -7.88
N GLY B 137 -40.63 19.43 -8.50
CA GLY B 137 -39.51 18.58 -8.21
C GLY B 137 -38.20 19.08 -8.79
N GLU B 138 -37.11 18.59 -8.21
CA GLU B 138 -35.78 19.05 -8.58
C GLU B 138 -34.78 17.90 -8.39
N LEU B 139 -34.03 17.57 -9.43
CA LEU B 139 -32.93 16.64 -9.29
C LEU B 139 -31.82 17.25 -8.45
N LEU B 140 -31.14 16.41 -7.67
CA LEU B 140 -30.01 16.88 -6.86
C LEU B 140 -28.91 17.36 -7.78
N GLU B 141 -28.04 18.21 -7.25
CA GLU B 141 -26.90 18.69 -8.04
C GLU B 141 -25.57 18.33 -7.40
N LYS B 142 -25.51 18.34 -6.07
CA LYS B 142 -24.25 18.08 -5.36
C LYS B 142 -23.98 16.60 -5.14
N LEU B 143 -22.70 16.21 -5.18
CA LEU B 143 -22.31 14.81 -5.18
C LEU B 143 -22.23 14.17 -3.80
N GLU B 144 -21.49 14.76 -2.86
CA GLU B 144 -21.08 14.00 -1.68
C GLU B 144 -20.95 14.79 -0.40
N ALA B 145 -21.49 14.22 0.67
CA ALA B 145 -21.39 14.79 1.98
C ALA B 145 -21.24 13.70 3.01
N LYS B 146 -20.73 14.08 4.17
CA LYS B 146 -20.57 13.19 5.31
C LYS B 146 -21.14 13.92 6.51
N GLU B 147 -22.13 13.30 7.17
CA GLU B 147 -22.80 13.91 8.33
C GLU B 147 -23.44 15.27 8.03
N GLY B 148 -23.92 15.45 6.80
CA GLY B 148 -24.54 16.70 6.39
C GLY B 148 -23.56 17.74 5.89
N LYS B 149 -22.26 17.46 5.98
CA LYS B 149 -21.26 18.43 5.56
C LYS B 149 -20.57 18.00 4.27
N PRO B 150 -20.49 18.91 3.28
CA PRO B 150 -19.91 18.55 1.98
C PRO B 150 -18.47 18.07 2.06
N LEU B 151 -18.16 17.00 1.35
CA LEU B 151 -16.81 16.44 1.30
C LEU B 151 -15.99 17.14 0.22
N SER B 152 -16.69 17.73 -0.74
CA SER B 152 -16.06 18.46 -1.84
C SER B 152 -17.15 19.30 -2.47
N ASP B 153 -16.79 20.17 -3.43
CA ASP B 153 -17.78 20.91 -4.20
C ASP B 153 -18.12 20.20 -5.52
N LYS B 154 -17.71 18.93 -5.63
CA LYS B 154 -18.03 18.16 -6.82
C LYS B 154 -19.54 18.06 -7.03
N THR B 155 -19.96 18.14 -8.28
CA THR B 155 -21.35 17.95 -8.67
C THR B 155 -21.49 16.59 -9.34
N ILE B 156 -22.73 16.09 -9.36
CA ILE B 156 -23.08 14.84 -10.01
C ILE B 156 -22.74 14.89 -11.49
N ALA B 157 -23.16 15.96 -12.16
CA ALA B 157 -22.94 16.12 -13.59
C ALA B 157 -21.46 16.27 -13.88
N GLY B 158 -20.74 16.96 -13.01
CA GLY B 158 -19.28 17.11 -13.16
C GLY B 158 -18.57 15.79 -13.04
N GLU B 159 -18.93 15.04 -12.01
CA GLU B 159 -18.29 13.76 -11.72
C GLU B 159 -18.64 12.70 -12.77
N TYR B 160 -19.86 12.77 -13.33
CA TYR B 160 -20.35 11.81 -14.29
C TYR B 160 -20.92 12.50 -15.53
N PRO B 161 -20.04 12.95 -16.44
CA PRO B 161 -20.46 13.71 -17.63
C PRO B 161 -21.40 12.96 -18.55
N ASP B 162 -21.38 11.63 -18.50
CA ASP B 162 -22.27 10.84 -19.37
C ASP B 162 -23.61 10.54 -18.73
N TYR B 163 -23.80 10.93 -17.48
CA TYR B 163 -25.03 10.59 -16.76
C TYR B 163 -26.18 11.28 -17.49
N GLN B 164 -25.98 12.55 -17.87
CA GLN B 164 -26.85 13.26 -18.81
C GLN B 164 -28.32 13.19 -18.41
N ARG B 165 -28.60 13.54 -17.16
CA ARG B 165 -29.95 13.41 -16.62
C ARG B 165 -30.87 14.37 -17.35
N LYS B 166 -31.99 13.83 -17.81
CA LYS B 166 -32.96 14.67 -18.48
C LYS B 166 -34.38 14.38 -18.03
N ILE B 167 -35.15 15.44 -17.79
CA ILE B 167 -36.57 15.28 -17.47
C ILE B 167 -37.37 15.61 -18.73
N SER B 168 -38.33 14.76 -19.08
CA SER B 168 -39.19 15.04 -20.20
C SER B 168 -40.64 14.70 -19.89
N ALA B 169 -41.52 15.48 -20.50
CA ALA B 169 -42.95 15.28 -20.34
C ALA B 169 -43.43 14.08 -21.13
N THR B 170 -44.46 13.44 -20.62
CA THR B 170 -45.09 12.36 -21.31
C THR B 170 -46.55 12.68 -21.42
N ARG B 171 -47.25 11.79 -22.10
CA ARG B 171 -48.68 11.80 -22.26
C ARG B 171 -49.43 11.82 -20.92
N ASP B 172 -48.84 11.23 -19.86
CA ASP B 172 -49.56 11.10 -18.57
C ASP B 172 -48.74 11.42 -17.32
N GLY B 173 -47.69 12.22 -17.50
CA GLY B 173 -46.83 12.58 -16.39
C GLY B 173 -45.47 13.02 -16.91
N LEU B 174 -44.41 12.41 -16.39
CA LEU B 174 -43.08 12.75 -16.89
C LEU B 174 -42.14 11.59 -16.66
N LYS B 175 -40.91 11.74 -17.12
CA LYS B 175 -39.88 10.75 -16.89
C LYS B 175 -38.52 11.40 -16.80
N VAL B 176 -37.63 10.73 -16.09
CA VAL B 176 -36.23 11.09 -16.03
C VAL B 176 -35.49 9.98 -16.73
N THR B 177 -34.65 10.36 -17.70
CA THR B 177 -33.77 9.41 -18.36
C THR B 177 -32.31 9.64 -17.93
N PHE B 178 -31.54 8.57 -18.01
CA PHE B 178 -30.18 8.53 -17.52
C PHE B 178 -29.31 7.86 -18.56
N GLY B 179 -28.17 8.48 -18.86
CA GLY B 179 -27.17 7.89 -19.72
C GLY B 179 -26.37 6.81 -19.03
N LYS B 180 -25.54 6.11 -19.80
CA LYS B 180 -24.76 4.96 -19.33
C LYS B 180 -23.54 5.43 -18.55
N VAL B 181 -23.47 5.00 -17.29
CA VAL B 181 -22.34 5.28 -16.44
C VAL B 181 -21.90 3.93 -15.85
N ARG B 182 -20.62 3.60 -16.00
CA ARG B 182 -20.08 2.35 -15.49
C ARG B 182 -19.03 2.64 -14.43
N ALA B 183 -19.43 3.42 -13.43
CA ALA B 183 -18.52 3.75 -12.33
C ALA B 183 -18.60 2.61 -11.33
N THR B 184 -17.67 1.67 -11.50
CA THR B 184 -17.63 0.39 -10.78
C THR B 184 -17.94 0.43 -9.29
N TRP B 185 -17.48 1.48 -8.61
CA TRP B 185 -17.59 1.56 -7.16
C TRP B 185 -18.62 2.59 -6.68
N ASP B 186 -19.36 3.21 -7.59
CA ASP B 186 -20.23 4.34 -7.24
C ASP B 186 -21.61 4.36 -7.89
N LEU B 187 -21.67 4.08 -9.19
CA LEU B 187 -22.86 4.40 -10.00
C LEU B 187 -22.84 3.59 -11.26
N LEU B 188 -23.82 2.71 -11.40
CA LEU B 188 -23.89 1.76 -12.51
C LEU B 188 -25.24 1.86 -13.18
N THR B 189 -25.24 2.28 -14.46
CA THR B 189 -26.46 2.41 -15.23
C THR B 189 -26.26 1.81 -16.64
N SER B 190 -27.36 1.38 -17.24
CA SER B 190 -27.36 0.69 -18.52
C SER B 190 -27.33 1.68 -19.70
N GLY B 191 -27.68 2.93 -19.46
CA GLY B 191 -28.00 3.85 -20.55
C GLY B 191 -29.46 3.78 -21.00
N GLU B 192 -30.24 2.84 -20.43
CA GLU B 192 -31.65 2.64 -20.76
C GLU B 192 -32.57 2.81 -19.53
N SER B 193 -31.99 3.14 -18.39
CA SER B 193 -32.77 3.28 -17.15
C SER B 193 -33.57 4.58 -17.11
N GLU B 194 -34.71 4.50 -16.42
CA GLU B 194 -35.61 5.63 -16.31
C GLU B 194 -36.28 5.65 -14.94
N TYR B 195 -36.69 6.84 -14.53
CA TYR B 195 -37.61 7.02 -13.41
C TYR B 195 -38.90 7.66 -13.96
N GLN B 196 -39.99 6.90 -13.91
CA GLN B 196 -41.23 7.31 -14.55
C GLN B 196 -42.30 7.69 -13.55
N VAL B 197 -43.05 8.73 -13.88
CA VAL B 197 -44.16 9.21 -13.09
C VAL B 197 -45.37 9.15 -14.01
N HIS B 198 -46.36 8.33 -13.65
CA HIS B 198 -47.64 8.29 -14.36
C HIS B 198 -48.78 8.66 -13.40
N LYS B 199 -49.76 9.42 -13.89
CA LYS B 199 -50.87 9.88 -13.04
C LYS B 199 -52.24 9.58 -13.64
N SER B 200 -53.26 9.59 -12.79
CA SER B 200 -54.64 9.24 -13.14
C SER B 200 -55.45 10.40 -13.72
N LEU B 201 -54.87 11.60 -13.75
CA LEU B 201 -55.57 12.79 -14.25
C LEU B 201 -54.67 13.56 -15.19
N PRO B 202 -55.26 14.35 -16.09
CA PRO B 202 -54.44 15.17 -16.99
C PRO B 202 -53.70 16.25 -16.24
N VAL B 203 -52.40 16.37 -16.52
CA VAL B 203 -51.60 17.43 -15.92
C VAL B 203 -50.92 18.22 -17.02
N GLN B 204 -50.52 19.44 -16.69
CA GLN B 204 -49.73 20.29 -17.57
C GLN B 204 -48.36 20.48 -16.98
N THR B 205 -47.32 20.16 -17.75
CA THR B 205 -45.97 20.14 -17.18
C THR B 205 -45.04 21.13 -17.85
N GLU B 206 -44.33 21.91 -17.01
CA GLU B 206 -43.29 22.82 -17.45
C GLU B 206 -41.94 22.27 -16.92
N ILE B 207 -40.96 22.09 -17.80
CA ILE B 207 -39.64 21.64 -17.37
C ILE B 207 -38.61 22.75 -17.53
N ASN B 208 -37.83 22.97 -16.46
CA ASN B 208 -36.75 23.95 -16.40
C ASN B 208 -35.44 23.24 -16.04
N GLY B 209 -34.81 22.66 -17.04
CA GLY B 209 -33.57 21.91 -16.81
C GLY B 209 -33.83 20.73 -15.88
N ASN B 210 -33.28 20.78 -14.68
CA ASN B 210 -33.41 19.66 -13.76
C ASN B 210 -34.56 19.85 -12.73
N ARG B 211 -35.48 20.76 -13.04
CA ARG B 211 -36.67 20.89 -12.21
C ARG B 211 -37.92 20.90 -13.07
N PHE B 212 -39.05 20.60 -12.45
CA PHE B 212 -40.32 20.59 -13.15
C PHE B 212 -41.41 21.17 -12.29
N THR B 213 -42.48 21.62 -12.94
CA THR B 213 -43.70 22.06 -12.27
C THR B 213 -44.88 21.50 -13.08
N SER B 214 -45.77 20.76 -12.44
CA SER B 214 -46.96 20.20 -13.09
C SER B 214 -48.20 20.78 -12.44
N LYS B 215 -49.25 20.98 -13.23
CA LYS B 215 -50.50 21.60 -12.77
C LYS B 215 -51.73 20.77 -13.13
N ALA B 216 -52.76 20.87 -12.31
CA ALA B 216 -54.05 20.26 -12.62
C ALA B 216 -55.13 21.00 -11.87
N HIS B 217 -56.34 21.03 -12.45
CA HIS B 217 -57.52 21.59 -11.78
C HIS B 217 -58.45 20.46 -11.42
N ILE B 218 -59.00 20.50 -10.20
CA ILE B 218 -60.03 19.53 -9.78
C ILE B 218 -61.28 20.27 -9.29
N ASN B 219 -62.43 19.62 -9.39
CA ASN B 219 -63.72 20.27 -9.06
C ASN B 219 -64.13 20.22 -7.59
N GLY B 220 -63.47 19.33 -6.83
CA GLY B 220 -63.73 19.18 -5.40
C GLY B 220 -63.11 17.87 -4.93
N SER B 221 -63.64 17.31 -3.85
CA SER B 221 -63.08 16.11 -3.26
C SER B 221 -62.87 15.02 -4.32
N THR B 222 -61.66 14.45 -4.32
CA THR B 222 -61.33 13.39 -5.25
C THR B 222 -60.07 12.67 -4.79
N THR B 223 -59.88 11.45 -5.30
CA THR B 223 -58.69 10.68 -5.02
C THR B 223 -57.90 10.45 -6.32
N LEU B 224 -56.64 10.82 -6.29
CA LEU B 224 -55.73 10.67 -7.42
C LEU B 224 -54.81 9.50 -7.15
N TYR B 225 -54.28 8.95 -8.23
CA TYR B 225 -53.35 7.86 -8.16
C TYR B 225 -52.16 8.20 -9.03
N THR B 226 -50.99 7.88 -8.49
CA THR B 226 -49.71 8.16 -9.16
C THR B 226 -48.81 6.96 -8.99
N THR B 227 -48.11 6.59 -10.06
CA THR B 227 -47.11 5.53 -9.98
C THR B 227 -45.74 6.10 -10.16
N TYR B 228 -44.80 5.55 -9.40
CA TYR B 228 -43.39 5.86 -9.48
C TYR B 228 -42.63 4.59 -9.82
N SER B 229 -41.84 4.62 -10.88
CA SER B 229 -41.14 3.42 -11.34
C SER B 229 -39.65 3.70 -11.65
N HIS B 230 -38.76 2.94 -11.02
CA HIS B 230 -37.36 2.90 -11.42
C HIS B 230 -37.15 1.63 -12.22
N LEU B 231 -36.83 1.83 -13.49
CA LEU B 231 -36.73 0.79 -14.49
C LEU B 231 -35.30 0.83 -15.03
N LEU B 232 -34.59 -0.32 -14.99
CA LEU B 232 -33.14 -0.31 -15.14
C LEU B 232 -32.60 -0.72 -16.51
N THR B 233 -33.47 -1.30 -17.35
CA THR B 233 -33.14 -1.67 -18.72
C THR B 233 -34.32 -1.36 -19.63
N ALA B 234 -34.08 -1.41 -20.93
CA ALA B 234 -35.13 -1.09 -21.91
C ALA B 234 -36.23 -2.12 -21.84
N GLN B 235 -35.87 -3.39 -21.60
CA GLN B 235 -36.86 -4.43 -21.46
C GLN B 235 -37.76 -4.19 -20.25
N GLU B 236 -37.15 -3.79 -19.13
CA GLU B 236 -37.93 -3.46 -17.94
C GLU B 236 -38.92 -2.33 -18.23
N VAL B 237 -38.45 -1.30 -18.91
CA VAL B 237 -39.29 -0.15 -19.26
C VAL B 237 -40.51 -0.61 -20.10
N SER B 238 -40.27 -1.44 -21.11
CA SER B 238 -41.36 -1.97 -21.95
C SER B 238 -42.34 -2.81 -21.17
N LYS B 239 -41.82 -3.77 -20.42
CA LYS B 239 -42.68 -4.68 -19.66
C LYS B 239 -43.53 -3.93 -18.60
N GLU B 240 -43.01 -2.84 -18.04
CA GLU B 240 -43.74 -2.18 -16.96
C GLU B 240 -45.01 -1.42 -17.41
N GLN B 241 -45.08 -1.03 -18.68
CA GLN B 241 -46.17 -0.16 -19.11
C GLN B 241 -47.55 -0.80 -18.89
N MET B 242 -47.67 -2.09 -19.19
CA MET B 242 -48.96 -2.78 -18.99
C MET B 242 -49.29 -2.89 -17.51
N GLN B 243 -48.27 -3.06 -16.67
CA GLN B 243 -48.47 -3.14 -15.22
CA GLN B 243 -48.49 -3.14 -15.24
C GLN B 243 -48.98 -1.81 -14.69
N ILE B 244 -48.33 -0.72 -15.10
CA ILE B 244 -48.72 0.63 -14.71
C ILE B 244 -50.15 0.92 -15.13
N ARG B 245 -50.52 0.56 -16.36
CA ARG B 245 -51.91 0.73 -16.78
C ARG B 245 -52.87 -0.06 -15.89
N ASP B 246 -52.51 -1.30 -15.55
CA ASP B 246 -53.33 -2.10 -14.64
C ASP B 246 -53.48 -1.46 -13.26
N ILE B 247 -52.38 -0.93 -12.73
CA ILE B 247 -52.38 -0.27 -11.42
C ILE B 247 -53.31 0.95 -11.39
N LEU B 248 -53.21 1.79 -12.40
CA LEU B 248 -54.08 2.94 -12.50
C LEU B 248 -55.53 2.56 -12.78
N ALA B 249 -55.75 1.38 -13.37
CA ALA B 249 -57.09 0.88 -13.64
C ALA B 249 -57.78 0.31 -12.39
N ARG B 250 -57.02 -0.34 -11.51
CA ARG B 250 -57.58 -0.93 -10.29
C ARG B 250 -56.65 -0.72 -9.08
N PRO B 251 -56.42 0.56 -8.75
CA PRO B 251 -55.51 0.87 -7.64
C PRO B 251 -55.91 0.26 -6.30
N ALA B 252 -57.22 0.14 -6.03
CA ALA B 252 -57.68 -0.47 -4.77
C ALA B 252 -57.14 -1.88 -4.57
N PHE B 253 -57.06 -2.63 -5.67
CA PHE B 253 -56.54 -3.99 -5.67
C PHE B 253 -55.11 -4.02 -5.18
N TYR B 254 -54.29 -3.09 -5.70
CA TYR B 254 -52.88 -3.04 -5.34
C TYR B 254 -52.64 -2.53 -3.93
N LEU B 255 -53.42 -1.55 -3.51
CA LEU B 255 -53.39 -1.10 -2.12
C LEU B 255 -53.74 -2.23 -1.14
N THR B 256 -54.84 -2.91 -1.42
CA THR B 256 -55.29 -4.03 -0.59
C THR B 256 -54.28 -5.16 -0.60
N ALA B 257 -53.69 -5.46 -1.77
CA ALA B 257 -52.66 -6.49 -1.87
C ALA B 257 -51.52 -6.23 -0.90
N SER B 258 -51.05 -4.98 -0.85
CA SER B 258 -49.97 -4.61 0.06
C SER B 258 -50.41 -4.65 1.53
N GLN B 259 -51.58 -4.11 1.85
CA GLN B 259 -52.10 -4.16 3.22
C GLN B 259 -52.15 -5.60 3.75
N GLN B 260 -52.75 -6.50 2.96
CA GLN B 260 -52.92 -7.91 3.36
C GLN B 260 -51.58 -8.64 3.54
N ARG B 261 -50.65 -8.39 2.64
CA ARG B 261 -49.33 -9.01 2.70
C ARG B 261 -48.62 -8.63 4.00
N TRP B 262 -48.69 -7.36 4.36
CA TRP B 262 -48.10 -6.87 5.60
C TRP B 262 -48.82 -7.35 6.87
N GLU B 263 -50.14 -7.43 6.83
CA GLU B 263 -50.85 -8.03 7.95
C GLU B 263 -50.40 -9.47 8.18
N GLU B 264 -50.16 -10.19 7.09
CA GLU B 264 -49.69 -11.57 7.18
C GLU B 264 -48.26 -11.68 7.72
N TYR B 265 -47.35 -10.77 7.29
CA TYR B 265 -46.00 -10.76 7.84
C TYR B 265 -46.07 -10.61 9.36
N LEU B 266 -46.88 -9.68 9.83
CA LEU B 266 -46.98 -9.42 11.26
C LEU B 266 -47.66 -10.58 12.01
N LYS B 267 -48.70 -11.16 11.42
CA LYS B 267 -49.43 -12.25 12.07
C LYS B 267 -48.51 -13.47 12.19
N LYS B 268 -47.81 -13.79 11.11
CA LYS B 268 -46.88 -14.92 11.10
C LYS B 268 -45.66 -14.72 11.98
N GLY B 269 -45.12 -13.50 12.02
CA GLY B 269 -43.85 -13.25 12.69
C GLY B 269 -43.93 -12.95 14.18
N LEU B 270 -45.03 -12.35 14.63
CA LEU B 270 -45.09 -11.87 16.01
C LEU B 270 -45.72 -12.94 16.91
N THR B 271 -44.99 -14.03 17.14
CA THR B 271 -45.58 -15.22 17.76
C THR B 271 -45.09 -15.50 19.17
N ASN B 272 -44.50 -14.51 19.85
CA ASN B 272 -44.05 -14.68 21.23
C ASN B 272 -44.89 -13.87 22.21
N PRO B 273 -45.89 -14.51 22.82
CA PRO B 273 -46.77 -13.78 23.75
C PRO B 273 -46.11 -13.33 25.06
N ASP B 274 -44.95 -13.90 25.40
CA ASP B 274 -44.19 -13.42 26.56
C ASP B 274 -43.42 -12.11 26.31
N ALA B 275 -43.28 -11.70 25.05
CA ALA B 275 -42.52 -10.49 24.75
C ALA B 275 -43.30 -9.26 25.18
N THR B 276 -42.60 -8.23 25.62
CA THR B 276 -43.23 -6.94 25.97
C THR B 276 -43.56 -6.16 24.71
N PRO B 277 -44.39 -5.09 24.82
CA PRO B 277 -44.61 -4.23 23.66
C PRO B 277 -43.30 -3.69 23.05
N GLU B 278 -42.38 -3.21 23.89
CA GLU B 278 -41.04 -2.77 23.43
C GLU B 278 -40.29 -3.83 22.62
N GLN B 279 -40.32 -5.06 23.12
CA GLN B 279 -39.61 -6.17 22.49
C GLN B 279 -40.27 -6.53 21.17
N THR B 280 -41.59 -6.49 21.17
CA THR B 280 -42.37 -6.70 19.96
C THR B 280 -42.05 -5.65 18.90
N ARG B 281 -41.92 -4.40 19.33
CA ARG B 281 -41.55 -3.32 18.41
C ARG B 281 -40.18 -3.55 17.74
N VAL B 282 -39.23 -4.10 18.51
CA VAL B 282 -37.92 -4.46 17.96
C VAL B 282 -38.10 -5.54 16.87
N ALA B 283 -38.96 -6.52 17.11
CA ALA B 283 -39.26 -7.53 16.11
C ALA B 283 -39.81 -6.89 14.84
N VAL B 284 -40.69 -5.90 15.00
CA VAL B 284 -41.28 -5.21 13.85
C VAL B 284 -40.20 -4.43 13.09
N LYS B 285 -39.26 -3.84 13.82
CA LYS B 285 -38.13 -3.14 13.20
C LYS B 285 -37.35 -4.12 12.33
N ALA B 286 -37.14 -5.31 12.86
CA ALA B 286 -36.38 -6.35 12.17
C ALA B 286 -37.11 -6.78 10.90
N ILE B 287 -38.44 -6.97 11.01
CA ILE B 287 -39.25 -7.33 9.83
C ILE B 287 -39.22 -6.25 8.73
N GLU B 288 -39.43 -5.00 9.12
CA GLU B 288 -39.31 -3.89 8.17
C GLU B 288 -37.93 -3.85 7.52
N THR B 289 -36.88 -4.06 8.33
CA THR B 289 -35.50 -4.00 7.84
C THR B 289 -35.22 -5.08 6.80
N LEU B 290 -35.53 -6.33 7.15
CA LEU B 290 -35.28 -7.46 6.25
C LEU B 290 -36.10 -7.34 4.95
N ASN B 291 -37.36 -6.95 5.07
CA ASN B 291 -38.18 -6.77 3.87
C ASN B 291 -37.71 -5.59 2.98
N GLY B 292 -37.16 -4.54 3.60
CA GLY B 292 -36.56 -3.43 2.84
C GLY B 292 -35.30 -3.83 2.09
N ASN B 293 -34.58 -4.83 2.61
CA ASN B 293 -33.32 -5.31 2.04
C ASN B 293 -33.48 -6.42 1.00
N TRP B 294 -34.73 -6.85 0.80
CA TRP B 294 -35.12 -7.77 -0.24
C TRP B 294 -35.14 -7.09 -1.59
N ARG B 295 -34.49 -7.71 -2.56
CA ARG B 295 -34.43 -7.22 -3.93
C ARG B 295 -34.99 -8.26 -4.85
N SER B 296 -35.80 -7.83 -5.81
CA SER B 296 -36.29 -8.69 -6.86
C SER B 296 -35.16 -9.07 -7.82
N PRO B 297 -35.41 -10.05 -8.71
CA PRO B 297 -34.34 -10.39 -9.64
C PRO B 297 -33.86 -9.17 -10.42
N GLY B 298 -32.56 -9.10 -10.64
CA GLY B 298 -31.97 -8.05 -11.44
C GLY B 298 -30.60 -8.45 -11.97
N GLY B 299 -30.34 -8.14 -13.23
CA GLY B 299 -29.05 -8.48 -13.83
C GLY B 299 -28.75 -9.98 -13.81
N ALA B 300 -27.55 -10.35 -13.38
CA ALA B 300 -27.14 -11.76 -13.37
C ALA B 300 -27.88 -12.60 -12.32
N VAL B 301 -28.55 -11.95 -11.36
CA VAL B 301 -29.22 -12.65 -10.26
C VAL B 301 -30.68 -12.87 -10.65
N LYS B 302 -31.06 -14.13 -10.87
CA LYS B 302 -32.34 -14.46 -11.46
C LYS B 302 -33.41 -14.71 -10.41
N PHE B 303 -33.04 -14.57 -9.13
CA PHE B 303 -33.96 -14.80 -8.02
C PHE B 303 -34.10 -13.57 -7.14
N ASN B 304 -35.20 -13.52 -6.39
CA ASN B 304 -35.30 -12.61 -5.28
C ASN B 304 -34.18 -12.96 -4.30
N THR B 305 -33.60 -11.93 -3.72
CA THR B 305 -32.52 -12.05 -2.76
C THR B 305 -32.66 -10.99 -1.66
N VAL B 306 -31.86 -11.12 -0.62
CA VAL B 306 -31.79 -10.15 0.48
C VAL B 306 -30.31 -9.75 0.69
N THR B 307 -30.05 -8.45 0.67
CA THR B 307 -28.70 -7.94 0.87
C THR B 307 -28.48 -7.53 2.32
N PRO B 308 -27.22 -7.32 2.72
CA PRO B 308 -26.96 -6.97 4.12
C PRO B 308 -27.45 -5.58 4.54
N SER B 309 -27.62 -4.67 3.56
CA SER B 309 -28.24 -3.36 3.81
C SER B 309 -28.48 -2.55 2.53
N VAL B 310 -29.74 -2.21 2.29
CA VAL B 310 -30.08 -1.36 1.16
C VAL B 310 -29.41 0.04 1.23
N THR B 311 -29.07 0.51 2.43
CA THR B 311 -28.42 1.84 2.62
C THR B 311 -26.89 1.76 2.73
N GLY B 312 -26.35 0.54 2.69
CA GLY B 312 -24.94 0.29 2.90
C GLY B 312 -24.06 0.71 1.74
N ARG B 313 -22.89 1.22 2.07
CA ARG B 313 -21.94 1.70 1.07
C ARG B 313 -21.55 0.60 0.09
N TRP B 314 -21.35 -0.61 0.63
CA TRP B 314 -20.89 -1.77 -0.13
C TRP B 314 -21.87 -2.95 -0.09
N PHE B 315 -23.09 -2.72 0.41
CA PHE B 315 -24.05 -3.81 0.67
C PHE B 315 -25.36 -3.69 -0.12
N SER B 316 -25.44 -2.71 -1.00
CA SER B 316 -26.71 -2.34 -1.65
C SER B 316 -26.83 -2.97 -3.04
N GLY B 317 -27.74 -2.45 -3.85
CA GLY B 317 -28.16 -3.17 -5.05
C GLY B 317 -28.68 -4.53 -4.61
N ASN B 318 -28.32 -5.56 -5.35
CA ASN B 318 -28.64 -6.94 -4.99
C ASN B 318 -27.40 -7.76 -4.60
N GLN B 319 -26.37 -7.07 -4.08
CA GLN B 319 -25.16 -7.79 -3.63
C GLN B 319 -25.51 -8.76 -2.49
N THR B 320 -25.18 -10.05 -2.71
CA THR B 320 -25.61 -11.15 -1.84
C THR B 320 -24.42 -12.01 -1.41
N TRP B 321 -24.35 -12.28 -0.11
CA TRP B 321 -23.33 -13.14 0.47
C TRP B 321 -23.97 -14.40 1.08
N PRO B 322 -23.25 -15.53 1.10
CA PRO B 322 -23.87 -16.76 1.63
C PRO B 322 -24.12 -16.73 3.14
N TRP B 323 -23.11 -16.32 3.90
CA TRP B 323 -23.17 -16.24 5.37
C TRP B 323 -24.40 -15.47 5.82
N ASP B 324 -24.54 -14.27 5.25
CA ASP B 324 -25.63 -13.38 5.54
C ASP B 324 -26.95 -14.06 5.18
N THR B 325 -26.99 -14.64 3.98
CA THR B 325 -28.18 -15.33 3.52
C THR B 325 -28.66 -16.44 4.47
N TRP B 326 -27.75 -17.24 5.01
CA TRP B 326 -28.19 -18.35 5.86
C TRP B 326 -28.99 -17.82 7.05
N LYS B 327 -28.49 -16.75 7.67
CA LYS B 327 -29.11 -16.15 8.85
C LYS B 327 -30.38 -15.41 8.45
N GLN B 328 -30.33 -14.68 7.35
CA GLN B 328 -31.49 -13.97 6.84
C GLN B 328 -32.67 -14.90 6.57
N ALA B 329 -32.40 -16.02 5.89
CA ALA B 329 -33.44 -16.95 5.52
C ALA B 329 -33.95 -17.74 6.73
N PHE B 330 -33.09 -18.01 7.70
CA PHE B 330 -33.52 -18.64 8.94
C PHE B 330 -34.60 -17.77 9.61
N ALA B 331 -34.35 -16.48 9.70
CA ALA B 331 -35.31 -15.54 10.31
C ALA B 331 -36.54 -15.34 9.46
N MET B 332 -36.33 -15.09 8.17
CA MET B 332 -37.43 -14.80 7.25
C MET B 332 -38.34 -16.01 7.01
N ALA B 333 -37.86 -17.21 7.31
CA ALA B 333 -38.73 -18.41 7.24
C ALA B 333 -39.99 -18.22 8.09
N HIS B 334 -39.86 -17.48 9.19
CA HIS B 334 -40.94 -17.28 10.17
C HIS B 334 -41.92 -16.13 9.87
N PHE B 335 -41.71 -15.39 8.78
CA PHE B 335 -42.69 -14.38 8.39
C PHE B 335 -42.78 -14.09 6.88
N ASN B 336 -41.69 -14.29 6.14
CA ASN B 336 -41.70 -14.15 4.68
C ASN B 336 -40.99 -15.36 4.04
N PRO B 337 -41.59 -16.56 4.17
CA PRO B 337 -40.89 -17.75 3.70
C PRO B 337 -40.65 -17.80 2.20
N ASP B 338 -41.53 -17.19 1.41
CA ASP B 338 -41.33 -17.17 -0.05
C ASP B 338 -39.97 -16.55 -0.37
N ILE B 339 -39.62 -15.48 0.34
CA ILE B 339 -38.40 -14.76 0.03
C ILE B 339 -37.20 -15.43 0.72
N ALA B 340 -37.41 -16.02 1.90
CA ALA B 340 -36.37 -16.88 2.49
C ALA B 340 -35.88 -17.92 1.48
N LYS B 341 -36.83 -18.64 0.87
CA LYS B 341 -36.50 -19.62 -0.14
C LYS B 341 -35.75 -19.04 -1.33
N GLU B 342 -36.21 -17.92 -1.85
CA GLU B 342 -35.57 -17.26 -2.97
C GLU B 342 -34.15 -16.85 -2.65
N ASN B 343 -33.94 -16.28 -1.46
CA ASN B 343 -32.63 -15.80 -1.05
C ASN B 343 -31.63 -16.95 -1.10
N ILE B 344 -32.05 -18.11 -0.62
CA ILE B 344 -31.20 -19.32 -0.63
C ILE B 344 -30.95 -19.77 -2.07
N ARG B 345 -32.01 -19.78 -2.89
CA ARG B 345 -31.85 -20.11 -4.32
C ARG B 345 -30.86 -19.21 -5.02
N ALA B 346 -30.93 -17.92 -4.74
CA ALA B 346 -30.04 -16.95 -5.35
C ALA B 346 -28.57 -17.33 -5.12
N VAL B 347 -28.23 -17.62 -3.87
CA VAL B 347 -26.87 -17.98 -3.52
C VAL B 347 -26.44 -19.24 -4.29
N PHE B 348 -27.32 -20.22 -4.39
CA PHE B 348 -27.00 -21.46 -5.06
C PHE B 348 -27.11 -21.37 -6.58
N SER B 349 -27.70 -20.30 -7.10
CA SER B 349 -27.93 -20.14 -8.52
C SER B 349 -26.62 -19.91 -9.30
N TRP B 350 -25.53 -19.64 -8.59
CA TRP B 350 -24.22 -19.50 -9.23
C TRP B 350 -23.20 -20.47 -8.63
N GLN B 351 -23.72 -21.55 -8.06
CA GLN B 351 -22.91 -22.65 -7.58
C GLN B 351 -22.18 -23.28 -8.77
N ILE B 352 -20.90 -23.55 -8.59
CA ILE B 352 -20.09 -24.03 -9.71
C ILE B 352 -20.54 -25.42 -10.12
N GLN B 353 -20.69 -25.61 -11.43
CA GLN B 353 -21.10 -26.89 -12.01
C GLN B 353 -19.95 -27.51 -12.83
N PRO B 354 -19.98 -28.83 -13.04
CA PRO B 354 -18.91 -29.45 -13.81
C PRO B 354 -18.72 -28.78 -15.16
N GLY B 355 -17.46 -28.56 -15.50
CA GLY B 355 -17.12 -27.98 -16.78
C GLY B 355 -17.19 -26.48 -16.80
N ASP B 356 -17.35 -25.86 -15.63
CA ASP B 356 -17.33 -24.39 -15.52
C ASP B 356 -16.15 -23.77 -16.25
N SER B 357 -16.37 -22.63 -16.91
CA SER B 357 -15.33 -22.03 -17.75
C SER B 357 -14.25 -21.31 -16.96
N VAL B 358 -14.56 -20.91 -15.73
CA VAL B 358 -13.59 -20.23 -14.90
C VAL B 358 -12.89 -21.19 -13.93
N ARG B 359 -13.65 -22.02 -13.21
CA ARG B 359 -13.09 -22.80 -12.11
C ARG B 359 -13.68 -24.21 -12.05
N PRO B 360 -13.38 -25.03 -13.08
CA PRO B 360 -13.90 -26.38 -13.13
C PRO B 360 -13.42 -27.25 -11.97
N GLN B 361 -12.36 -26.83 -11.30
CA GLN B 361 -11.83 -27.54 -10.13
C GLN B 361 -12.61 -27.23 -8.84
N ASP B 362 -13.60 -26.33 -8.93
CA ASP B 362 -14.37 -25.87 -7.74
C ASP B 362 -15.83 -26.29 -7.78
N VAL B 363 -16.10 -27.48 -8.35
CA VAL B 363 -17.48 -27.94 -8.43
C VAL B 363 -18.12 -27.94 -7.03
N GLY B 364 -19.29 -27.30 -6.92
CA GLY B 364 -20.07 -27.26 -5.67
C GLY B 364 -19.83 -25.99 -4.87
N PHE B 365 -18.79 -25.25 -5.26
CA PHE B 365 -18.43 -23.99 -4.63
C PHE B 365 -19.58 -22.99 -4.78
N VAL B 366 -19.84 -22.25 -3.71
CA VAL B 366 -20.80 -21.15 -3.74
C VAL B 366 -20.03 -19.82 -3.66
N PRO B 367 -20.22 -18.93 -4.65
CA PRO B 367 -19.51 -17.66 -4.60
C PRO B 367 -19.75 -16.82 -3.34
N ASP B 368 -18.72 -16.11 -2.88
CA ASP B 368 -18.80 -15.18 -1.74
C ASP B 368 -19.74 -14.02 -1.96
N LEU B 369 -19.84 -13.56 -3.21
CA LEU B 369 -20.56 -12.32 -3.50
C LEU B 369 -21.05 -12.35 -4.93
N ILE B 370 -22.37 -12.37 -5.09
CA ILE B 370 -23.02 -12.26 -6.39
C ILE B 370 -23.79 -10.93 -6.41
N ALA B 371 -24.02 -10.43 -7.61
CA ALA B 371 -24.56 -9.09 -7.82
C ALA B 371 -25.03 -8.95 -9.25
N TRP B 372 -25.66 -7.81 -9.52
CA TRP B 372 -26.17 -7.46 -10.85
C TRP B 372 -25.17 -7.79 -11.95
N ASN B 373 -23.95 -7.31 -11.77
CA ASN B 373 -22.93 -7.45 -12.82
C ASN B 373 -21.93 -8.55 -12.52
N LEU B 374 -21.76 -9.46 -13.46
CA LEU B 374 -20.75 -10.49 -13.37
C LEU B 374 -19.34 -9.89 -13.40
N SER B 375 -18.38 -10.64 -12.86
CA SER B 375 -16.96 -10.33 -13.00
C SER B 375 -16.54 -10.32 -14.47
N PRO B 376 -15.41 -9.66 -14.78
CA PRO B 376 -14.87 -9.69 -16.15
C PRO B 376 -14.60 -11.12 -16.63
N GLU B 377 -14.17 -11.97 -15.70
CA GLU B 377 -13.92 -13.36 -16.01
C GLU B 377 -15.14 -14.13 -16.48
N ARG B 378 -16.34 -13.66 -16.16
CA ARG B 378 -17.58 -14.25 -16.69
C ARG B 378 -18.33 -13.29 -17.65
N GLY B 379 -17.63 -12.30 -18.18
CA GLY B 379 -18.14 -11.46 -19.26
C GLY B 379 -18.80 -10.15 -18.87
N GLY B 380 -18.84 -9.84 -17.58
CA GLY B 380 -19.41 -8.56 -17.11
C GLY B 380 -18.35 -7.52 -16.81
N ASP B 381 -18.80 -6.38 -16.28
CA ASP B 381 -17.87 -5.35 -15.79
C ASP B 381 -18.02 -5.12 -14.29
N GLY B 382 -18.53 -6.11 -13.57
CA GLY B 382 -18.67 -5.99 -12.12
C GLY B 382 -17.37 -6.10 -11.35
N GLY B 383 -17.19 -5.19 -10.38
CA GLY B 383 -16.01 -5.21 -9.52
C GLY B 383 -16.28 -5.90 -8.19
N ASN B 384 -17.55 -6.17 -7.89
CA ASN B 384 -17.89 -6.72 -6.60
C ASN B 384 -17.94 -8.24 -6.60
N TRP B 385 -18.51 -8.82 -7.66
CA TRP B 385 -18.61 -10.28 -7.84
C TRP B 385 -17.31 -10.94 -7.40
N ASN B 386 -17.38 -11.85 -6.42
CA ASN B 386 -16.19 -12.45 -5.84
C ASN B 386 -16.24 -13.97 -5.75
N GLU B 387 -15.21 -14.64 -6.29
CA GLU B 387 -15.06 -16.09 -6.18
C GLU B 387 -13.66 -16.47 -5.66
N ARG B 388 -13.05 -15.57 -4.92
CA ARG B 388 -11.77 -15.82 -4.27
C ARG B 388 -11.90 -16.72 -3.05
N ASN B 389 -13.13 -16.85 -2.56
CA ASN B 389 -13.44 -17.55 -1.33
C ASN B 389 -14.94 -17.65 -1.22
N THR B 390 -15.42 -18.42 -0.25
CA THR B 390 -16.83 -18.48 0.08
C THR B 390 -17.01 -17.90 1.52
N LYS B 391 -17.96 -18.44 2.27
CA LYS B 391 -18.21 -18.04 3.67
C LYS B 391 -18.51 -19.30 4.47
N PRO B 392 -18.56 -19.21 5.81
CA PRO B 392 -18.85 -20.40 6.61
C PRO B 392 -20.22 -21.00 6.27
N SER B 393 -20.36 -22.32 6.26
CA SER B 393 -21.60 -22.92 5.77
C SER B 393 -22.59 -23.31 6.88
N LEU B 394 -23.68 -22.56 6.94
CA LEU B 394 -24.88 -22.90 7.71
C LEU B 394 -26.03 -23.09 6.73
N ALA B 395 -25.72 -23.53 5.52
CA ALA B 395 -26.70 -23.69 4.46
C ALA B 395 -27.78 -24.72 4.81
N ALA B 396 -27.36 -25.89 5.29
CA ALA B 396 -28.31 -26.94 5.62
C ALA B 396 -29.26 -26.52 6.74
N TRP B 397 -28.69 -25.91 7.78
CA TRP B 397 -29.44 -25.29 8.89
C TRP B 397 -30.53 -24.31 8.45
N SER B 398 -30.18 -23.42 7.51
CA SER B 398 -31.10 -22.43 6.95
C SER B 398 -32.22 -23.10 6.15
N VAL B 399 -31.83 -23.98 5.24
CA VAL B 399 -32.75 -24.76 4.43
C VAL B 399 -33.71 -25.55 5.32
N MET B 400 -33.19 -26.16 6.38
CA MET B 400 -34.03 -26.94 7.30
C MET B 400 -35.04 -26.07 8.05
N GLU B 401 -34.67 -24.84 8.38
CA GLU B 401 -35.60 -23.95 9.08
C GLU B 401 -36.82 -23.59 8.23
N VAL B 402 -36.58 -23.32 6.94
CA VAL B 402 -37.68 -23.13 6.00
C VAL B 402 -38.56 -24.40 5.96
N TYR B 403 -37.94 -25.59 5.93
CA TYR B 403 -38.74 -26.81 6.00
C TYR B 403 -39.50 -26.92 7.32
N ASN B 404 -38.86 -26.58 8.43
CA ASN B 404 -39.50 -26.62 9.74
C ASN B 404 -40.80 -25.82 9.75
N VAL B 405 -40.79 -24.66 9.12
CA VAL B 405 -41.97 -23.81 9.03
C VAL B 405 -42.97 -24.30 8.00
N THR B 406 -42.52 -24.63 6.80
CA THR B 406 -43.42 -24.92 5.68
C THR B 406 -43.88 -26.38 5.58
N GLN B 407 -43.08 -27.32 6.10
CA GLN B 407 -43.28 -28.77 5.92
C GLN B 407 -43.37 -29.18 4.44
N ASP B 408 -42.69 -28.43 3.57
CA ASP B 408 -42.71 -28.67 2.12
C ASP B 408 -41.54 -29.56 1.74
N LYS B 409 -41.81 -30.85 1.51
CA LYS B 409 -40.76 -31.79 1.15
C LYS B 409 -40.17 -31.46 -0.22
N THR B 410 -40.94 -30.76 -1.06
CA THR B 410 -40.45 -30.40 -2.41
C THR B 410 -39.30 -29.41 -2.29
N TRP B 411 -39.30 -28.63 -1.21
CA TRP B 411 -38.21 -27.68 -0.94
C TRP B 411 -36.93 -28.45 -0.58
N VAL B 412 -37.05 -29.42 0.33
CA VAL B 412 -35.93 -30.26 0.72
C VAL B 412 -35.39 -30.97 -0.53
N ALA B 413 -36.29 -31.50 -1.36
CA ALA B 413 -35.87 -32.22 -2.59
C ALA B 413 -35.11 -31.32 -3.56
N GLU B 414 -35.58 -30.08 -3.69
CA GLU B 414 -34.88 -29.05 -4.48
C GLU B 414 -33.48 -28.73 -3.96
N MET B 415 -33.35 -28.49 -2.66
CA MET B 415 -32.07 -28.05 -2.10
C MET B 415 -31.04 -29.15 -1.82
N TYR B 416 -31.51 -30.35 -1.49
CA TYR B 416 -30.61 -31.46 -1.07
C TYR B 416 -29.36 -31.65 -1.95
N PRO B 417 -29.53 -31.81 -3.28
CA PRO B 417 -28.33 -32.03 -4.10
C PRO B 417 -27.36 -30.85 -4.12
N LYS B 418 -27.89 -29.64 -4.02
CA LYS B 418 -27.08 -28.45 -3.99
C LYS B 418 -26.27 -28.42 -2.70
N LEU B 419 -26.91 -28.76 -1.59
CA LEU B 419 -26.24 -28.86 -0.30
C LEU B 419 -25.15 -29.92 -0.30
N VAL B 420 -25.49 -31.10 -0.84
CA VAL B 420 -24.52 -32.20 -0.94
C VAL B 420 -23.30 -31.77 -1.77
N ALA B 421 -23.52 -31.09 -2.90
CA ALA B 421 -22.39 -30.67 -3.74
C ALA B 421 -21.47 -29.70 -3.00
N TYR B 422 -22.04 -28.79 -2.23
CA TYR B 422 -21.26 -27.83 -1.43
C TYR B 422 -20.45 -28.54 -0.34
N HIS B 423 -21.14 -29.37 0.43
CA HIS B 423 -20.53 -30.28 1.40
C HIS B 423 -19.31 -30.99 0.81
N ASP B 424 -19.50 -31.58 -0.36
CA ASP B 424 -18.41 -32.30 -1.03
C ASP B 424 -17.27 -31.38 -1.42
N TRP B 425 -17.61 -30.16 -1.85
CA TRP B 425 -16.59 -29.19 -2.22
C TRP B 425 -15.67 -28.88 -1.04
N TRP B 426 -16.23 -28.70 0.15
CA TRP B 426 -15.39 -28.43 1.32
C TRP B 426 -14.36 -29.54 1.51
N LEU B 427 -14.80 -30.78 1.35
CA LEU B 427 -13.96 -31.93 1.68
C LEU B 427 -12.88 -32.16 0.62
N ARG B 428 -13.15 -31.78 -0.62
CA ARG B 428 -12.17 -31.86 -1.68
C ARG B 428 -11.18 -30.71 -1.63
N ASN B 429 -11.68 -29.48 -1.40
CA ASN B 429 -10.87 -28.27 -1.61
C ASN B 429 -10.48 -27.46 -0.37
N ARG B 430 -10.99 -27.86 0.80
CA ARG B 430 -10.65 -27.21 2.06
C ARG B 430 -10.35 -28.23 3.16
N ASP B 431 -9.60 -29.27 2.81
CA ASP B 431 -9.11 -30.26 3.79
C ASP B 431 -7.70 -30.67 3.42
N HIS B 432 -6.75 -29.80 3.74
CA HIS B 432 -5.38 -29.91 3.27
C HIS B 432 -4.71 -31.25 3.64
N ASN B 433 -4.93 -31.68 4.86
CA ASN B 433 -4.34 -32.91 5.39
C ASN B 433 -5.25 -34.13 5.27
N GLY B 434 -6.39 -33.98 4.59
CA GLY B 434 -7.29 -35.08 4.30
C GLY B 434 -7.87 -35.83 5.49
N ASN B 435 -8.12 -35.13 6.59
CA ASN B 435 -8.59 -35.79 7.79
C ASN B 435 -10.09 -35.67 7.99
N GLY B 436 -10.78 -35.05 7.04
CA GLY B 436 -12.22 -34.90 7.13
C GLY B 436 -12.69 -33.72 7.97
N VAL B 437 -11.74 -32.87 8.39
CA VAL B 437 -12.04 -31.71 9.23
C VAL B 437 -11.56 -30.51 8.43
N PRO B 438 -12.47 -29.59 8.07
CA PRO B 438 -12.11 -28.54 7.12
C PRO B 438 -11.22 -27.42 7.67
N GLU B 439 -10.64 -26.64 6.76
CA GLU B 439 -9.99 -25.38 7.10
C GLU B 439 -10.67 -24.26 6.33
N TYR B 440 -10.56 -23.02 6.80
CA TYR B 440 -10.89 -21.87 5.98
C TYR B 440 -9.73 -21.68 5.01
N GLY B 441 -10.01 -21.16 3.84
CA GLY B 441 -9.00 -21.04 2.79
C GLY B 441 -9.46 -20.15 1.64
N ALA B 442 -8.91 -20.41 0.45
CA ALA B 442 -9.16 -19.56 -0.69
C ALA B 442 -9.06 -20.37 -1.97
N THR B 443 -9.65 -19.86 -3.04
CA THR B 443 -9.67 -20.57 -4.31
C THR B 443 -8.42 -20.21 -5.12
N ARG B 444 -8.19 -20.98 -6.18
CA ARG B 444 -7.25 -20.56 -7.21
C ARG B 444 -7.93 -19.39 -7.92
N ASP B 445 -7.22 -18.29 -8.05
CA ASP B 445 -7.79 -17.08 -8.59
C ASP B 445 -6.67 -16.23 -9.15
N LYS B 446 -7.01 -15.35 -10.07
CA LYS B 446 -6.04 -14.41 -10.64
C LYS B 446 -5.48 -13.43 -9.63
N ALA B 447 -6.25 -13.12 -8.59
CA ALA B 447 -5.74 -12.30 -7.49
C ALA B 447 -4.73 -13.06 -6.62
N HIS B 448 -4.72 -14.39 -6.69
CA HIS B 448 -3.95 -15.20 -5.74
C HIS B 448 -2.69 -15.81 -6.29
N ASN B 449 -2.64 -16.00 -7.60
CA ASN B 449 -1.51 -16.67 -8.20
C ASN B 449 -1.18 -16.12 -9.58
N THR B 450 0.06 -16.36 -10.01
CA THR B 450 0.50 -16.02 -11.36
C THR B 450 -0.25 -16.87 -12.39
N GLU B 451 -0.07 -16.55 -13.66
CA GLU B 451 -0.70 -17.33 -14.74
C GLU B 451 -0.32 -18.82 -14.58
N SER B 452 0.94 -19.08 -14.22
CA SER B 452 1.43 -20.45 -14.03
C SER B 452 0.98 -21.14 -12.72
N GLY B 453 0.28 -20.41 -11.86
CA GLY B 453 -0.24 -20.99 -10.62
C GLY B 453 0.69 -20.87 -9.43
N GLU B 454 1.66 -19.97 -9.50
CA GLU B 454 2.53 -19.72 -8.35
C GLU B 454 1.83 -18.72 -7.42
N MET B 455 1.72 -19.08 -6.14
CA MET B 455 1.08 -18.22 -5.14
C MET B 455 1.79 -16.89 -4.99
N LEU B 456 1.02 -15.80 -5.08
CA LEU B 456 1.55 -14.45 -4.97
C LEU B 456 1.64 -14.01 -3.51
N PHE B 457 2.69 -13.28 -3.18
CA PHE B 457 2.78 -12.61 -1.89
C PHE B 457 3.77 -11.47 -1.96
N THR B 458 3.59 -10.50 -1.06
CA THR B 458 4.45 -9.35 -0.99
C THR B 458 5.01 -9.24 0.41
N VAL B 459 6.31 -9.05 0.50
CA VAL B 459 7.01 -8.91 1.77
C VAL B 459 7.24 -7.43 2.03
N LYS B 460 6.81 -6.97 3.20
CA LYS B 460 6.99 -5.60 3.63
C LYS B 460 7.99 -5.54 4.81
N LYS B 461 8.99 -4.68 4.67
CA LYS B 461 9.94 -4.39 5.74
C LYS B 461 10.27 -2.92 5.61
N GLY B 462 10.00 -2.15 6.66
CA GLY B 462 10.06 -0.69 6.59
C GLY B 462 9.21 -0.24 5.41
N ASP B 463 9.74 0.69 4.63
CA ASP B 463 9.06 1.17 3.43
C ASP B 463 9.44 0.38 2.18
N LYS B 464 10.09 -0.77 2.34
CA LYS B 464 10.42 -1.63 1.18
C LYS B 464 9.33 -2.68 0.98
N GLU B 465 8.98 -2.93 -0.28
CA GLU B 465 7.92 -3.86 -0.66
C GLU B 465 8.34 -4.75 -1.82
N GLU B 466 8.68 -5.99 -1.50
CA GLU B 466 9.17 -6.96 -2.45
C GLU B 466 8.04 -7.96 -2.79
N THR B 467 7.56 -7.93 -4.04
CA THR B 467 6.53 -8.89 -4.47
C THR B 467 7.17 -10.12 -5.10
N GLN B 468 6.90 -11.29 -4.52
CA GLN B 468 7.41 -12.55 -5.05
C GLN B 468 6.26 -13.51 -5.29
N SER B 469 6.61 -14.74 -5.63
CA SER B 469 5.62 -15.80 -5.79
C SER B 469 6.25 -17.17 -5.55
N GLY B 470 5.40 -18.16 -5.30
CA GLY B 470 5.81 -19.55 -5.11
C GLY B 470 5.72 -19.95 -3.65
N LEU B 471 5.09 -21.08 -3.37
CA LEU B 471 4.92 -21.54 -1.98
C LEU B 471 6.25 -21.81 -1.28
N ASN B 472 7.23 -22.36 -2.00
CA ASN B 472 8.54 -22.67 -1.43
C ASN B 472 9.22 -21.40 -0.92
N ASN B 473 9.16 -20.35 -1.74
CA ASN B 473 9.68 -19.04 -1.39
C ASN B 473 8.94 -18.44 -0.20
N TYR B 474 7.63 -18.62 -0.17
CA TYR B 474 6.84 -18.18 0.98
C TYR B 474 7.33 -18.90 2.24
N ALA B 475 7.50 -20.22 2.14
CA ALA B 475 7.88 -21.03 3.29
C ALA B 475 9.17 -20.52 3.93
N ARG B 476 10.16 -20.21 3.12
CA ARG B 476 11.44 -19.74 3.62
C ARG B 476 11.39 -18.32 4.17
N VAL B 477 10.57 -17.47 3.58
CA VAL B 477 10.41 -16.10 4.06
C VAL B 477 9.78 -16.09 5.46
N VAL B 478 8.80 -16.97 5.70
CA VAL B 478 8.21 -17.10 7.03
C VAL B 478 9.28 -17.59 8.01
N GLU B 479 9.98 -18.65 7.62
CA GLU B 479 11.07 -19.22 8.41
C GLU B 479 12.07 -18.15 8.89
N LYS B 480 12.59 -17.32 7.97
CA LYS B 480 13.53 -16.25 8.32
C LYS B 480 12.89 -15.14 9.15
N GLY B 481 11.64 -14.81 8.85
CA GLY B 481 10.86 -13.87 9.64
C GLY B 481 11.35 -12.44 9.63
N GLN B 482 12.19 -12.08 8.66
CA GLN B 482 12.77 -10.73 8.61
C GLN B 482 11.88 -9.79 7.82
N TYR B 483 10.72 -9.46 8.38
CA TYR B 483 9.79 -8.55 7.72
C TYR B 483 8.90 -7.94 8.76
N ASP B 484 8.28 -6.81 8.42
CA ASP B 484 7.25 -6.22 9.27
C ASP B 484 5.90 -6.92 9.02
N SER B 485 5.53 -7.07 7.75
CA SER B 485 4.30 -7.78 7.38
C SER B 485 4.47 -8.57 6.09
N LEU B 486 3.60 -9.56 5.92
CA LEU B 486 3.56 -10.40 4.75
C LEU B 486 2.13 -10.33 4.20
N GLU B 487 1.97 -9.79 2.99
CA GLU B 487 0.65 -9.70 2.36
C GLU B 487 0.51 -10.81 1.36
N ILE B 488 -0.41 -11.73 1.63
CA ILE B 488 -0.67 -12.88 0.78
C ILE B 488 -2.14 -12.81 0.38
N PRO B 489 -2.42 -12.40 -0.86
CA PRO B 489 -3.80 -12.23 -1.30
C PRO B 489 -4.73 -13.41 -1.00
N ALA B 490 -4.24 -14.64 -1.20
CA ALA B 490 -5.01 -15.85 -0.86
C ALA B 490 -5.30 -15.95 0.63
N GLN B 491 -4.34 -15.56 1.48
CA GLN B 491 -4.59 -15.67 2.92
C GLN B 491 -5.48 -14.54 3.40
N VAL B 492 -5.43 -13.38 2.74
CA VAL B 492 -6.46 -12.34 2.99
C VAL B 492 -7.85 -12.89 2.66
N ALA B 493 -7.98 -13.50 1.50
CA ALA B 493 -9.25 -14.11 1.09
C ALA B 493 -9.73 -15.19 2.09
N ALA B 494 -8.79 -15.95 2.67
CA ALA B 494 -9.13 -16.90 3.72
C ALA B 494 -9.73 -16.22 4.95
N SER B 495 -9.22 -15.05 5.31
CA SER B 495 -9.78 -14.30 6.43
C SER B 495 -11.20 -13.84 6.08
N TRP B 496 -11.42 -13.52 4.81
CA TRP B 496 -12.79 -13.22 4.34
C TRP B 496 -13.69 -14.46 4.46
N GLU B 497 -13.15 -15.61 4.08
CA GLU B 497 -13.91 -16.87 4.11
C GLU B 497 -14.34 -17.21 5.54
N SER B 498 -13.53 -16.83 6.52
CA SER B 498 -13.85 -17.12 7.91
C SER B 498 -15.04 -16.30 8.39
N GLY B 499 -15.32 -15.18 7.72
CA GLY B 499 -16.36 -14.26 8.15
C GLY B 499 -15.99 -13.34 9.31
N ARG B 500 -14.80 -13.52 9.88
CA ARG B 500 -14.37 -12.74 11.04
C ARG B 500 -12.99 -12.17 10.76
N ASP B 501 -12.96 -11.13 9.92
CA ASP B 501 -11.75 -10.71 9.20
C ASP B 501 -10.49 -10.54 10.07
N ASP B 502 -10.64 -9.88 11.21
CA ASP B 502 -9.50 -9.56 12.06
C ASP B 502 -9.58 -10.24 13.43
N ALA B 503 -10.16 -11.45 13.49
CA ALA B 503 -10.31 -12.15 14.77
C ALA B 503 -8.95 -12.58 15.33
N ALA B 504 -8.85 -12.61 16.65
CA ALA B 504 -7.60 -12.98 17.34
C ALA B 504 -7.11 -14.37 16.91
N VAL B 505 -8.03 -15.32 16.82
CA VAL B 505 -7.65 -16.70 16.51
C VAL B 505 -6.99 -16.88 15.14
N PHE B 506 -7.25 -15.96 14.21
CA PHE B 506 -6.62 -16.02 12.89
C PHE B 506 -5.35 -15.17 12.82
N GLY B 507 -4.80 -14.80 13.98
CA GLY B 507 -3.46 -14.23 14.05
C GLY B 507 -3.37 -12.72 14.12
N PHE B 508 -4.51 -12.07 14.26
CA PHE B 508 -4.57 -10.61 14.24
C PHE B 508 -4.50 -10.03 15.64
N ILE B 509 -3.51 -9.18 15.87
CA ILE B 509 -3.26 -8.56 17.17
C ILE B 509 -2.47 -7.28 16.92
N ASP B 510 -2.77 -6.20 17.64
CA ASP B 510 -2.10 -4.90 17.44
C ASP B 510 -0.67 -4.94 18.00
N LYS B 511 0.16 -3.98 17.60
CA LYS B 511 1.56 -3.95 18.06
C LYS B 511 1.66 -3.87 19.58
N GLU B 512 0.88 -2.96 20.17
CA GLU B 512 0.86 -2.75 21.62
C GLU B 512 0.38 -3.99 22.38
N GLN B 513 -0.62 -4.67 21.83
CA GLN B 513 -1.17 -5.89 22.44
C GLN B 513 -0.15 -7.02 22.39
N LEU B 514 0.54 -7.11 21.25
CA LEU B 514 1.55 -8.12 21.04
C LEU B 514 2.78 -7.87 21.94
N ASP B 515 3.21 -6.61 22.03
CA ASP B 515 4.31 -6.26 22.92
C ASP B 515 4.04 -6.73 24.36
N LYS B 516 2.82 -6.52 24.84
CA LYS B 516 2.44 -6.99 26.18
C LYS B 516 2.35 -8.51 26.30
N TYR B 517 1.94 -9.16 25.21
CA TYR B 517 1.86 -10.63 25.18
C TYR B 517 3.26 -11.23 25.36
N VAL B 518 4.23 -10.62 24.68
CA VAL B 518 5.63 -11.03 24.76
C VAL B 518 6.21 -10.78 26.16
N ALA B 519 5.93 -9.60 26.72
CA ALA B 519 6.39 -9.24 28.07
C ALA B 519 5.80 -10.15 29.16
N ASN B 520 4.60 -10.68 28.90
CA ASN B 520 4.00 -11.66 29.81
C ASN B 520 4.49 -13.09 29.56
N GLY B 521 5.41 -13.27 28.62
CA GLY B 521 6.10 -14.55 28.42
C GLY B 521 5.77 -15.31 27.15
N GLY B 522 5.04 -14.70 26.22
CA GLY B 522 4.72 -15.37 24.98
C GLY B 522 5.75 -15.06 23.91
N LYS B 523 5.64 -15.71 22.77
CA LYS B 523 6.48 -15.45 21.61
C LYS B 523 5.64 -14.90 20.47
N ARG B 524 6.25 -14.04 19.67
CA ARG B 524 5.54 -13.42 18.55
C ARG B 524 5.06 -14.46 17.54
N SER B 525 5.85 -15.51 17.34
CA SER B 525 5.49 -16.57 16.40
C SER B 525 4.21 -17.35 16.78
N ASP B 526 3.74 -17.18 18.01
CA ASP B 526 2.49 -17.80 18.46
C ASP B 526 1.28 -17.32 17.68
N TRP B 527 1.45 -16.16 17.03
CA TRP B 527 0.36 -15.50 16.30
C TRP B 527 0.50 -15.65 14.79
N THR B 528 1.52 -16.39 14.35
CA THR B 528 1.74 -16.62 12.92
C THR B 528 0.91 -17.80 12.46
N VAL B 529 -0.04 -17.55 11.58
CA VAL B 529 -0.84 -18.61 10.98
C VAL B 529 -0.21 -18.98 9.65
N LYS B 530 0.30 -20.20 9.56
CA LYS B 530 0.95 -20.69 8.35
C LYS B 530 -0.11 -21.07 7.31
N PHE B 531 0.32 -21.18 6.06
CA PHE B 531 -0.59 -21.24 4.91
C PHE B 531 -0.10 -22.30 3.94
N ALA B 532 -1.02 -22.93 3.23
CA ALA B 532 -0.67 -24.02 2.35
C ALA B 532 -1.55 -24.06 1.12
N GLU B 533 -1.07 -24.76 0.09
CA GLU B 533 -1.90 -25.03 -1.08
C GLU B 533 -2.48 -26.44 -1.07
N ASN B 534 -3.66 -26.58 -1.70
CA ASN B 534 -4.36 -27.85 -1.81
C ASN B 534 -4.34 -28.34 -3.26
N ARG B 535 -3.78 -29.53 -3.46
CA ARG B 535 -3.62 -30.10 -4.80
C ARG B 535 -4.24 -31.47 -4.91
N SER B 536 -4.77 -31.79 -6.08
CA SER B 536 -5.39 -33.09 -6.31
C SER B 536 -4.30 -34.14 -6.52
N GLN B 537 -4.70 -35.41 -6.56
CA GLN B 537 -3.74 -36.49 -6.79
C GLN B 537 -2.80 -36.23 -7.96
N ASP B 538 -3.32 -35.67 -9.05
CA ASP B 538 -2.51 -35.40 -10.24
C ASP B 538 -1.79 -34.04 -10.26
N GLY B 539 -1.76 -33.34 -9.12
CA GLY B 539 -1.04 -32.08 -9.01
C GLY B 539 -1.82 -30.81 -9.36
N THR B 540 -3.09 -30.94 -9.69
CA THR B 540 -3.90 -29.76 -10.01
C THR B 540 -4.12 -28.90 -8.75
N LEU B 541 -3.87 -27.60 -8.88
CA LEU B 541 -4.17 -26.64 -7.81
C LEU B 541 -5.67 -26.46 -7.62
N LEU B 542 -6.14 -26.79 -6.43
CA LEU B 542 -7.55 -26.72 -6.08
C LEU B 542 -7.87 -25.48 -5.27
N GLY B 543 -6.87 -24.92 -4.60
CA GLY B 543 -7.10 -23.84 -3.65
C GLY B 543 -6.03 -23.83 -2.61
N TYR B 544 -6.35 -23.22 -1.47
CA TYR B 544 -5.43 -23.02 -0.37
C TYR B 544 -6.17 -23.23 0.95
N SER B 545 -5.43 -23.53 2.00
CA SER B 545 -5.96 -23.62 3.35
C SER B 545 -5.03 -22.88 4.34
N LEU B 546 -5.62 -22.29 5.36
CA LEU B 546 -4.89 -22.00 6.57
C LEU B 546 -4.44 -23.34 7.12
N LEU B 547 -3.22 -23.39 7.66
CA LEU B 547 -2.73 -24.61 8.34
C LEU B 547 -3.27 -24.58 9.77
N GLN B 548 -4.59 -24.71 9.86
CA GLN B 548 -5.33 -24.45 11.08
C GLN B 548 -6.76 -24.90 10.86
N GLU B 549 -7.27 -25.76 11.73
CA GLU B 549 -8.67 -26.21 11.68
C GLU B 549 -9.48 -25.45 12.72
N SER B 550 -10.53 -24.80 12.23
CA SER B 550 -11.33 -23.94 13.04
C SER B 550 -12.49 -24.68 13.71
N VAL B 551 -12.67 -24.42 15.01
CA VAL B 551 -13.69 -25.12 15.79
C VAL B 551 -15.11 -24.66 15.41
N ASP B 552 -15.29 -23.39 15.02
CA ASP B 552 -16.59 -22.98 14.51
C ASP B 552 -16.87 -23.69 13.19
N GLN B 553 -15.90 -23.69 12.28
CA GLN B 553 -16.05 -24.38 11.00
C GLN B 553 -16.39 -25.86 11.17
N ALA B 554 -15.68 -26.52 12.10
CA ALA B 554 -15.89 -27.94 12.35
C ALA B 554 -17.30 -28.17 12.89
N SER B 555 -17.74 -27.28 13.77
CA SER B 555 -19.07 -27.32 14.34
C SER B 555 -20.16 -27.08 13.29
N TYR B 556 -19.94 -26.14 12.38
CA TYR B 556 -20.87 -25.93 11.26
C TYR B 556 -20.92 -27.13 10.34
N MET B 557 -19.79 -27.79 10.11
CA MET B 557 -19.76 -29.01 9.30
CA MET B 557 -19.82 -28.99 9.29
C MET B 557 -20.53 -30.14 10.01
N TYR B 558 -20.41 -30.20 11.33
CA TYR B 558 -21.18 -31.17 12.11
C TYR B 558 -22.67 -30.96 11.84
N SER B 559 -23.08 -29.69 11.94
CA SER B 559 -24.44 -29.25 11.65
C SER B 559 -24.87 -29.64 10.23
N ASP B 560 -23.99 -29.39 9.27
CA ASP B 560 -24.28 -29.69 7.86
C ASP B 560 -24.61 -31.18 7.72
N ASN B 561 -23.77 -32.03 8.28
CA ASN B 561 -23.98 -33.49 8.23
C ASN B 561 -25.22 -33.91 8.98
N HIS B 562 -25.45 -33.33 10.15
CA HIS B 562 -26.64 -33.61 10.93
C HIS B 562 -27.91 -33.33 10.10
N TYR B 563 -27.99 -32.13 9.51
CA TYR B 563 -29.18 -31.73 8.77
C TYR B 563 -29.28 -32.46 7.43
N LEU B 564 -28.16 -32.76 6.79
CA LEU B 564 -28.21 -33.55 5.56
C LEU B 564 -28.77 -34.97 5.81
N ALA B 565 -28.42 -35.55 6.95
CA ALA B 565 -28.97 -36.85 7.36
C ALA B 565 -30.48 -36.77 7.52
N GLU B 566 -30.96 -35.73 8.21
CA GLU B 566 -32.41 -35.52 8.37
C GLU B 566 -33.11 -35.37 7.02
N MET B 567 -32.50 -34.60 6.12
CA MET B 567 -33.06 -34.42 4.79
C MET B 567 -33.03 -35.72 3.98
N ALA B 568 -31.90 -36.43 4.02
CA ALA B 568 -31.80 -37.76 3.40
C ALA B 568 -32.95 -38.65 3.82
N THR B 569 -33.21 -38.73 5.12
CA THR B 569 -34.31 -39.51 5.67
C THR B 569 -35.67 -39.04 5.15
N ILE B 570 -35.91 -37.72 5.19
CA ILE B 570 -37.13 -37.16 4.62
C ILE B 570 -37.35 -37.61 3.17
N LEU B 571 -36.28 -37.67 2.38
CA LEU B 571 -36.37 -38.00 0.97
C LEU B 571 -36.29 -39.50 0.65
N GLY B 572 -36.26 -40.33 1.69
CA GLY B 572 -36.23 -41.79 1.50
C GLY B 572 -34.88 -42.30 0.98
N LYS B 573 -33.79 -41.79 1.57
CA LYS B 573 -32.43 -42.15 1.19
C LYS B 573 -31.66 -42.65 2.43
N PRO B 574 -32.06 -43.83 2.96
CA PRO B 574 -31.56 -44.30 4.25
C PRO B 574 -30.04 -44.55 4.30
N GLU B 575 -29.45 -44.98 3.18
CA GLU B 575 -27.99 -45.18 3.16
C GLU B 575 -27.25 -43.83 3.20
N GLU B 576 -27.77 -42.83 2.49
CA GLU B 576 -27.16 -41.51 2.56
C GLU B 576 -27.33 -40.92 3.96
N ALA B 577 -28.46 -41.19 4.59
CA ALA B 577 -28.69 -40.71 5.96
C ALA B 577 -27.66 -41.30 6.93
N LYS B 578 -27.45 -42.62 6.83
CA LYS B 578 -26.46 -43.30 7.68
C LYS B 578 -25.07 -42.71 7.46
N ARG B 579 -24.74 -42.43 6.20
CA ARG B 579 -23.43 -41.88 5.84
C ARG B 579 -23.20 -40.54 6.52
N TYR B 580 -24.18 -39.64 6.42
CA TYR B 580 -24.06 -38.32 7.06
C TYR B 580 -24.09 -38.40 8.59
N ARG B 581 -24.88 -39.32 9.15
CA ARG B 581 -24.84 -39.57 10.58
C ARG B 581 -23.44 -39.95 11.02
N GLN B 582 -22.79 -40.81 10.25
CA GLN B 582 -21.44 -41.21 10.61
C GLN B 582 -20.46 -40.03 10.51
N LEU B 583 -20.55 -39.26 9.45
CA LEU B 583 -19.69 -38.08 9.27
C LEU B 583 -19.91 -37.10 10.41
N ALA B 584 -21.16 -36.90 10.81
CA ALA B 584 -21.47 -36.06 11.98
C ALA B 584 -20.75 -36.59 13.21
N GLN B 585 -20.90 -37.87 13.50
CA GLN B 585 -20.28 -38.46 14.71
C GLN B 585 -18.78 -38.29 14.72
N GLN B 586 -18.14 -38.52 13.57
CA GLN B 586 -16.71 -38.32 13.44
C GLN B 586 -16.30 -36.88 13.74
N LEU B 587 -17.04 -35.90 13.21
CA LEU B 587 -16.73 -34.50 13.50
C LEU B 587 -16.89 -34.17 15.00
N ALA B 588 -17.97 -34.66 15.60
CA ALA B 588 -18.19 -34.42 17.02
C ALA B 588 -17.04 -34.98 17.86
N ASP B 589 -16.61 -36.20 17.54
CA ASP B 589 -15.53 -36.83 18.29
C ASP B 589 -14.23 -36.02 18.12
N TYR B 590 -13.93 -35.60 16.89
CA TYR B 590 -12.76 -34.75 16.65
C TYR B 590 -12.84 -33.41 17.43
N ILE B 591 -14.00 -32.76 17.40
CA ILE B 591 -14.19 -31.49 18.09
C ILE B 591 -13.92 -31.66 19.58
N ASN B 592 -14.50 -32.70 20.16
CA ASN B 592 -14.43 -32.94 21.60
C ASN B 592 -13.04 -33.40 22.05
N THR B 593 -12.44 -34.30 21.28
CA THR B 593 -11.11 -34.79 21.57
C THR B 593 -10.03 -33.77 21.26
N CYS B 594 -10.11 -33.09 20.11
CA CYS B 594 -8.99 -32.26 19.65
C CYS B 594 -9.08 -30.78 20.02
N MET B 595 -10.29 -30.23 20.02
CA MET B 595 -10.47 -28.78 20.12
C MET B 595 -10.86 -28.31 21.53
N PHE B 596 -11.25 -29.24 22.42
CA PHE B 596 -11.52 -28.88 23.81
C PHE B 596 -10.27 -28.99 24.68
N ASP B 597 -9.88 -27.88 25.32
CA ASP B 597 -8.76 -27.90 26.24
C ASP B 597 -9.24 -28.27 27.64
N PRO B 598 -8.81 -29.43 28.18
CA PRO B 598 -9.21 -29.82 29.54
C PRO B 598 -8.86 -28.77 30.59
N THR B 599 -7.77 -28.04 30.41
CA THR B 599 -7.25 -27.17 31.45
C THR B 599 -8.05 -25.88 31.58
N THR B 600 -8.20 -25.14 30.47
CA THR B 600 -9.00 -23.92 30.50
C THR B 600 -10.50 -24.18 30.28
N GLN B 601 -10.88 -25.45 30.04
CA GLN B 601 -12.29 -25.84 30.02
C GLN B 601 -13.05 -25.06 28.93
N PHE B 602 -12.48 -25.04 27.74
CA PHE B 602 -13.01 -24.24 26.64
C PHE B 602 -12.51 -24.81 25.32
N TYR B 603 -13.18 -24.44 24.23
CA TYR B 603 -12.83 -24.92 22.90
C TYR B 603 -12.03 -23.86 22.13
N TYR B 604 -11.12 -24.34 21.28
CA TYR B 604 -10.26 -23.47 20.47
C TYR B 604 -9.97 -24.15 19.13
N ASP B 605 -9.55 -23.37 18.14
CA ASP B 605 -8.94 -23.90 16.91
C ASP B 605 -7.73 -24.76 17.27
N VAL B 606 -7.30 -25.57 16.31
CA VAL B 606 -6.03 -26.31 16.40
C VAL B 606 -5.20 -25.95 15.17
N ARG B 607 -3.88 -25.89 15.34
CA ARG B 607 -2.98 -25.85 14.17
C ARG B 607 -2.96 -27.21 13.48
N ILE B 608 -2.71 -27.21 12.18
CA ILE B 608 -2.25 -28.38 11.48
C ILE B 608 -0.73 -28.32 11.65
N GLU B 609 -0.24 -29.10 12.62
CA GLU B 609 1.17 -29.08 12.96
C GLU B 609 1.91 -29.96 11.96
N ASP B 610 3.24 -29.96 12.01
CA ASP B 610 4.02 -30.68 11.00
C ASP B 610 3.72 -32.17 11.00
N LYS B 611 3.42 -32.72 12.16
CA LYS B 611 2.95 -34.09 12.26
C LYS B 611 1.73 -34.15 13.17
N PRO B 612 0.82 -35.08 12.89
CA PRO B 612 -0.34 -35.19 13.76
C PRO B 612 0.02 -35.73 15.14
N LEU B 613 -0.89 -35.53 16.09
CA LEU B 613 -0.71 -36.03 17.44
C LEU B 613 -1.01 -37.53 17.44
N ALA B 614 -0.55 -38.23 18.47
CA ALA B 614 -0.80 -39.68 18.58
C ALA B 614 -2.29 -40.01 18.55
N ASN B 615 -3.14 -39.11 19.05
CA ASN B 615 -4.58 -39.37 19.02
C ASN B 615 -5.29 -39.02 17.71
N GLY B 616 -4.53 -38.70 16.67
CA GLY B 616 -5.11 -38.36 15.37
C GLY B 616 -5.43 -36.88 15.17
N CYS B 617 -5.27 -36.07 16.20
CA CYS B 617 -5.57 -34.65 16.10
C CYS B 617 -4.48 -33.97 15.28
N ALA B 618 -4.86 -33.01 14.44
CA ALA B 618 -3.91 -32.31 13.60
C ALA B 618 -2.90 -31.49 14.40
N GLY B 619 -3.28 -31.10 15.60
CA GLY B 619 -2.46 -30.24 16.45
C GLY B 619 -3.18 -29.94 17.74
N LYS B 620 -2.48 -29.24 18.63
CA LYS B 620 -3.00 -28.86 19.95
C LYS B 620 -3.93 -27.64 19.89
N PRO B 621 -4.88 -27.53 20.81
CA PRO B 621 -5.68 -26.31 20.85
C PRO B 621 -4.83 -25.05 21.01
N ILE B 622 -5.18 -24.01 20.25
CA ILE B 622 -4.41 -22.75 20.26
C ILE B 622 -4.89 -21.90 21.43
N VAL B 623 -4.59 -22.39 22.63
CA VAL B 623 -5.03 -21.77 23.86
C VAL B 623 -4.43 -20.38 24.04
N GLU B 624 -3.20 -20.20 23.59
CA GLU B 624 -2.46 -18.96 23.86
C GLU B 624 -3.00 -17.70 23.17
N ARG B 625 -3.77 -17.86 22.11
CA ARG B 625 -4.41 -16.70 21.45
C ARG B 625 -5.71 -16.28 22.10
N GLY B 626 -6.08 -16.93 23.19
CA GLY B 626 -7.23 -16.50 23.97
C GLY B 626 -8.55 -17.07 23.48
N LYS B 627 -9.57 -16.77 24.26
CA LYS B 627 -10.91 -17.30 24.06
C LYS B 627 -11.74 -16.39 23.17
N GLY B 628 -12.60 -17.01 22.37
CA GLY B 628 -13.50 -16.31 21.47
C GLY B 628 -14.84 -17.03 21.37
N PRO B 629 -15.80 -16.46 20.63
CA PRO B 629 -17.14 -16.98 20.45
C PRO B 629 -17.17 -18.33 19.70
N GLU B 630 -16.13 -18.64 18.95
CA GLU B 630 -15.98 -19.96 18.33
C GLU B 630 -16.02 -21.09 19.40
N GLY B 631 -15.63 -20.76 20.63
CA GLY B 631 -15.61 -21.72 21.73
C GLY B 631 -17.00 -22.21 22.15
N TRP B 632 -18.04 -21.44 21.87
CA TRP B 632 -19.40 -21.95 22.05
C TRP B 632 -20.07 -22.46 20.78
N SER B 633 -19.33 -22.50 19.68
CA SER B 633 -19.89 -23.04 18.45
C SER B 633 -20.26 -24.53 18.56
N PRO B 634 -19.47 -25.33 19.31
CA PRO B 634 -19.88 -26.74 19.47
C PRO B 634 -21.17 -26.94 20.28
N LEU B 635 -21.50 -25.98 21.14
CA LEU B 635 -22.77 -25.98 21.88
C LEU B 635 -23.91 -25.59 20.94
N PHE B 636 -23.76 -24.47 20.25
CA PHE B 636 -24.80 -24.04 19.32
C PHE B 636 -25.15 -25.15 18.31
N ASN B 637 -24.12 -25.75 17.72
CA ASN B 637 -24.32 -26.77 16.68
C ASN B 637 -24.60 -28.17 17.21
N GLY B 638 -24.48 -28.39 18.52
CA GLY B 638 -24.90 -29.66 19.11
C GLY B 638 -23.85 -30.75 19.09
N ALA B 639 -22.59 -30.37 18.85
CA ALA B 639 -21.44 -31.30 18.85
C ALA B 639 -20.83 -31.58 20.23
N ALA B 640 -21.02 -30.70 21.19
CA ALA B 640 -20.40 -30.81 22.51
C ALA B 640 -21.01 -31.95 23.32
N THR B 641 -20.19 -32.56 24.14
CA THR B 641 -20.68 -33.46 25.17
C THR B 641 -21.29 -32.58 26.24
N GLN B 642 -22.16 -33.16 27.06
CA GLN B 642 -22.76 -32.43 28.15
C GLN B 642 -21.70 -31.83 29.08
N ALA B 643 -20.69 -32.63 29.44
CA ALA B 643 -19.67 -32.15 30.37
C ALA B 643 -18.91 -30.99 29.77
N ASN B 644 -18.56 -31.08 28.49
CA ASN B 644 -17.86 -29.96 27.84
C ASN B 644 -18.69 -28.68 27.73
N ALA B 645 -20.00 -28.85 27.49
CA ALA B 645 -20.93 -27.70 27.47
C ALA B 645 -21.04 -27.05 28.85
N ASP B 646 -21.21 -27.84 29.91
CA ASP B 646 -21.24 -27.30 31.29
C ASP B 646 -20.02 -26.41 31.52
N ALA B 647 -18.85 -26.88 31.06
CA ALA B 647 -17.60 -26.17 31.24
C ALA B 647 -17.64 -24.83 30.49
N VAL B 648 -18.05 -24.89 29.24
CA VAL B 648 -18.14 -23.68 28.41
C VAL B 648 -19.12 -22.67 29.01
N VAL B 649 -20.27 -23.15 29.49
CA VAL B 649 -21.29 -22.24 30.02
C VAL B 649 -20.76 -21.46 31.26
N LYS B 650 -19.98 -22.11 32.13
CA LYS B 650 -19.38 -21.39 33.30
C LYS B 650 -18.45 -20.26 32.83
N VAL B 651 -17.70 -20.51 31.77
CA VAL B 651 -16.83 -19.47 31.17
C VAL B 651 -17.65 -18.31 30.58
N MET B 652 -18.70 -18.64 29.85
CA MET B 652 -19.60 -17.65 29.24
C MET B 652 -20.21 -16.72 30.29
N LEU B 653 -20.58 -17.30 31.44
CA LEU B 653 -21.26 -16.54 32.48
C LEU B 653 -20.30 -15.84 33.45
N ASP B 654 -19.00 -16.04 33.27
CA ASP B 654 -17.97 -15.42 34.08
C ASP B 654 -17.80 -13.94 33.68
N PRO B 655 -18.11 -13.00 34.61
CA PRO B 655 -17.94 -11.56 34.30
C PRO B 655 -16.49 -11.19 33.93
N LYS B 656 -15.53 -12.05 34.24
CA LYS B 656 -14.14 -11.80 33.88
C LYS B 656 -13.81 -12.28 32.48
N GLU B 657 -14.74 -12.99 31.84
CA GLU B 657 -14.52 -13.55 30.50
C GLU B 657 -15.48 -12.93 29.49
N PHE B 658 -16.74 -13.39 29.45
CA PHE B 658 -17.71 -12.96 28.45
C PHE B 658 -18.97 -12.31 29.01
N ASN B 659 -19.16 -12.30 30.35
CA ASN B 659 -20.44 -11.86 30.90
C ASN B 659 -20.34 -10.39 31.22
N THR B 660 -20.19 -9.61 30.15
CA THR B 660 -19.93 -8.19 30.19
C THR B 660 -21.22 -7.38 30.11
N PHE B 661 -21.09 -6.05 30.21
CA PHE B 661 -22.22 -5.13 30.20
C PHE B 661 -23.16 -5.47 29.04
N VAL B 662 -22.59 -5.67 27.86
CA VAL B 662 -23.30 -6.40 26.78
C VAL B 662 -22.53 -7.71 26.65
N PRO B 663 -23.16 -8.84 27.03
CA PRO B 663 -22.45 -10.12 27.10
C PRO B 663 -22.11 -10.75 25.76
N LEU B 664 -21.15 -11.67 25.80
CA LEU B 664 -20.85 -12.63 24.72
C LEU B 664 -20.29 -11.99 23.45
N GLY B 665 -19.27 -11.16 23.63
CA GLY B 665 -18.59 -10.53 22.51
C GLY B 665 -17.57 -11.43 21.83
N THR B 666 -16.86 -10.85 20.87
CA THR B 666 -16.03 -11.63 19.95
C THR B 666 -14.62 -11.96 20.44
N ALA B 667 -14.29 -11.56 21.66
CA ALA B 667 -13.09 -12.02 22.34
C ALA B 667 -13.35 -11.81 23.82
N ALA B 668 -12.91 -12.73 24.64
CA ALA B 668 -13.07 -12.62 26.06
C ALA B 668 -12.22 -11.44 26.57
N LEU B 669 -12.59 -10.89 27.71
CA LEU B 669 -11.84 -9.81 28.33
C LEU B 669 -10.38 -10.21 28.57
N THR B 670 -10.17 -11.50 28.78
CA THR B 670 -8.83 -12.08 29.04
C THR B 670 -8.03 -12.37 27.78
N ASN B 671 -8.65 -12.27 26.61
CA ASN B 671 -7.92 -12.51 25.36
C ASN B 671 -6.81 -11.46 25.18
N PRO B 672 -5.58 -11.89 24.84
CA PRO B 672 -4.46 -10.93 24.71
C PRO B 672 -4.70 -9.87 23.62
N ALA B 673 -5.61 -10.15 22.69
CA ALA B 673 -5.86 -9.23 21.59
C ALA B 673 -7.21 -8.52 21.74
N PHE B 674 -7.82 -8.61 22.92
CA PHE B 674 -9.08 -7.92 23.21
C PHE B 674 -8.98 -6.39 23.06
N GLY B 675 -10.00 -5.82 22.46
CA GLY B 675 -10.22 -4.37 22.44
C GLY B 675 -11.71 -4.14 22.31
N ALA B 676 -12.29 -3.37 23.23
CA ALA B 676 -13.75 -3.16 23.27
C ALA B 676 -14.36 -2.57 22.00
N ASP B 677 -13.54 -1.89 21.20
CA ASP B 677 -14.04 -1.27 19.99
C ASP B 677 -13.63 -2.01 18.74
N ILE B 678 -12.96 -3.15 18.89
CA ILE B 678 -12.47 -3.92 17.74
C ILE B 678 -13.56 -4.88 17.22
N TYR B 679 -13.87 -4.81 15.93
CA TYR B 679 -15.01 -5.54 15.36
C TYR B 679 -15.07 -7.02 15.75
N TRP B 680 -13.97 -7.73 15.53
CA TRP B 680 -13.92 -9.16 15.78
C TRP B 680 -13.01 -9.55 16.92
N ARG B 681 -12.60 -8.58 17.73
CA ARG B 681 -11.81 -8.89 18.94
C ARG B 681 -12.36 -8.21 20.18
N GLY B 682 -13.69 -8.18 20.28
CA GLY B 682 -14.32 -7.65 21.50
C GLY B 682 -15.77 -7.24 21.30
N ARG B 683 -16.08 -6.62 20.16
CA ARG B 683 -17.44 -6.19 19.90
C ARG B 683 -18.40 -7.36 19.88
N VAL B 684 -19.62 -7.07 20.31
CA VAL B 684 -20.69 -8.05 20.38
C VAL B 684 -21.52 -7.95 19.09
N TRP B 685 -21.67 -9.08 18.40
CA TRP B 685 -22.55 -9.18 17.25
C TRP B 685 -23.75 -10.01 17.66
N VAL B 686 -24.91 -9.70 17.08
CA VAL B 686 -26.14 -10.36 17.46
C VAL B 686 -26.17 -11.83 17.05
N ASP B 687 -25.49 -12.19 15.98
CA ASP B 687 -25.46 -13.60 15.60
C ASP B 687 -24.71 -14.44 16.61
N GLN B 688 -23.51 -14.01 16.98
CA GLN B 688 -22.68 -14.82 17.89
C GLN B 688 -23.33 -14.85 19.27
N PHE B 689 -23.96 -13.72 19.63
CA PHE B 689 -24.73 -13.63 20.87
C PHE B 689 -25.86 -14.68 20.89
N TRP B 690 -26.67 -14.70 19.83
CA TRP B 690 -27.76 -15.64 19.72
C TRP B 690 -27.27 -17.09 19.63
N PHE B 691 -26.19 -17.35 18.88
CA PHE B 691 -25.61 -18.70 18.85
C PHE B 691 -25.26 -19.18 20.28
N GLY B 692 -24.72 -18.25 21.06
CA GLY B 692 -24.35 -18.49 22.46
C GLY B 692 -25.54 -18.87 23.30
N LEU B 693 -26.59 -18.05 23.24
CA LEU B 693 -27.83 -18.34 23.95
C LEU B 693 -28.43 -19.69 23.53
N LYS B 694 -28.46 -19.96 22.23
CA LYS B 694 -29.01 -21.23 21.72
C LYS B 694 -28.23 -22.42 22.24
N GLY B 695 -26.90 -22.30 22.25
CA GLY B 695 -26.02 -23.35 22.74
C GLY B 695 -26.24 -23.60 24.23
N MET B 696 -26.39 -22.51 25.00
CA MET B 696 -26.71 -22.64 26.43
C MET B 696 -28.04 -23.37 26.64
N GLU B 697 -29.06 -22.94 25.90
CA GLU B 697 -30.38 -23.57 25.97
C GLU B 697 -30.33 -25.04 25.65
N ARG B 698 -29.57 -25.38 24.60
CA ARG B 698 -29.48 -26.75 24.15
C ARG B 698 -28.98 -27.70 25.22
N TYR B 699 -28.10 -27.22 26.10
CA TYR B 699 -27.52 -28.07 27.13
C TYR B 699 -28.11 -27.84 28.52
N GLY B 700 -29.34 -27.32 28.53
CA GLY B 700 -30.14 -27.21 29.76
C GLY B 700 -30.02 -25.91 30.52
N TYR B 701 -29.48 -24.87 29.87
CA TYR B 701 -29.28 -23.59 30.55
C TYR B 701 -30.20 -22.47 30.03
N ARG B 702 -31.45 -22.82 29.71
CA ARG B 702 -32.38 -21.81 29.24
C ARG B 702 -32.53 -20.63 30.24
N ASP B 703 -32.58 -20.94 31.54
CA ASP B 703 -32.75 -19.89 32.55
C ASP B 703 -31.63 -18.87 32.47
N ASP B 704 -30.39 -19.33 32.40
CA ASP B 704 -29.26 -18.42 32.27
C ASP B 704 -29.23 -17.68 30.93
N ALA B 705 -29.64 -18.34 29.87
CA ALA B 705 -29.79 -17.67 28.57
C ALA B 705 -30.78 -16.50 28.65
N LEU B 706 -31.93 -16.71 29.28
CA LEU B 706 -32.93 -15.65 29.40
C LEU B 706 -32.40 -14.43 30.18
N LYS B 707 -31.59 -14.69 31.19
CA LYS B 707 -30.95 -13.62 31.96
C LYS B 707 -29.98 -12.81 31.12
N LEU B 708 -29.22 -13.49 30.25
CA LEU B 708 -28.30 -12.78 29.35
C LEU B 708 -29.07 -11.95 28.33
N ALA B 709 -30.18 -12.50 27.84
CA ALA B 709 -31.05 -11.75 26.94
C ALA B 709 -31.63 -10.50 27.64
N ASP B 710 -32.05 -10.65 28.90
CA ASP B 710 -32.50 -9.48 29.70
C ASP B 710 -31.43 -8.39 29.74
N THR B 711 -30.21 -8.78 30.08
CA THR B 711 -29.08 -7.86 30.15
C THR B 711 -28.84 -7.13 28.82
N PHE B 712 -28.83 -7.90 27.73
CA PHE B 712 -28.75 -7.37 26.37
C PHE B 712 -29.85 -6.34 26.12
N PHE B 713 -31.08 -6.70 26.43
CA PHE B 713 -32.20 -5.81 26.20
C PHE B 713 -32.09 -4.50 26.98
N ARG B 714 -31.59 -4.58 28.21
CA ARG B 714 -31.36 -3.40 29.04
C ARG B 714 -30.16 -2.55 28.63
N HIS B 715 -29.14 -3.17 28.05
CA HIS B 715 -27.87 -2.47 27.86
C HIS B 715 -27.44 -2.17 26.43
N ALA B 716 -27.95 -2.92 25.46
CA ALA B 716 -27.60 -2.68 24.05
C ALA B 716 -28.17 -1.33 23.65
N LYS B 717 -27.28 -0.39 23.32
CA LYS B 717 -27.74 0.97 23.06
C LYS B 717 -28.68 1.03 21.87
N GLY B 718 -29.75 1.82 22.03
CA GLY B 718 -30.67 2.18 20.95
C GLY B 718 -31.77 1.18 20.66
N LEU B 719 -31.82 0.10 21.43
CA LEU B 719 -32.72 -1.00 21.09
C LEU B 719 -34.17 -0.54 21.03
N THR B 720 -34.59 0.26 21.99
CA THR B 720 -35.98 0.71 22.07
C THR B 720 -36.19 2.07 21.43
N ALA B 721 -35.16 2.63 20.80
CA ALA B 721 -35.28 3.90 20.07
C ALA B 721 -35.59 3.65 18.59
N ASP B 722 -35.71 4.74 17.81
CA ASP B 722 -36.18 4.63 16.42
C ASP B 722 -35.05 4.70 15.39
N GLY B 723 -33.82 4.41 15.82
CA GLY B 723 -32.67 4.35 14.90
C GLY B 723 -32.64 3.07 14.07
N PRO B 724 -31.93 3.11 12.92
CA PRO B 724 -31.78 1.89 12.15
C PRO B 724 -30.94 0.85 12.88
N ILE B 725 -31.15 -0.41 12.52
CA ILE B 725 -30.39 -1.50 13.13
C ILE B 725 -28.96 -1.50 12.58
N GLN B 726 -27.98 -1.61 13.46
CA GLN B 726 -26.56 -1.60 13.06
C GLN B 726 -25.89 -2.97 13.28
N GLU B 727 -24.55 -3.04 13.29
CA GLU B 727 -23.83 -4.32 13.20
C GLU B 727 -23.39 -4.92 14.52
N ASN B 728 -22.90 -4.08 15.42
CA ASN B 728 -22.30 -4.60 16.64
C ASN B 728 -22.28 -3.59 17.78
N TYR B 729 -21.80 -4.06 18.94
CA TYR B 729 -21.82 -3.28 20.17
C TYR B 729 -20.51 -3.36 20.95
N ASN B 730 -20.10 -2.22 21.50
CA ASN B 730 -19.07 -2.24 22.55
C ASN B 730 -19.56 -3.06 23.75
N PRO B 731 -18.80 -4.10 24.17
CA PRO B 731 -19.25 -4.95 25.27
C PRO B 731 -19.24 -4.29 26.66
N LEU B 732 -18.48 -3.20 26.79
CA LEU B 732 -18.35 -2.45 28.05
C LEU B 732 -19.36 -1.30 28.16
N THR B 733 -19.74 -0.73 27.01
CA THR B 733 -20.58 0.48 27.00
C THR B 733 -21.90 0.33 26.29
N GLY B 734 -22.04 -0.71 25.47
CA GLY B 734 -23.25 -0.89 24.66
C GLY B 734 -23.35 -0.04 23.40
N ALA B 735 -22.34 0.78 23.10
CA ALA B 735 -22.37 1.68 21.93
C ALA B 735 -22.36 0.91 20.61
N GLN B 736 -23.17 1.38 19.66
CA GLN B 736 -23.34 0.72 18.33
C GLN B 736 -22.38 1.21 17.27
N GLN B 737 -22.02 0.31 16.36
CA GLN B 737 -21.27 0.66 15.17
C GLN B 737 -21.79 -0.17 14.01
N GLY B 738 -21.52 0.30 12.80
CA GLY B 738 -21.76 -0.48 11.60
C GLY B 738 -22.84 0.10 10.71
N ALA B 739 -23.05 -0.57 9.58
CA ALA B 739 -23.99 -0.12 8.58
C ALA B 739 -25.39 -0.04 9.17
N PRO B 740 -26.13 1.01 8.83
CA PRO B 740 -27.55 1.07 9.19
C PRO B 740 -28.38 0.11 8.35
N ASN B 741 -29.45 -0.40 8.94
CA ASN B 741 -30.37 -1.33 8.30
C ASN B 741 -29.71 -2.66 7.96
N PHE B 742 -28.93 -3.16 8.92
CA PHE B 742 -28.12 -4.36 8.74
C PHE B 742 -28.94 -5.65 8.93
N SER B 743 -29.01 -6.44 7.86
CA SER B 743 -29.91 -7.57 7.81
C SER B 743 -29.62 -8.64 8.86
N TRP B 744 -28.37 -9.09 8.98
CA TRP B 744 -28.18 -10.22 9.89
C TRP B 744 -28.41 -9.83 11.35
N SER B 745 -28.15 -8.57 11.71
CA SER B 745 -28.55 -8.08 13.04
C SER B 745 -30.08 -8.12 13.21
N ALA B 746 -30.81 -7.63 12.19
CA ALA B 746 -32.27 -7.74 12.18
C ALA B 746 -32.73 -9.21 12.35
N ALA B 747 -32.09 -10.11 11.62
CA ALA B 747 -32.46 -11.51 11.66
C ALA B 747 -32.31 -12.07 13.05
N HIS B 748 -31.18 -11.78 13.69
CA HIS B 748 -30.92 -12.32 15.01
C HIS B 748 -31.65 -11.57 16.12
N LEU B 749 -32.00 -10.30 15.88
CA LEU B 749 -32.86 -9.58 16.82
C LEU B 749 -34.26 -10.20 16.78
N TYR B 750 -34.73 -10.51 15.57
CA TYR B 750 -35.99 -11.22 15.40
C TYR B 750 -35.96 -12.61 16.12
N MET B 751 -34.89 -13.37 15.92
CA MET B 751 -34.73 -14.66 16.58
CA MET B 751 -34.79 -14.66 16.58
C MET B 751 -34.71 -14.49 18.10
N LEU B 752 -34.09 -13.41 18.58
CA LEU B 752 -34.04 -13.14 20.04
C LEU B 752 -35.45 -12.82 20.57
N TYR B 753 -36.21 -12.06 19.79
CA TYR B 753 -37.61 -11.80 20.11
C TYR B 753 -38.38 -13.12 20.22
N ASN B 754 -38.15 -14.02 19.28
CA ASN B 754 -38.87 -15.28 19.31
C ASN B 754 -38.45 -16.21 20.45
N ASP B 755 -37.15 -16.25 20.73
CA ASP B 755 -36.56 -17.31 21.54
C ASP B 755 -36.28 -16.92 22.99
N PHE B 756 -35.91 -15.67 23.25
CA PHE B 756 -35.32 -15.27 24.54
C PHE B 756 -35.79 -13.95 25.17
N PHE B 757 -36.45 -13.07 24.42
CA PHE B 757 -36.98 -11.85 25.01
C PHE B 757 -38.26 -12.12 25.79
N ARG B 758 -38.32 -11.54 26.99
CA ARG B 758 -39.48 -11.67 27.84
C ARG B 758 -39.60 -10.54 28.83
N LYS B 759 -40.80 -10.40 29.35
CA LYS B 759 -41.13 -9.49 30.43
C LYS B 759 -40.64 -10.10 31.72
N GLN B 760 -39.88 -9.30 32.47
CA GLN B 760 -39.65 -9.52 33.89
C GLN B 760 -40.97 -9.38 34.67
#